data_1R62
# 
_entry.id   1R62 
# 
_audit_conform.dict_name       mmcif_pdbx.dic 
_audit_conform.dict_version    5.386 
_audit_conform.dict_location   http://mmcif.pdb.org/dictionaries/ascii/mmcif_pdbx.dic 
# 
loop_
_database_2.database_id 
_database_2.database_code 
_database_2.pdbx_database_accession 
_database_2.pdbx_DOI 
PDB   1R62         pdb_00001r62 10.2210/pdb1r62/pdb 
RCSB  RCSB020482   ?            ?                   
WWPDB D_1000020482 ?            ?                   
# 
loop_
_pdbx_audit_revision_history.ordinal 
_pdbx_audit_revision_history.data_content_type 
_pdbx_audit_revision_history.major_revision 
_pdbx_audit_revision_history.minor_revision 
_pdbx_audit_revision_history.revision_date 
1 'Structure model' 1 0 2004-06-15 
2 'Structure model' 1 1 2008-04-29 
3 'Structure model' 1 2 2011-07-13 
4 'Structure model' 1 3 2024-02-14 
# 
_pdbx_audit_revision_details.ordinal             1 
_pdbx_audit_revision_details.revision_ordinal    1 
_pdbx_audit_revision_details.data_content_type   'Structure model' 
_pdbx_audit_revision_details.provider            repository 
_pdbx_audit_revision_details.type                'Initial release' 
_pdbx_audit_revision_details.description         ? 
_pdbx_audit_revision_details.details             ? 
# 
loop_
_pdbx_audit_revision_group.ordinal 
_pdbx_audit_revision_group.revision_ordinal 
_pdbx_audit_revision_group.data_content_type 
_pdbx_audit_revision_group.group 
1 2 'Structure model' 'Version format compliance' 
2 3 'Structure model' 'Source and taxonomy'       
3 3 'Structure model' 'Version format compliance' 
4 4 'Structure model' 'Data collection'           
5 4 'Structure model' 'Database references'       
# 
loop_
_pdbx_audit_revision_category.ordinal 
_pdbx_audit_revision_category.revision_ordinal 
_pdbx_audit_revision_category.data_content_type 
_pdbx_audit_revision_category.category 
1 4 'Structure model' chem_comp_atom 
2 4 'Structure model' chem_comp_bond 
3 4 'Structure model' database_2     
4 4 'Structure model' struct_ref     
# 
loop_
_pdbx_audit_revision_item.ordinal 
_pdbx_audit_revision_item.revision_ordinal 
_pdbx_audit_revision_item.data_content_type 
_pdbx_audit_revision_item.item 
1 4 'Structure model' '_database_2.pdbx_DOI'                 
2 4 'Structure model' '_database_2.pdbx_database_accession'  
3 4 'Structure model' '_struct_ref.pdbx_seq_one_letter_code' 
# 
_pdbx_database_status.status_code                     REL 
_pdbx_database_status.entry_id                        1R62 
_pdbx_database_status.recvd_initial_deposition_date   2003-10-14 
_pdbx_database_status.deposit_site                    RCSB 
_pdbx_database_status.process_site                    RCSB 
_pdbx_database_status.status_code_sf                  REL 
_pdbx_database_status.SG_entry                        . 
_pdbx_database_status.pdb_format_compatible           Y 
_pdbx_database_status.status_code_mr                  ? 
_pdbx_database_status.status_code_cs                  ? 
_pdbx_database_status.status_code_nmr_data            ? 
_pdbx_database_status.methods_development_category    ? 
# 
loop_
_audit_author.name 
_audit_author.pdbx_ordinal 
'Song, Y.'      1 
'Peisach, D.'   2 
'Pioszak, A.A.' 3 
'Xu, Z.'        4 
'Ninfa, A.J.'   5 
# 
_citation.id                        primary 
_citation.title                     
;Crystal Structure of the C-terminal Domain of the Two-Component System Transmitter Protein Nitrogen Regulator II (NRII; NtrB), Regulator of Nitrogen Assimilation in Escherichia coli.
;
_citation.journal_abbrev            Biochemistry 
_citation.journal_volume            43 
_citation.page_first                6670 
_citation.page_last                 6678 
_citation.year                      2004 
_citation.journal_id_ASTM           BICHAW 
_citation.country                   US 
_citation.journal_id_ISSN           0006-2960 
_citation.journal_id_CSD            0033 
_citation.book_publisher            ? 
_citation.pdbx_database_id_PubMed   15157101 
_citation.pdbx_database_id_DOI      10.1021/bi049474r 
# 
loop_
_citation_author.citation_id 
_citation_author.name 
_citation_author.ordinal 
_citation_author.identifier_ORCID 
primary 'Song, Y.'      1 ? 
primary 'Peisach, D.'   2 ? 
primary 'Pioszak, A.A.' 3 ? 
primary 'Xu, Z.'        4 ? 
primary 'Ninfa, A.J.'   5 ? 
# 
loop_
_entity.id 
_entity.type 
_entity.src_method 
_entity.pdbx_description 
_entity.formula_weight 
_entity.pdbx_number_of_molecules 
_entity.pdbx_ec 
_entity.pdbx_mutation 
_entity.pdbx_fragment 
_entity.details 
1 polymer man 'Nitrogen regulation protein NR(II)' 17844.275 1   2.7.3.- ? 'C-terminal fragment (residues 190-349)' ? 
2 water   nat water                                18.015    109 ?       ? ?                                        ? 
# 
_entity_poly.entity_id                      1 
_entity_poly.type                           'polypeptide(L)' 
_entity_poly.nstd_linkage                   no 
_entity_poly.nstd_monomer                   no 
_entity_poly.pdbx_seq_one_letter_code       
;LPGTRVTESIHKVAERVVTLVSMELPDNVRLIRDYDPSLPELAHDPDQIEQVLLNIVRNALQALGPEGGEIILRTRTAFQ
LTLHGERYRLAARIDVEDNGPGIPPHLQDTLFYPMVSGREGGTGLGLSIARNLIDQHSGKIEFTSWPGHTEFSVYLPIRK
;
_entity_poly.pdbx_seq_one_letter_code_can   
;LPGTRVTESIHKVAERVVTLVSMELPDNVRLIRDYDPSLPELAHDPDQIEQVLLNIVRNALQALGPEGGEIILRTRTAFQ
LTLHGERYRLAARIDVEDNGPGIPPHLQDTLFYPMVSGREGGTGLGLSIARNLIDQHSGKIEFTSWPGHTEFSVYLPIRK
;
_entity_poly.pdbx_strand_id                 A 
_entity_poly.pdbx_target_identifier         ? 
# 
_pdbx_entity_nonpoly.entity_id   2 
_pdbx_entity_nonpoly.name        water 
_pdbx_entity_nonpoly.comp_id     HOH 
# 
loop_
_entity_poly_seq.entity_id 
_entity_poly_seq.num 
_entity_poly_seq.mon_id 
_entity_poly_seq.hetero 
1 1   LEU n 
1 2   PRO n 
1 3   GLY n 
1 4   THR n 
1 5   ARG n 
1 6   VAL n 
1 7   THR n 
1 8   GLU n 
1 9   SER n 
1 10  ILE n 
1 11  HIS n 
1 12  LYS n 
1 13  VAL n 
1 14  ALA n 
1 15  GLU n 
1 16  ARG n 
1 17  VAL n 
1 18  VAL n 
1 19  THR n 
1 20  LEU n 
1 21  VAL n 
1 22  SER n 
1 23  MET n 
1 24  GLU n 
1 25  LEU n 
1 26  PRO n 
1 27  ASP n 
1 28  ASN n 
1 29  VAL n 
1 30  ARG n 
1 31  LEU n 
1 32  ILE n 
1 33  ARG n 
1 34  ASP n 
1 35  TYR n 
1 36  ASP n 
1 37  PRO n 
1 38  SER n 
1 39  LEU n 
1 40  PRO n 
1 41  GLU n 
1 42  LEU n 
1 43  ALA n 
1 44  HIS n 
1 45  ASP n 
1 46  PRO n 
1 47  ASP n 
1 48  GLN n 
1 49  ILE n 
1 50  GLU n 
1 51  GLN n 
1 52  VAL n 
1 53  LEU n 
1 54  LEU n 
1 55  ASN n 
1 56  ILE n 
1 57  VAL n 
1 58  ARG n 
1 59  ASN n 
1 60  ALA n 
1 61  LEU n 
1 62  GLN n 
1 63  ALA n 
1 64  LEU n 
1 65  GLY n 
1 66  PRO n 
1 67  GLU n 
1 68  GLY n 
1 69  GLY n 
1 70  GLU n 
1 71  ILE n 
1 72  ILE n 
1 73  LEU n 
1 74  ARG n 
1 75  THR n 
1 76  ARG n 
1 77  THR n 
1 78  ALA n 
1 79  PHE n 
1 80  GLN n 
1 81  LEU n 
1 82  THR n 
1 83  LEU n 
1 84  HIS n 
1 85  GLY n 
1 86  GLU n 
1 87  ARG n 
1 88  TYR n 
1 89  ARG n 
1 90  LEU n 
1 91  ALA n 
1 92  ALA n 
1 93  ARG n 
1 94  ILE n 
1 95  ASP n 
1 96  VAL n 
1 97  GLU n 
1 98  ASP n 
1 99  ASN n 
1 100 GLY n 
1 101 PRO n 
1 102 GLY n 
1 103 ILE n 
1 104 PRO n 
1 105 PRO n 
1 106 HIS n 
1 107 LEU n 
1 108 GLN n 
1 109 ASP n 
1 110 THR n 
1 111 LEU n 
1 112 PHE n 
1 113 TYR n 
1 114 PRO n 
1 115 MET n 
1 116 VAL n 
1 117 SER n 
1 118 GLY n 
1 119 ARG n 
1 120 GLU n 
1 121 GLY n 
1 122 GLY n 
1 123 THR n 
1 124 GLY n 
1 125 LEU n 
1 126 GLY n 
1 127 LEU n 
1 128 SER n 
1 129 ILE n 
1 130 ALA n 
1 131 ARG n 
1 132 ASN n 
1 133 LEU n 
1 134 ILE n 
1 135 ASP n 
1 136 GLN n 
1 137 HIS n 
1 138 SER n 
1 139 GLY n 
1 140 LYS n 
1 141 ILE n 
1 142 GLU n 
1 143 PHE n 
1 144 THR n 
1 145 SER n 
1 146 TRP n 
1 147 PRO n 
1 148 GLY n 
1 149 HIS n 
1 150 THR n 
1 151 GLU n 
1 152 PHE n 
1 153 SER n 
1 154 VAL n 
1 155 TYR n 
1 156 LEU n 
1 157 PRO n 
1 158 ILE n 
1 159 ARG n 
1 160 LYS n 
# 
_entity_src_gen.entity_id                          1 
_entity_src_gen.pdbx_src_id                        1 
_entity_src_gen.pdbx_alt_source_flag               sample 
_entity_src_gen.pdbx_seq_type                      ? 
_entity_src_gen.pdbx_beg_seq_num                   ? 
_entity_src_gen.pdbx_end_seq_num                   ? 
_entity_src_gen.gene_src_common_name               ? 
_entity_src_gen.gene_src_genus                     Escherichia 
_entity_src_gen.pdbx_gene_src_gene                 NTRB 
_entity_src_gen.gene_src_species                   'Escherichia coli' 
_entity_src_gen.gene_src_strain                    K12 
_entity_src_gen.gene_src_tissue                    ? 
_entity_src_gen.gene_src_tissue_fraction           ? 
_entity_src_gen.gene_src_details                   ? 
_entity_src_gen.pdbx_gene_src_fragment             ? 
_entity_src_gen.pdbx_gene_src_scientific_name      'Escherichia coli' 
_entity_src_gen.pdbx_gene_src_ncbi_taxonomy_id     83333 
_entity_src_gen.pdbx_gene_src_variant              ? 
_entity_src_gen.pdbx_gene_src_cell_line            ? 
_entity_src_gen.pdbx_gene_src_atcc                 ? 
_entity_src_gen.pdbx_gene_src_organ                ? 
_entity_src_gen.pdbx_gene_src_organelle            ? 
_entity_src_gen.pdbx_gene_src_cell                 ? 
_entity_src_gen.pdbx_gene_src_cellular_location    ? 
_entity_src_gen.host_org_common_name               ? 
_entity_src_gen.pdbx_host_org_scientific_name      'Escherichia coli BL21(DE3)' 
_entity_src_gen.pdbx_host_org_ncbi_taxonomy_id     469008 
_entity_src_gen.host_org_genus                     Escherichia 
_entity_src_gen.pdbx_host_org_gene                 ? 
_entity_src_gen.pdbx_host_org_organ                ? 
_entity_src_gen.host_org_species                   'Escherichia coli' 
_entity_src_gen.pdbx_host_org_tissue               ? 
_entity_src_gen.pdbx_host_org_tissue_fraction      ? 
_entity_src_gen.pdbx_host_org_strain               'BL21(DE3)' 
_entity_src_gen.pdbx_host_org_variant              ? 
_entity_src_gen.pdbx_host_org_cell_line            ? 
_entity_src_gen.pdbx_host_org_atcc                 ? 
_entity_src_gen.pdbx_host_org_culture_collection   ? 
_entity_src_gen.pdbx_host_org_cell                 ? 
_entity_src_gen.pdbx_host_org_organelle            ? 
_entity_src_gen.pdbx_host_org_cellular_location    ? 
_entity_src_gen.pdbx_host_org_vector_type          PLASMID 
_entity_src_gen.pdbx_host_org_vector               ? 
_entity_src_gen.host_org_details                   ? 
_entity_src_gen.expression_system_id               ? 
_entity_src_gen.plasmid_name                       pET30a 
_entity_src_gen.plasmid_details                    ? 
_entity_src_gen.pdbx_description                   ? 
# 
loop_
_chem_comp.id 
_chem_comp.type 
_chem_comp.mon_nstd_flag 
_chem_comp.name 
_chem_comp.pdbx_synonyms 
_chem_comp.formula 
_chem_comp.formula_weight 
ALA 'L-peptide linking' y ALANINE         ? 'C3 H7 N O2'     89.093  
ARG 'L-peptide linking' y ARGININE        ? 'C6 H15 N4 O2 1' 175.209 
ASN 'L-peptide linking' y ASPARAGINE      ? 'C4 H8 N2 O3'    132.118 
ASP 'L-peptide linking' y 'ASPARTIC ACID' ? 'C4 H7 N O4'     133.103 
GLN 'L-peptide linking' y GLUTAMINE       ? 'C5 H10 N2 O3'   146.144 
GLU 'L-peptide linking' y 'GLUTAMIC ACID' ? 'C5 H9 N O4'     147.129 
GLY 'peptide linking'   y GLYCINE         ? 'C2 H5 N O2'     75.067  
HIS 'L-peptide linking' y HISTIDINE       ? 'C6 H10 N3 O2 1' 156.162 
HOH non-polymer         . WATER           ? 'H2 O'           18.015  
ILE 'L-peptide linking' y ISOLEUCINE      ? 'C6 H13 N O2'    131.173 
LEU 'L-peptide linking' y LEUCINE         ? 'C6 H13 N O2'    131.173 
LYS 'L-peptide linking' y LYSINE          ? 'C6 H15 N2 O2 1' 147.195 
MET 'L-peptide linking' y METHIONINE      ? 'C5 H11 N O2 S'  149.211 
PHE 'L-peptide linking' y PHENYLALANINE   ? 'C9 H11 N O2'    165.189 
PRO 'L-peptide linking' y PROLINE         ? 'C5 H9 N O2'     115.130 
SER 'L-peptide linking' y SERINE          ? 'C3 H7 N O3'     105.093 
THR 'L-peptide linking' y THREONINE       ? 'C4 H9 N O3'     119.119 
TRP 'L-peptide linking' y TRYPTOPHAN      ? 'C11 H12 N2 O2'  204.225 
TYR 'L-peptide linking' y TYROSINE        ? 'C9 H11 N O3'    181.189 
VAL 'L-peptide linking' y VALINE          ? 'C5 H11 N O2'    117.146 
# 
loop_
_pdbx_poly_seq_scheme.asym_id 
_pdbx_poly_seq_scheme.entity_id 
_pdbx_poly_seq_scheme.seq_id 
_pdbx_poly_seq_scheme.mon_id 
_pdbx_poly_seq_scheme.ndb_seq_num 
_pdbx_poly_seq_scheme.pdb_seq_num 
_pdbx_poly_seq_scheme.auth_seq_num 
_pdbx_poly_seq_scheme.pdb_mon_id 
_pdbx_poly_seq_scheme.auth_mon_id 
_pdbx_poly_seq_scheme.pdb_strand_id 
_pdbx_poly_seq_scheme.pdb_ins_code 
_pdbx_poly_seq_scheme.hetero 
A 1 1   LEU 1   190 ?   ?   ?   A . n 
A 1 2   PRO 2   191 ?   ?   ?   A . n 
A 1 3   GLY 3   192 ?   ?   ?   A . n 
A 1 4   THR 4   193 ?   ?   ?   A . n 
A 1 5   ARG 5   194 194 ARG ARG A . n 
A 1 6   VAL 6   195 195 VAL VAL A . n 
A 1 7   THR 7   196 196 THR THR A . n 
A 1 8   GLU 8   197 197 GLU GLU A . n 
A 1 9   SER 9   198 198 SER SER A . n 
A 1 10  ILE 10  199 199 ILE ILE A . n 
A 1 11  HIS 11  200 200 HIS HIS A . n 
A 1 12  LYS 12  201 201 LYS LYS A . n 
A 1 13  VAL 13  202 202 VAL VAL A . n 
A 1 14  ALA 14  203 203 ALA ALA A . n 
A 1 15  GLU 15  204 204 GLU GLU A . n 
A 1 16  ARG 16  205 205 ARG ARG A . n 
A 1 17  VAL 17  206 206 VAL VAL A . n 
A 1 18  VAL 18  207 207 VAL VAL A . n 
A 1 19  THR 19  208 208 THR THR A . n 
A 1 20  LEU 20  209 209 LEU LEU A . n 
A 1 21  VAL 21  210 210 VAL VAL A . n 
A 1 22  SER 22  211 211 SER SER A . n 
A 1 23  MET 23  212 212 MET MET A . n 
A 1 24  GLU 24  213 213 GLU GLU A . n 
A 1 25  LEU 25  214 214 LEU LEU A . n 
A 1 26  PRO 26  215 215 PRO PRO A . n 
A 1 27  ASP 27  216 216 ASP ASP A . n 
A 1 28  ASN 28  217 217 ASN ASN A . n 
A 1 29  VAL 29  218 218 VAL VAL A . n 
A 1 30  ARG 30  219 219 ARG SER A . n 
A 1 31  LEU 31  220 220 LEU LEU A . n 
A 1 32  ILE 32  221 221 ILE ILE A . n 
A 1 33  ARG 33  222 222 ARG ARG A . n 
A 1 34  ASP 34  223 223 ASP ASP A . n 
A 1 35  TYR 35  224 224 TYR TYR A . n 
A 1 36  ASP 36  225 225 ASP ASP A . n 
A 1 37  PRO 37  226 226 PRO PRO A . n 
A 1 38  SER 38  227 227 SER SER A . n 
A 1 39  LEU 39  228 228 LEU LEU A . n 
A 1 40  PRO 40  229 229 PRO PRO A . n 
A 1 41  GLU 41  230 230 GLU GLU A . n 
A 1 42  LEU 42  231 231 LEU LEU A . n 
A 1 43  ALA 43  232 232 ALA ALA A . n 
A 1 44  HIS 44  233 233 HIS HIS A . n 
A 1 45  ASP 45  234 234 ASP ASP A . n 
A 1 46  PRO 46  235 235 PRO PRO A . n 
A 1 47  ASP 47  236 236 ASP ASP A . n 
A 1 48  GLN 48  237 237 GLN GLN A . n 
A 1 49  ILE 49  238 238 ILE ILE A . n 
A 1 50  GLU 50  239 239 GLU GLU A . n 
A 1 51  GLN 51  240 240 GLN GLN A . n 
A 1 52  VAL 52  241 241 VAL VAL A . n 
A 1 53  LEU 53  242 242 LEU LEU A . n 
A 1 54  LEU 54  243 243 LEU LEU A . n 
A 1 55  ASN 55  244 244 ASN ASN A . n 
A 1 56  ILE 56  245 245 ILE ILE A . n 
A 1 57  VAL 57  246 246 VAL VAL A . n 
A 1 58  ARG 58  247 247 ARG ARG A . n 
A 1 59  ASN 59  248 248 ASN ASN A . n 
A 1 60  ALA 60  249 249 ALA ALA A . n 
A 1 61  LEU 61  250 250 LEU LEU A . n 
A 1 62  GLN 62  251 251 GLN GLN A . n 
A 1 63  ALA 63  252 252 ALA ALA A . n 
A 1 64  LEU 64  253 253 LEU LEU A . n 
A 1 65  GLY 65  254 254 GLY GLY A . n 
A 1 66  PRO 66  255 255 PRO PRO A . n 
A 1 67  GLU 67  256 256 GLU GLU A . n 
A 1 68  GLY 68  257 257 GLY GLY A . n 
A 1 69  GLY 69  258 258 GLY GLY A . n 
A 1 70  GLU 70  259 259 GLU GLU A . n 
A 1 71  ILE 71  260 260 ILE ILE A . n 
A 1 72  ILE 72  261 261 ILE ILE A . n 
A 1 73  LEU 73  262 262 LEU LEU A . n 
A 1 74  ARG 74  263 263 ARG ARG A . n 
A 1 75  THR 75  264 264 THR THR A . n 
A 1 76  ARG 76  265 265 ARG ARG A . n 
A 1 77  THR 77  266 266 THR THR A . n 
A 1 78  ALA 78  267 267 ALA ALA A . n 
A 1 79  PHE 79  268 268 PHE PHE A . n 
A 1 80  GLN 80  269 269 GLN GLN A . n 
A 1 81  LEU 81  270 270 LEU LEU A . n 
A 1 82  THR 82  271 271 THR THR A . n 
A 1 83  LEU 83  272 272 LEU LEU A . n 
A 1 84  HIS 84  273 273 HIS HIS A . n 
A 1 85  GLY 85  274 274 GLY GLY A . n 
A 1 86  GLU 86  275 275 GLU GLU A . n 
A 1 87  ARG 87  276 276 ARG ARG A . n 
A 1 88  TYR 88  277 277 TYR TYR A . n 
A 1 89  ARG 89  278 278 ARG ARG A . n 
A 1 90  LEU 90  279 279 LEU LEU A . n 
A 1 91  ALA 91  280 280 ALA ALA A . n 
A 1 92  ALA 92  281 281 ALA ALA A . n 
A 1 93  ARG 93  282 282 ARG ARG A . n 
A 1 94  ILE 94  283 283 ILE ILE A . n 
A 1 95  ASP 95  284 284 ASP ASP A . n 
A 1 96  VAL 96  285 285 VAL VAL A . n 
A 1 97  GLU 97  286 286 GLU GLU A . n 
A 1 98  ASP 98  287 287 ASP ASP A . n 
A 1 99  ASN 99  288 288 ASN ASN A . n 
A 1 100 GLY 100 289 289 GLY GLY A . n 
A 1 101 PRO 101 290 290 PRO PRO A . n 
A 1 102 GLY 102 291 291 GLY GLY A . n 
A 1 103 ILE 103 292 292 ILE ILE A . n 
A 1 104 PRO 104 293 ?   ?   ?   A . n 
A 1 105 PRO 105 294 ?   ?   ?   A . n 
A 1 106 HIS 106 295 ?   ?   ?   A . n 
A 1 107 LEU 107 296 ?   ?   ?   A . n 
A 1 108 GLN 108 297 ?   ?   ?   A . n 
A 1 109 ASP 109 298 ?   ?   ?   A . n 
A 1 110 THR 110 299 ?   ?   ?   A . n 
A 1 111 LEU 111 300 ?   ?   ?   A . n 
A 1 112 PHE 112 301 ?   ?   ?   A . n 
A 1 113 TYR 113 302 ?   ?   ?   A . n 
A 1 114 PRO 114 303 ?   ?   ?   A . n 
A 1 115 MET 115 304 ?   ?   ?   A . n 
A 1 116 VAL 116 305 ?   ?   ?   A . n 
A 1 117 SER 117 306 ?   ?   ?   A . n 
A 1 118 GLY 118 307 ?   ?   ?   A . n 
A 1 119 ARG 119 308 ?   ?   ?   A . n 
A 1 120 GLU 120 309 ?   ?   ?   A . n 
A 1 121 GLY 121 310 ?   ?   ?   A . n 
A 1 122 GLY 122 311 ?   ?   ?   A . n 
A 1 123 THR 123 312 ?   ?   ?   A . n 
A 1 124 GLY 124 313 313 GLY GLY A . n 
A 1 125 LEU 125 314 314 LEU LEU A . n 
A 1 126 GLY 126 315 315 GLY GLY A . n 
A 1 127 LEU 127 316 316 LEU LEU A . n 
A 1 128 SER 128 317 317 SER SER A . n 
A 1 129 ILE 129 318 318 ILE ILE A . n 
A 1 130 ALA 130 319 319 ALA ALA A . n 
A 1 131 ARG 131 320 320 ARG ARG A . n 
A 1 132 ASN 132 321 321 ASN ASN A . n 
A 1 133 LEU 133 322 322 LEU LEU A . n 
A 1 134 ILE 134 323 323 ILE ILE A . n 
A 1 135 ASP 135 324 324 ASP ASP A . n 
A 1 136 GLN 136 325 325 GLN GLN A . n 
A 1 137 HIS 137 326 326 HIS HIS A . n 
A 1 138 SER 138 327 327 SER SER A . n 
A 1 139 GLY 139 328 328 GLY GLY A . n 
A 1 140 LYS 140 329 329 LYS LYS A . n 
A 1 141 ILE 141 330 330 ILE ILE A . n 
A 1 142 GLU 142 331 331 GLU GLU A . n 
A 1 143 PHE 143 332 332 PHE PHE A . n 
A 1 144 THR 144 333 333 THR THR A . n 
A 1 145 SER 145 334 334 SER SER A . n 
A 1 146 TRP 146 335 335 TRP TRP A . n 
A 1 147 PRO 147 336 336 PRO PRO A . n 
A 1 148 GLY 148 337 337 GLY GLY A . n 
A 1 149 HIS 149 338 338 HIS HIS A . n 
A 1 150 THR 150 339 339 THR THR A . n 
A 1 151 GLU 151 340 340 GLU GLU A . n 
A 1 152 PHE 152 341 341 PHE PHE A . n 
A 1 153 SER 153 342 342 SER SER A . n 
A 1 154 VAL 154 343 343 VAL VAL A . n 
A 1 155 TYR 155 344 344 TYR TYR A . n 
A 1 156 LEU 156 345 345 LEU LEU A . n 
A 1 157 PRO 157 346 346 PRO PRO A . n 
A 1 158 ILE 158 347 347 ILE ILE A . n 
A 1 159 ARG 159 348 348 ARG ARG A . n 
A 1 160 LYS 160 349 349 LYS LYS A . n 
# 
loop_
_pdbx_nonpoly_scheme.asym_id 
_pdbx_nonpoly_scheme.entity_id 
_pdbx_nonpoly_scheme.mon_id 
_pdbx_nonpoly_scheme.ndb_seq_num 
_pdbx_nonpoly_scheme.pdb_seq_num 
_pdbx_nonpoly_scheme.auth_seq_num 
_pdbx_nonpoly_scheme.pdb_mon_id 
_pdbx_nonpoly_scheme.auth_mon_id 
_pdbx_nonpoly_scheme.pdb_strand_id 
_pdbx_nonpoly_scheme.pdb_ins_code 
B 2 HOH 1   400 400 HOH WAT A . 
B 2 HOH 2   401 401 HOH WAT A . 
B 2 HOH 3   402 402 HOH WAT A . 
B 2 HOH 4   403 403 HOH WAT A . 
B 2 HOH 5   404 404 HOH WAT A . 
B 2 HOH 6   405 405 HOH WAT A . 
B 2 HOH 7   406 406 HOH WAT A . 
B 2 HOH 8   407 407 HOH WAT A . 
B 2 HOH 9   408 408 HOH WAT A . 
B 2 HOH 10  409 409 HOH WAT A . 
B 2 HOH 11  410 410 HOH WAT A . 
B 2 HOH 12  411 411 HOH WAT A . 
B 2 HOH 13  412 412 HOH WAT A . 
B 2 HOH 14  413 413 HOH WAT A . 
B 2 HOH 15  414 414 HOH WAT A . 
B 2 HOH 16  415 415 HOH WAT A . 
B 2 HOH 17  416 416 HOH WAT A . 
B 2 HOH 18  417 417 HOH WAT A . 
B 2 HOH 19  418 418 HOH WAT A . 
B 2 HOH 20  419 419 HOH WAT A . 
B 2 HOH 21  420 420 HOH WAT A . 
B 2 HOH 22  421 421 HOH WAT A . 
B 2 HOH 23  422 422 HOH WAT A . 
B 2 HOH 24  423 423 HOH WAT A . 
B 2 HOH 25  424 424 HOH WAT A . 
B 2 HOH 26  425 425 HOH WAT A . 
B 2 HOH 27  426 426 HOH WAT A . 
B 2 HOH 28  427 427 HOH WAT A . 
B 2 HOH 29  428 428 HOH WAT A . 
B 2 HOH 30  429 429 HOH WAT A . 
B 2 HOH 31  430 430 HOH WAT A . 
B 2 HOH 32  431 431 HOH WAT A . 
B 2 HOH 33  432 432 HOH WAT A . 
B 2 HOH 34  433 433 HOH WAT A . 
B 2 HOH 35  434 434 HOH WAT A . 
B 2 HOH 36  435 435 HOH WAT A . 
B 2 HOH 37  436 436 HOH WAT A . 
B 2 HOH 38  437 437 HOH WAT A . 
B 2 HOH 39  438 438 HOH WAT A . 
B 2 HOH 40  439 439 HOH WAT A . 
B 2 HOH 41  440 440 HOH WAT A . 
B 2 HOH 42  441 441 HOH WAT A . 
B 2 HOH 43  442 442 HOH WAT A . 
B 2 HOH 44  443 443 HOH WAT A . 
B 2 HOH 45  444 444 HOH WAT A . 
B 2 HOH 46  445 445 HOH WAT A . 
B 2 HOH 47  446 446 HOH WAT A . 
B 2 HOH 48  447 447 HOH WAT A . 
B 2 HOH 49  448 448 HOH WAT A . 
B 2 HOH 50  449 449 HOH WAT A . 
B 2 HOH 51  450 450 HOH WAT A . 
B 2 HOH 52  451 451 HOH WAT A . 
B 2 HOH 53  452 452 HOH WAT A . 
B 2 HOH 54  453 453 HOH WAT A . 
B 2 HOH 55  454 454 HOH WAT A . 
B 2 HOH 56  455 455 HOH WAT A . 
B 2 HOH 57  456 456 HOH WAT A . 
B 2 HOH 58  457 457 HOH WAT A . 
B 2 HOH 59  458 458 HOH WAT A . 
B 2 HOH 60  459 459 HOH WAT A . 
B 2 HOH 61  460 460 HOH WAT A . 
B 2 HOH 62  461 461 HOH WAT A . 
B 2 HOH 63  462 462 HOH WAT A . 
B 2 HOH 64  463 463 HOH WAT A . 
B 2 HOH 65  464 464 HOH WAT A . 
B 2 HOH 66  465 465 HOH WAT A . 
B 2 HOH 67  466 466 HOH WAT A . 
B 2 HOH 68  467 467 HOH WAT A . 
B 2 HOH 69  468 468 HOH WAT A . 
B 2 HOH 70  469 469 HOH WAT A . 
B 2 HOH 71  470 470 HOH WAT A . 
B 2 HOH 72  471 471 HOH WAT A . 
B 2 HOH 73  472 472 HOH WAT A . 
B 2 HOH 74  473 473 HOH WAT A . 
B 2 HOH 75  474 474 HOH WAT A . 
B 2 HOH 76  475 475 HOH WAT A . 
B 2 HOH 77  476 476 HOH WAT A . 
B 2 HOH 78  477 477 HOH WAT A . 
B 2 HOH 79  478 478 HOH WAT A . 
B 2 HOH 80  479 479 HOH WAT A . 
B 2 HOH 81  480 480 HOH WAT A . 
B 2 HOH 82  481 481 HOH WAT A . 
B 2 HOH 83  482 482 HOH WAT A . 
B 2 HOH 84  483 483 HOH WAT A . 
B 2 HOH 85  484 484 HOH WAT A . 
B 2 HOH 86  485 485 HOH WAT A . 
B 2 HOH 87  486 486 HOH WAT A . 
B 2 HOH 88  487 487 HOH WAT A . 
B 2 HOH 89  488 488 HOH WAT A . 
B 2 HOH 90  489 489 HOH WAT A . 
B 2 HOH 91  490 490 HOH WAT A . 
B 2 HOH 92  491 491 HOH WAT A . 
B 2 HOH 93  492 492 HOH WAT A . 
B 2 HOH 94  493 493 HOH WAT A . 
B 2 HOH 95  494 494 HOH WAT A . 
B 2 HOH 96  495 495 HOH WAT A . 
B 2 HOH 97  496 496 HOH WAT A . 
B 2 HOH 98  497 497 HOH WAT A . 
B 2 HOH 99  498 498 HOH WAT A . 
B 2 HOH 100 499 499 HOH WAT A . 
B 2 HOH 101 500 500 HOH WAT A . 
B 2 HOH 102 501 501 HOH WAT A . 
B 2 HOH 103 502 502 HOH WAT A . 
B 2 HOH 104 503 503 HOH WAT A . 
B 2 HOH 105 504 504 HOH WAT A . 
B 2 HOH 106 505 505 HOH WAT A . 
B 2 HOH 107 506 506 HOH WAT A . 
B 2 HOH 108 507 507 HOH WAT A . 
B 2 HOH 109 508 508 HOH WAT A . 
# 
loop_
_pdbx_unobs_or_zero_occ_atoms.id 
_pdbx_unobs_or_zero_occ_atoms.PDB_model_num 
_pdbx_unobs_or_zero_occ_atoms.polymer_flag 
_pdbx_unobs_or_zero_occ_atoms.occupancy_flag 
_pdbx_unobs_or_zero_occ_atoms.auth_asym_id 
_pdbx_unobs_or_zero_occ_atoms.auth_comp_id 
_pdbx_unobs_or_zero_occ_atoms.auth_seq_id 
_pdbx_unobs_or_zero_occ_atoms.PDB_ins_code 
_pdbx_unobs_or_zero_occ_atoms.auth_atom_id 
_pdbx_unobs_or_zero_occ_atoms.label_alt_id 
_pdbx_unobs_or_zero_occ_atoms.label_asym_id 
_pdbx_unobs_or_zero_occ_atoms.label_comp_id 
_pdbx_unobs_or_zero_occ_atoms.label_seq_id 
_pdbx_unobs_or_zero_occ_atoms.label_atom_id 
1 1 Y 1 A ARG 219 ? CD  ? A ARG 30 CD  
2 1 Y 1 A ARG 219 ? NE  ? A ARG 30 NE  
3 1 Y 1 A ARG 219 ? CZ  ? A ARG 30 CZ  
4 1 Y 1 A ARG 219 ? NH1 ? A ARG 30 NH1 
5 1 Y 1 A ARG 219 ? NH2 ? A ARG 30 NH2 
6 1 Y 0 A GLU 256 ? CG  ? A GLU 67 CG  
7 1 Y 0 A GLU 256 ? CD  ? A GLU 67 CD  
8 1 Y 0 A GLU 256 ? OE1 ? A GLU 67 OE1 
9 1 Y 0 A GLU 256 ? OE2 ? A GLU 67 OE2 
# 
loop_
_software.name 
_software.classification 
_software.version 
_software.citation_id 
_software.pdbx_ordinal 
CNS       refinement       1.1 ? 1 
HKL-2000  'data reduction' .   ? 2 
SCALEPACK 'data scaling'   .   ? 3 
SHARP     phasing          .   ? 4 
# 
_cell.entry_id           1R62 
_cell.length_a           96.440 
_cell.length_b           32.940 
_cell.length_c           46.010 
_cell.angle_alpha        90.00 
_cell.angle_beta         108.19 
_cell.angle_gamma        90.00 
_cell.Z_PDB              4 
_cell.pdbx_unique_axis   ? 
# 
_symmetry.entry_id                         1R62 
_symmetry.space_group_name_H-M             'C 1 2 1' 
_symmetry.pdbx_full_space_group_name_H-M   ? 
_symmetry.cell_setting                     ? 
_symmetry.Int_Tables_number                5 
# 
_exptl.entry_id          1R62 
_exptl.method            'X-RAY DIFFRACTION' 
_exptl.crystals_number   1 
# 
_exptl_crystal.id                    1 
_exptl_crystal.density_meas          ? 
_exptl_crystal.density_percent_sol   36.73 
_exptl_crystal.description           ? 
_exptl_crystal.density_Matthews      1.94 
# 
_exptl_crystal_grow.crystal_id      1 
_exptl_crystal_grow.method          'VAPOR DIFFUSION, SITTING DROP' 
_exptl_crystal_grow.temp            298 
_exptl_crystal_grow.temp_details    ? 
_exptl_crystal_grow.pH              6.1 
_exptl_crystal_grow.pdbx_details    '5% PEG 20,000 and 0.1M MES, pH 6.1, VAPOR DIFFUSION, SITTING DROP, temperature 298K' 
_exptl_crystal_grow.pdbx_pH_range   . 
# 
_diffrn.id                     1 
_diffrn.ambient_temp           100 
_diffrn.ambient_temp_details   ? 
_diffrn.crystal_id             1 
# 
_diffrn_detector.diffrn_id              1 
_diffrn_detector.detector               CCD 
_diffrn_detector.type                   MARRESEARCH 
_diffrn_detector.pdbx_collection_date   2002-08-31 
_diffrn_detector.details                ? 
# 
_diffrn_radiation.diffrn_id                        1 
_diffrn_radiation.wavelength_id                    1 
_diffrn_radiation.pdbx_monochromatic_or_laue_m_l   M 
_diffrn_radiation.monochromator                    GRAPHITE 
_diffrn_radiation.pdbx_diffrn_protocol             'SINGLE WAVELENGTH' 
_diffrn_radiation.pdbx_scattering_type             x-ray 
# 
_diffrn_radiation_wavelength.id           1 
_diffrn_radiation_wavelength.wavelength   1.0 
_diffrn_radiation_wavelength.wt           1.0 
# 
_diffrn_source.diffrn_id                   1 
_diffrn_source.source                      SYNCHROTRON 
_diffrn_source.type                        'ALS BEAMLINE 5.0.1' 
_diffrn_source.pdbx_synchrotron_site       ALS 
_diffrn_source.pdbx_synchrotron_beamline   5.0.1 
_diffrn_source.pdbx_wavelength             ? 
_diffrn_source.pdbx_wavelength_list        1.0 
# 
_reflns.entry_id                     1R62 
_reflns.observed_criterion_sigma_I   0 
_reflns.observed_criterion_sigma_F   0 
_reflns.d_resolution_low             30 
_reflns.d_resolution_high            1.6 
_reflns.number_obs                   18060 
_reflns.number_all                   ? 
_reflns.percent_possible_obs         98.8 
_reflns.pdbx_Rmerge_I_obs            0.039 
_reflns.pdbx_Rsym_value              ? 
_reflns.pdbx_netI_over_sigmaI        35 
_reflns.B_iso_Wilson_estimate        .249 
_reflns.pdbx_redundancy              4.05 
_reflns.R_free_details               ? 
_reflns.limit_h_max                  ? 
_reflns.limit_h_min                  ? 
_reflns.limit_k_max                  ? 
_reflns.limit_k_min                  ? 
_reflns.limit_l_max                  ? 
_reflns.limit_l_min                  ? 
_reflns.observed_criterion_F_max     ? 
_reflns.observed_criterion_F_min     ? 
_reflns.pdbx_ordinal                 1 
_reflns.pdbx_diffrn_id               1 
# 
_reflns_shell.d_res_high             1.6 
_reflns_shell.d_res_low              1.66 
_reflns_shell.percent_possible_all   95.3 
_reflns_shell.Rmerge_I_obs           ? 
_reflns_shell.pdbx_Rsym_value        0.198 
_reflns_shell.meanI_over_sigI_obs    4.2 
_reflns_shell.pdbx_redundancy        3.15 
_reflns_shell.percent_possible_obs   ? 
_reflns_shell.number_unique_all      1705 
_reflns_shell.pdbx_ordinal           1 
_reflns_shell.pdbx_diffrn_id         1 
# 
_refine.entry_id                                 1R62 
_refine.ls_number_reflns_obs                     15907 
_refine.ls_number_reflns_all                     17649 
_refine.pdbx_ls_sigma_I                          ? 
_refine.pdbx_ls_sigma_F                          0.0 
_refine.pdbx_data_cutoff_high_absF               1487105.04 
_refine.pdbx_data_cutoff_low_absF                0.000000 
_refine.pdbx_data_cutoff_high_rms_absF           ? 
_refine.ls_d_res_low                             27.61 
_refine.ls_d_res_high                            1.60 
_refine.ls_percent_reflns_obs                    96.3 
_refine.ls_R_factor_obs                          0.239 
_refine.ls_R_factor_all                          0.239 
_refine.ls_R_factor_R_work                       0.237 
_refine.ls_R_factor_R_free                       0.246 
_refine.ls_R_factor_R_free_error                 0.006 
_refine.ls_R_factor_R_free_error_details         ? 
_refine.ls_percent_reflns_R_free                 9.9 
_refine.ls_number_reflns_R_free                  1742 
_refine.ls_number_parameters                     ? 
_refine.ls_number_restraints                     ? 
_refine.occupancy_min                            ? 
_refine.occupancy_max                            ? 
_refine.correlation_coeff_Fo_to_Fc               ? 
_refine.correlation_coeff_Fo_to_Fc_free          ? 
_refine.B_iso_mean                               26.5 
_refine.aniso_B[1][1]                            -1.66 
_refine.aniso_B[2][2]                            1.92 
_refine.aniso_B[3][3]                            -0.26 
_refine.aniso_B[1][2]                            0.00 
_refine.aniso_B[1][3]                            0.31 
_refine.aniso_B[2][3]                            0.00 
_refine.solvent_model_details                    'FLAT MODEL' 
_refine.solvent_model_param_ksol                 0.411837 
_refine.solvent_model_param_bsol                 68.3315 
_refine.pdbx_solvent_vdw_probe_radii             ? 
_refine.pdbx_solvent_ion_probe_radii             ? 
_refine.pdbx_solvent_shrinkage_radii             ? 
_refine.pdbx_ls_cross_valid_method               THROUGHOUT 
_refine.details                                  'BULK SOLVENT MODEL USED' 
_refine.pdbx_starting_model                      ? 
_refine.pdbx_method_to_determine_struct          MAD 
_refine.pdbx_isotropic_thermal_model             OVERALL 
_refine.pdbx_stereochemistry_target_values       ? 
_refine.pdbx_stereochem_target_val_spec_case     ? 
_refine.pdbx_R_Free_selection_details            RANDOM 
_refine.pdbx_overall_ESU_R                       ? 
_refine.pdbx_overall_ESU_R_Free                  ? 
_refine.overall_SU_ML                            ? 
_refine.overall_SU_B                             ? 
_refine.ls_redundancy_reflns_obs                 ? 
_refine.B_iso_min                                ? 
_refine.B_iso_max                                ? 
_refine.overall_SU_R_Cruickshank_DPI             ? 
_refine.overall_SU_R_free                        ? 
_refine.pdbx_refine_id                           'X-RAY DIFFRACTION' 
_refine.pdbx_diffrn_id                           1 
_refine.pdbx_TLS_residual_ADP_flag               ? 
_refine.pdbx_overall_phase_error                 ? 
_refine.pdbx_overall_SU_R_free_Cruickshank_DPI   ? 
_refine.pdbx_overall_SU_R_Blow_DPI               ? 
_refine.pdbx_overall_SU_R_free_Blow_DPI          ? 
# 
_refine_analyze.entry_id                        1R62 
_refine_analyze.Luzzati_coordinate_error_obs    0.23 
_refine_analyze.Luzzati_sigma_a_obs             0.18 
_refine_analyze.Luzzati_d_res_low_obs           5.00 
_refine_analyze.Luzzati_coordinate_error_free   0.25 
_refine_analyze.Luzzati_sigma_a_free            0.22 
_refine_analyze.Luzzati_d_res_low_free          ? 
_refine_analyze.number_disordered_residues      ? 
_refine_analyze.occupancy_sum_hydrogen          ? 
_refine_analyze.occupancy_sum_non_hydrogen      ? 
_refine_analyze.pdbx_Luzzati_d_res_high_obs     ? 
_refine_analyze.pdbx_refine_id                  'X-RAY DIFFRACTION' 
# 
_refine_hist.pdbx_refine_id                   'X-RAY DIFFRACTION' 
_refine_hist.cycle_id                         LAST 
_refine_hist.pdbx_number_atoms_protein        1073 
_refine_hist.pdbx_number_atoms_nucleic_acid   0 
_refine_hist.pdbx_number_atoms_ligand         0 
_refine_hist.number_atoms_solvent             109 
_refine_hist.number_atoms_total               1182 
_refine_hist.d_res_high                       1.60 
_refine_hist.d_res_low                        27.61 
# 
loop_
_refine_ls_restr.type 
_refine_ls_restr.dev_ideal 
_refine_ls_restr.dev_ideal_target 
_refine_ls_restr.weight 
_refine_ls_restr.number 
_refine_ls_restr.pdbx_refine_id 
_refine_ls_restr.pdbx_restraint_function 
c_bond_d           0.005 ?    ? ? 'X-RAY DIFFRACTION' ? 
c_angle_deg        1.3   ?    ? ? 'X-RAY DIFFRACTION' ? 
c_dihedral_angle_d 23.7  ?    ? ? 'X-RAY DIFFRACTION' ? 
c_improper_angle_d 0.80  ?    ? ? 'X-RAY DIFFRACTION' ? 
c_mcbond_it        1.20  1.50 ? ? 'X-RAY DIFFRACTION' ? 
c_mcangle_it       1.77  2.00 ? ? 'X-RAY DIFFRACTION' ? 
c_scbond_it        2.18  2.00 ? ? 'X-RAY DIFFRACTION' ? 
c_scangle_it       3.15  2.50 ? ? 'X-RAY DIFFRACTION' ? 
# 
_refine_ls_shell.pdbx_total_number_of_bins_used   6 
_refine_ls_shell.d_res_high                       1.60 
_refine_ls_shell.d_res_low                        1.70 
_refine_ls_shell.number_reflns_R_work             2413 
_refine_ls_shell.R_factor_R_work                  0.282 
_refine_ls_shell.percent_reflns_obs               88.0 
_refine_ls_shell.R_factor_R_free                  0.295 
_refine_ls_shell.R_factor_R_free_error            0.018 
_refine_ls_shell.percent_reflns_R_free            9.7 
_refine_ls_shell.number_reflns_R_free             260 
_refine_ls_shell.number_reflns_obs                ? 
_refine_ls_shell.redundancy_reflns_obs            ? 
_refine_ls_shell.number_reflns_all                ? 
_refine_ls_shell.pdbx_refine_id                   'X-RAY DIFFRACTION' 
_refine_ls_shell.R_factor_all                     ? 
# 
loop_
_pdbx_xplor_file.serial_no 
_pdbx_xplor_file.param_file 
_pdbx_xplor_file.topol_file 
_pdbx_xplor_file.pdbx_refine_id 
1 PROTEIN_REP.PARAM PROTEIN.TOP 'X-RAY DIFFRACTION' 
2 WATER_REP.PARAM   WATER.TOP   'X-RAY DIFFRACTION' 
# 
_struct.entry_id                  1R62 
_struct.title                     
'Crystal structure of the C-terminal Domain of the Two-Component System Transmitter Protein NRII (NtrB)' 
_struct.pdbx_model_details        ? 
_struct.pdbx_CASP_flag            ? 
_struct.pdbx_model_type_details   ? 
# 
_struct_keywords.entry_id        1R62 
_struct_keywords.pdbx_keywords   TRANSFERASE 
_struct_keywords.text            'NRII, PII, HISTIDINE KINASE, TWO COMPONENT SYSTEM, TRANSFERASE' 
# 
loop_
_struct_asym.id 
_struct_asym.pdbx_blank_PDB_chainid_flag 
_struct_asym.pdbx_modified 
_struct_asym.entity_id 
_struct_asym.details 
A N N 1 ? 
B N N 2 ? 
# 
_struct_ref.id                         1 
_struct_ref.db_name                    UNP 
_struct_ref.db_code                    NTRB_ECOLI 
_struct_ref.pdbx_db_accession          P06712 
_struct_ref.entity_id                  1 
_struct_ref.pdbx_seq_one_letter_code   
;LPGTRVTESIHKVAERVVTLVSMELPDNVRLIRDYDPSLPELAHDPDQIEQVLLNIVRNALQALGPEGGEIILRTRTAFQ
LTLHGERYRLAARIDVEDNGPGIPPHLQDTLFYPMVSGREGGTGLGLSIARNLIDQHSGKIEFTSWPGHTEFSVYLPIRK

;
_struct_ref.pdbx_align_begin           190 
_struct_ref.pdbx_db_isoform            ? 
# 
_struct_ref_seq.align_id                      1 
_struct_ref_seq.ref_id                        1 
_struct_ref_seq.pdbx_PDB_id_code              1R62 
_struct_ref_seq.pdbx_strand_id                A 
_struct_ref_seq.seq_align_beg                 1 
_struct_ref_seq.pdbx_seq_align_beg_ins_code   ? 
_struct_ref_seq.seq_align_end                 160 
_struct_ref_seq.pdbx_seq_align_end_ins_code   ? 
_struct_ref_seq.pdbx_db_accession             P06712 
_struct_ref_seq.db_align_beg                  190 
_struct_ref_seq.pdbx_db_align_beg_ins_code    ? 
_struct_ref_seq.db_align_end                  349 
_struct_ref_seq.pdbx_db_align_end_ins_code    ? 
_struct_ref_seq.pdbx_auth_seq_align_beg       190 
_struct_ref_seq.pdbx_auth_seq_align_end       349 
# 
_pdbx_struct_assembly.id                   1 
_pdbx_struct_assembly.details              author_defined_assembly 
_pdbx_struct_assembly.method_details       ? 
_pdbx_struct_assembly.oligomeric_details   monomeric 
_pdbx_struct_assembly.oligomeric_count     1 
# 
_pdbx_struct_assembly_gen.assembly_id       1 
_pdbx_struct_assembly_gen.oper_expression   1 
_pdbx_struct_assembly_gen.asym_id_list      A,B 
# 
_pdbx_struct_oper_list.id                   1 
_pdbx_struct_oper_list.type                 'identity operation' 
_pdbx_struct_oper_list.name                 1_555 
_pdbx_struct_oper_list.symmetry_operation   x,y,z 
_pdbx_struct_oper_list.matrix[1][1]         1.0000000000 
_pdbx_struct_oper_list.matrix[1][2]         0.0000000000 
_pdbx_struct_oper_list.matrix[1][3]         0.0000000000 
_pdbx_struct_oper_list.vector[1]            0.0000000000 
_pdbx_struct_oper_list.matrix[2][1]         0.0000000000 
_pdbx_struct_oper_list.matrix[2][2]         1.0000000000 
_pdbx_struct_oper_list.matrix[2][3]         0.0000000000 
_pdbx_struct_oper_list.vector[2]            0.0000000000 
_pdbx_struct_oper_list.matrix[3][1]         0.0000000000 
_pdbx_struct_oper_list.matrix[3][2]         0.0000000000 
_pdbx_struct_oper_list.matrix[3][3]         1.0000000000 
_pdbx_struct_oper_list.vector[3]            0.0000000000 
# 
_struct_biol.id                    1 
_struct_biol.details               'The full length NRII is a dimer, but the C-terminal domain is a monomer in solution' 
_struct_biol.pdbx_parent_biol_id   ? 
# 
loop_
_struct_conf.conf_type_id 
_struct_conf.id 
_struct_conf.pdbx_PDB_helix_id 
_struct_conf.beg_label_comp_id 
_struct_conf.beg_label_asym_id 
_struct_conf.beg_label_seq_id 
_struct_conf.pdbx_beg_PDB_ins_code 
_struct_conf.end_label_comp_id 
_struct_conf.end_label_asym_id 
_struct_conf.end_label_seq_id 
_struct_conf.pdbx_end_PDB_ins_code 
_struct_conf.beg_auth_comp_id 
_struct_conf.beg_auth_asym_id 
_struct_conf.beg_auth_seq_id 
_struct_conf.end_auth_comp_id 
_struct_conf.end_auth_asym_id 
_struct_conf.end_auth_seq_id 
_struct_conf.pdbx_PDB_helix_class 
_struct_conf.details 
_struct_conf.pdbx_PDB_helix_length 
HELX_P HELX_P1 1 SER A 9   ? SER A 22  ? SER A 198 SER A 211 1 ? 14 
HELX_P HELX_P2 2 ASP A 45  ? GLY A 65  ? ASP A 234 GLY A 254 1 ? 21 
HELX_P HELX_P3 3 PRO A 66  ? GLY A 68  ? PRO A 255 GLY A 257 5 ? 3  
HELX_P HELX_P4 4 GLY A 124 ? HIS A 137 ? GLY A 313 HIS A 326 1 ? 14 
# 
_struct_conf_type.id          HELX_P 
_struct_conf_type.criteria    ? 
_struct_conf_type.reference   ? 
# 
loop_
_struct_sheet.id 
_struct_sheet.type 
_struct_sheet.number_strands 
_struct_sheet.details 
A ? 2 ? 
B ? 5 ? 
# 
loop_
_struct_sheet_order.sheet_id 
_struct_sheet_order.range_id_1 
_struct_sheet_order.range_id_2 
_struct_sheet_order.offset 
_struct_sheet_order.sense 
A 1 2 ? anti-parallel 
B 1 2 ? parallel      
B 2 3 ? anti-parallel 
B 3 4 ? anti-parallel 
B 4 5 ? anti-parallel 
# 
loop_
_struct_sheet_range.sheet_id 
_struct_sheet_range.id 
_struct_sheet_range.beg_label_comp_id 
_struct_sheet_range.beg_label_asym_id 
_struct_sheet_range.beg_label_seq_id 
_struct_sheet_range.pdbx_beg_PDB_ins_code 
_struct_sheet_range.end_label_comp_id 
_struct_sheet_range.end_label_asym_id 
_struct_sheet_range.end_label_seq_id 
_struct_sheet_range.pdbx_end_PDB_ins_code 
_struct_sheet_range.beg_auth_comp_id 
_struct_sheet_range.beg_auth_asym_id 
_struct_sheet_range.beg_auth_seq_id 
_struct_sheet_range.end_auth_comp_id 
_struct_sheet_range.end_auth_asym_id 
_struct_sheet_range.end_auth_seq_id 
A 1 VAL A 6   ? GLU A 8   ? VAL A 195 GLU A 197 
A 2 LEU A 42  ? HIS A 44  ? LEU A 231 HIS A 233 
B 1 VAL A 29  ? ASP A 34  ? VAL A 218 ASP A 223 
B 2 GLY A 69  ? LEU A 83  ? GLY A 258 LEU A 272 
B 3 GLU A 86  ? ASN A 99  ? GLU A 275 ASN A 288 
B 4 HIS A 149 ? ARG A 159 ? HIS A 338 ARG A 348 
B 5 LYS A 140 ? TRP A 146 ? LYS A 329 TRP A 335 
# 
loop_
_pdbx_struct_sheet_hbond.sheet_id 
_pdbx_struct_sheet_hbond.range_id_1 
_pdbx_struct_sheet_hbond.range_id_2 
_pdbx_struct_sheet_hbond.range_1_label_atom_id 
_pdbx_struct_sheet_hbond.range_1_label_comp_id 
_pdbx_struct_sheet_hbond.range_1_label_asym_id 
_pdbx_struct_sheet_hbond.range_1_label_seq_id 
_pdbx_struct_sheet_hbond.range_1_PDB_ins_code 
_pdbx_struct_sheet_hbond.range_1_auth_atom_id 
_pdbx_struct_sheet_hbond.range_1_auth_comp_id 
_pdbx_struct_sheet_hbond.range_1_auth_asym_id 
_pdbx_struct_sheet_hbond.range_1_auth_seq_id 
_pdbx_struct_sheet_hbond.range_2_label_atom_id 
_pdbx_struct_sheet_hbond.range_2_label_comp_id 
_pdbx_struct_sheet_hbond.range_2_label_asym_id 
_pdbx_struct_sheet_hbond.range_2_label_seq_id 
_pdbx_struct_sheet_hbond.range_2_PDB_ins_code 
_pdbx_struct_sheet_hbond.range_2_auth_atom_id 
_pdbx_struct_sheet_hbond.range_2_auth_comp_id 
_pdbx_struct_sheet_hbond.range_2_auth_asym_id 
_pdbx_struct_sheet_hbond.range_2_auth_seq_id 
A 1 2 N GLU A 8   ? N GLU A 197 O LEU A 42  ? O LEU A 231 
B 1 2 N ILE A 32  ? N ILE A 221 O ILE A 71  ? O ILE A 260 
B 2 3 N ILE A 72  ? N ILE A 261 O GLU A 97  ? O GLU A 286 
B 3 4 N ILE A 94  ? N ILE A 283 O VAL A 154 ? O VAL A 343 
B 4 5 O HIS A 149 ? O HIS A 338 N TRP A 146 ? N TRP A 335 
# 
_pdbx_validate_torsion.id              1 
_pdbx_validate_torsion.PDB_model_num   1 
_pdbx_validate_torsion.auth_comp_id    PRO 
_pdbx_validate_torsion.auth_asym_id    A 
_pdbx_validate_torsion.auth_seq_id     336 
_pdbx_validate_torsion.PDB_ins_code    ? 
_pdbx_validate_torsion.label_alt_id    ? 
_pdbx_validate_torsion.phi             -34.62 
_pdbx_validate_torsion.psi             111.43 
# 
loop_
_pdbx_unobs_or_zero_occ_residues.id 
_pdbx_unobs_or_zero_occ_residues.PDB_model_num 
_pdbx_unobs_or_zero_occ_residues.polymer_flag 
_pdbx_unobs_or_zero_occ_residues.occupancy_flag 
_pdbx_unobs_or_zero_occ_residues.auth_asym_id 
_pdbx_unobs_or_zero_occ_residues.auth_comp_id 
_pdbx_unobs_or_zero_occ_residues.auth_seq_id 
_pdbx_unobs_or_zero_occ_residues.PDB_ins_code 
_pdbx_unobs_or_zero_occ_residues.label_asym_id 
_pdbx_unobs_or_zero_occ_residues.label_comp_id 
_pdbx_unobs_or_zero_occ_residues.label_seq_id 
1  1 Y 1 A LEU 190 ? A LEU 1   
2  1 Y 1 A PRO 191 ? A PRO 2   
3  1 Y 1 A GLY 192 ? A GLY 3   
4  1 Y 1 A THR 193 ? A THR 4   
5  1 Y 1 A PRO 293 ? A PRO 104 
6  1 Y 1 A PRO 294 ? A PRO 105 
7  1 Y 1 A HIS 295 ? A HIS 106 
8  1 Y 1 A LEU 296 ? A LEU 107 
9  1 Y 1 A GLN 297 ? A GLN 108 
10 1 Y 1 A ASP 298 ? A ASP 109 
11 1 Y 1 A THR 299 ? A THR 110 
12 1 Y 1 A LEU 300 ? A LEU 111 
13 1 Y 1 A PHE 301 ? A PHE 112 
14 1 Y 1 A TYR 302 ? A TYR 113 
15 1 Y 1 A PRO 303 ? A PRO 114 
16 1 Y 1 A MET 304 ? A MET 115 
17 1 Y 1 A VAL 305 ? A VAL 116 
18 1 Y 1 A SER 306 ? A SER 117 
19 1 Y 1 A GLY 307 ? A GLY 118 
20 1 Y 1 A ARG 308 ? A ARG 119 
21 1 Y 1 A GLU 309 ? A GLU 120 
22 1 Y 1 A GLY 310 ? A GLY 121 
23 1 Y 1 A GLY 311 ? A GLY 122 
24 1 Y 1 A THR 312 ? A THR 123 
# 
loop_
_chem_comp_atom.comp_id 
_chem_comp_atom.atom_id 
_chem_comp_atom.type_symbol 
_chem_comp_atom.pdbx_aromatic_flag 
_chem_comp_atom.pdbx_stereo_config 
_chem_comp_atom.pdbx_ordinal 
ALA N    N N N 1   
ALA CA   C N S 2   
ALA C    C N N 3   
ALA O    O N N 4   
ALA CB   C N N 5   
ALA OXT  O N N 6   
ALA H    H N N 7   
ALA H2   H N N 8   
ALA HA   H N N 9   
ALA HB1  H N N 10  
ALA HB2  H N N 11  
ALA HB3  H N N 12  
ALA HXT  H N N 13  
ARG N    N N N 14  
ARG CA   C N S 15  
ARG C    C N N 16  
ARG O    O N N 17  
ARG CB   C N N 18  
ARG CG   C N N 19  
ARG CD   C N N 20  
ARG NE   N N N 21  
ARG CZ   C N N 22  
ARG NH1  N N N 23  
ARG NH2  N N N 24  
ARG OXT  O N N 25  
ARG H    H N N 26  
ARG H2   H N N 27  
ARG HA   H N N 28  
ARG HB2  H N N 29  
ARG HB3  H N N 30  
ARG HG2  H N N 31  
ARG HG3  H N N 32  
ARG HD2  H N N 33  
ARG HD3  H N N 34  
ARG HE   H N N 35  
ARG HH11 H N N 36  
ARG HH12 H N N 37  
ARG HH21 H N N 38  
ARG HH22 H N N 39  
ARG HXT  H N N 40  
ASN N    N N N 41  
ASN CA   C N S 42  
ASN C    C N N 43  
ASN O    O N N 44  
ASN CB   C N N 45  
ASN CG   C N N 46  
ASN OD1  O N N 47  
ASN ND2  N N N 48  
ASN OXT  O N N 49  
ASN H    H N N 50  
ASN H2   H N N 51  
ASN HA   H N N 52  
ASN HB2  H N N 53  
ASN HB3  H N N 54  
ASN HD21 H N N 55  
ASN HD22 H N N 56  
ASN HXT  H N N 57  
ASP N    N N N 58  
ASP CA   C N S 59  
ASP C    C N N 60  
ASP O    O N N 61  
ASP CB   C N N 62  
ASP CG   C N N 63  
ASP OD1  O N N 64  
ASP OD2  O N N 65  
ASP OXT  O N N 66  
ASP H    H N N 67  
ASP H2   H N N 68  
ASP HA   H N N 69  
ASP HB2  H N N 70  
ASP HB3  H N N 71  
ASP HD2  H N N 72  
ASP HXT  H N N 73  
GLN N    N N N 74  
GLN CA   C N S 75  
GLN C    C N N 76  
GLN O    O N N 77  
GLN CB   C N N 78  
GLN CG   C N N 79  
GLN CD   C N N 80  
GLN OE1  O N N 81  
GLN NE2  N N N 82  
GLN OXT  O N N 83  
GLN H    H N N 84  
GLN H2   H N N 85  
GLN HA   H N N 86  
GLN HB2  H N N 87  
GLN HB3  H N N 88  
GLN HG2  H N N 89  
GLN HG3  H N N 90  
GLN HE21 H N N 91  
GLN HE22 H N N 92  
GLN HXT  H N N 93  
GLU N    N N N 94  
GLU CA   C N S 95  
GLU C    C N N 96  
GLU O    O N N 97  
GLU CB   C N N 98  
GLU CG   C N N 99  
GLU CD   C N N 100 
GLU OE1  O N N 101 
GLU OE2  O N N 102 
GLU OXT  O N N 103 
GLU H    H N N 104 
GLU H2   H N N 105 
GLU HA   H N N 106 
GLU HB2  H N N 107 
GLU HB3  H N N 108 
GLU HG2  H N N 109 
GLU HG3  H N N 110 
GLU HE2  H N N 111 
GLU HXT  H N N 112 
GLY N    N N N 113 
GLY CA   C N N 114 
GLY C    C N N 115 
GLY O    O N N 116 
GLY OXT  O N N 117 
GLY H    H N N 118 
GLY H2   H N N 119 
GLY HA2  H N N 120 
GLY HA3  H N N 121 
GLY HXT  H N N 122 
HIS N    N N N 123 
HIS CA   C N S 124 
HIS C    C N N 125 
HIS O    O N N 126 
HIS CB   C N N 127 
HIS CG   C Y N 128 
HIS ND1  N Y N 129 
HIS CD2  C Y N 130 
HIS CE1  C Y N 131 
HIS NE2  N Y N 132 
HIS OXT  O N N 133 
HIS H    H N N 134 
HIS H2   H N N 135 
HIS HA   H N N 136 
HIS HB2  H N N 137 
HIS HB3  H N N 138 
HIS HD1  H N N 139 
HIS HD2  H N N 140 
HIS HE1  H N N 141 
HIS HE2  H N N 142 
HIS HXT  H N N 143 
HOH O    O N N 144 
HOH H1   H N N 145 
HOH H2   H N N 146 
ILE N    N N N 147 
ILE CA   C N S 148 
ILE C    C N N 149 
ILE O    O N N 150 
ILE CB   C N S 151 
ILE CG1  C N N 152 
ILE CG2  C N N 153 
ILE CD1  C N N 154 
ILE OXT  O N N 155 
ILE H    H N N 156 
ILE H2   H N N 157 
ILE HA   H N N 158 
ILE HB   H N N 159 
ILE HG12 H N N 160 
ILE HG13 H N N 161 
ILE HG21 H N N 162 
ILE HG22 H N N 163 
ILE HG23 H N N 164 
ILE HD11 H N N 165 
ILE HD12 H N N 166 
ILE HD13 H N N 167 
ILE HXT  H N N 168 
LEU N    N N N 169 
LEU CA   C N S 170 
LEU C    C N N 171 
LEU O    O N N 172 
LEU CB   C N N 173 
LEU CG   C N N 174 
LEU CD1  C N N 175 
LEU CD2  C N N 176 
LEU OXT  O N N 177 
LEU H    H N N 178 
LEU H2   H N N 179 
LEU HA   H N N 180 
LEU HB2  H N N 181 
LEU HB3  H N N 182 
LEU HG   H N N 183 
LEU HD11 H N N 184 
LEU HD12 H N N 185 
LEU HD13 H N N 186 
LEU HD21 H N N 187 
LEU HD22 H N N 188 
LEU HD23 H N N 189 
LEU HXT  H N N 190 
LYS N    N N N 191 
LYS CA   C N S 192 
LYS C    C N N 193 
LYS O    O N N 194 
LYS CB   C N N 195 
LYS CG   C N N 196 
LYS CD   C N N 197 
LYS CE   C N N 198 
LYS NZ   N N N 199 
LYS OXT  O N N 200 
LYS H    H N N 201 
LYS H2   H N N 202 
LYS HA   H N N 203 
LYS HB2  H N N 204 
LYS HB3  H N N 205 
LYS HG2  H N N 206 
LYS HG3  H N N 207 
LYS HD2  H N N 208 
LYS HD3  H N N 209 
LYS HE2  H N N 210 
LYS HE3  H N N 211 
LYS HZ1  H N N 212 
LYS HZ2  H N N 213 
LYS HZ3  H N N 214 
LYS HXT  H N N 215 
MET N    N N N 216 
MET CA   C N S 217 
MET C    C N N 218 
MET O    O N N 219 
MET CB   C N N 220 
MET CG   C N N 221 
MET SD   S N N 222 
MET CE   C N N 223 
MET OXT  O N N 224 
MET H    H N N 225 
MET H2   H N N 226 
MET HA   H N N 227 
MET HB2  H N N 228 
MET HB3  H N N 229 
MET HG2  H N N 230 
MET HG3  H N N 231 
MET HE1  H N N 232 
MET HE2  H N N 233 
MET HE3  H N N 234 
MET HXT  H N N 235 
PHE N    N N N 236 
PHE CA   C N S 237 
PHE C    C N N 238 
PHE O    O N N 239 
PHE CB   C N N 240 
PHE CG   C Y N 241 
PHE CD1  C Y N 242 
PHE CD2  C Y N 243 
PHE CE1  C Y N 244 
PHE CE2  C Y N 245 
PHE CZ   C Y N 246 
PHE OXT  O N N 247 
PHE H    H N N 248 
PHE H2   H N N 249 
PHE HA   H N N 250 
PHE HB2  H N N 251 
PHE HB3  H N N 252 
PHE HD1  H N N 253 
PHE HD2  H N N 254 
PHE HE1  H N N 255 
PHE HE2  H N N 256 
PHE HZ   H N N 257 
PHE HXT  H N N 258 
PRO N    N N N 259 
PRO CA   C N S 260 
PRO C    C N N 261 
PRO O    O N N 262 
PRO CB   C N N 263 
PRO CG   C N N 264 
PRO CD   C N N 265 
PRO OXT  O N N 266 
PRO H    H N N 267 
PRO HA   H N N 268 
PRO HB2  H N N 269 
PRO HB3  H N N 270 
PRO HG2  H N N 271 
PRO HG3  H N N 272 
PRO HD2  H N N 273 
PRO HD3  H N N 274 
PRO HXT  H N N 275 
SER N    N N N 276 
SER CA   C N S 277 
SER C    C N N 278 
SER O    O N N 279 
SER CB   C N N 280 
SER OG   O N N 281 
SER OXT  O N N 282 
SER H    H N N 283 
SER H2   H N N 284 
SER HA   H N N 285 
SER HB2  H N N 286 
SER HB3  H N N 287 
SER HG   H N N 288 
SER HXT  H N N 289 
THR N    N N N 290 
THR CA   C N S 291 
THR C    C N N 292 
THR O    O N N 293 
THR CB   C N R 294 
THR OG1  O N N 295 
THR CG2  C N N 296 
THR OXT  O N N 297 
THR H    H N N 298 
THR H2   H N N 299 
THR HA   H N N 300 
THR HB   H N N 301 
THR HG1  H N N 302 
THR HG21 H N N 303 
THR HG22 H N N 304 
THR HG23 H N N 305 
THR HXT  H N N 306 
TRP N    N N N 307 
TRP CA   C N S 308 
TRP C    C N N 309 
TRP O    O N N 310 
TRP CB   C N N 311 
TRP CG   C Y N 312 
TRP CD1  C Y N 313 
TRP CD2  C Y N 314 
TRP NE1  N Y N 315 
TRP CE2  C Y N 316 
TRP CE3  C Y N 317 
TRP CZ2  C Y N 318 
TRP CZ3  C Y N 319 
TRP CH2  C Y N 320 
TRP OXT  O N N 321 
TRP H    H N N 322 
TRP H2   H N N 323 
TRP HA   H N N 324 
TRP HB2  H N N 325 
TRP HB3  H N N 326 
TRP HD1  H N N 327 
TRP HE1  H N N 328 
TRP HE3  H N N 329 
TRP HZ2  H N N 330 
TRP HZ3  H N N 331 
TRP HH2  H N N 332 
TRP HXT  H N N 333 
TYR N    N N N 334 
TYR CA   C N S 335 
TYR C    C N N 336 
TYR O    O N N 337 
TYR CB   C N N 338 
TYR CG   C Y N 339 
TYR CD1  C Y N 340 
TYR CD2  C Y N 341 
TYR CE1  C Y N 342 
TYR CE2  C Y N 343 
TYR CZ   C Y N 344 
TYR OH   O N N 345 
TYR OXT  O N N 346 
TYR H    H N N 347 
TYR H2   H N N 348 
TYR HA   H N N 349 
TYR HB2  H N N 350 
TYR HB3  H N N 351 
TYR HD1  H N N 352 
TYR HD2  H N N 353 
TYR HE1  H N N 354 
TYR HE2  H N N 355 
TYR HH   H N N 356 
TYR HXT  H N N 357 
VAL N    N N N 358 
VAL CA   C N S 359 
VAL C    C N N 360 
VAL O    O N N 361 
VAL CB   C N N 362 
VAL CG1  C N N 363 
VAL CG2  C N N 364 
VAL OXT  O N N 365 
VAL H    H N N 366 
VAL H2   H N N 367 
VAL HA   H N N 368 
VAL HB   H N N 369 
VAL HG11 H N N 370 
VAL HG12 H N N 371 
VAL HG13 H N N 372 
VAL HG21 H N N 373 
VAL HG22 H N N 374 
VAL HG23 H N N 375 
VAL HXT  H N N 376 
# 
loop_
_chem_comp_bond.comp_id 
_chem_comp_bond.atom_id_1 
_chem_comp_bond.atom_id_2 
_chem_comp_bond.value_order 
_chem_comp_bond.pdbx_aromatic_flag 
_chem_comp_bond.pdbx_stereo_config 
_chem_comp_bond.pdbx_ordinal 
ALA N   CA   sing N N 1   
ALA N   H    sing N N 2   
ALA N   H2   sing N N 3   
ALA CA  C    sing N N 4   
ALA CA  CB   sing N N 5   
ALA CA  HA   sing N N 6   
ALA C   O    doub N N 7   
ALA C   OXT  sing N N 8   
ALA CB  HB1  sing N N 9   
ALA CB  HB2  sing N N 10  
ALA CB  HB3  sing N N 11  
ALA OXT HXT  sing N N 12  
ARG N   CA   sing N N 13  
ARG N   H    sing N N 14  
ARG N   H2   sing N N 15  
ARG CA  C    sing N N 16  
ARG CA  CB   sing N N 17  
ARG CA  HA   sing N N 18  
ARG C   O    doub N N 19  
ARG C   OXT  sing N N 20  
ARG CB  CG   sing N N 21  
ARG CB  HB2  sing N N 22  
ARG CB  HB3  sing N N 23  
ARG CG  CD   sing N N 24  
ARG CG  HG2  sing N N 25  
ARG CG  HG3  sing N N 26  
ARG CD  NE   sing N N 27  
ARG CD  HD2  sing N N 28  
ARG CD  HD3  sing N N 29  
ARG NE  CZ   sing N N 30  
ARG NE  HE   sing N N 31  
ARG CZ  NH1  sing N N 32  
ARG CZ  NH2  doub N N 33  
ARG NH1 HH11 sing N N 34  
ARG NH1 HH12 sing N N 35  
ARG NH2 HH21 sing N N 36  
ARG NH2 HH22 sing N N 37  
ARG OXT HXT  sing N N 38  
ASN N   CA   sing N N 39  
ASN N   H    sing N N 40  
ASN N   H2   sing N N 41  
ASN CA  C    sing N N 42  
ASN CA  CB   sing N N 43  
ASN CA  HA   sing N N 44  
ASN C   O    doub N N 45  
ASN C   OXT  sing N N 46  
ASN CB  CG   sing N N 47  
ASN CB  HB2  sing N N 48  
ASN CB  HB3  sing N N 49  
ASN CG  OD1  doub N N 50  
ASN CG  ND2  sing N N 51  
ASN ND2 HD21 sing N N 52  
ASN ND2 HD22 sing N N 53  
ASN OXT HXT  sing N N 54  
ASP N   CA   sing N N 55  
ASP N   H    sing N N 56  
ASP N   H2   sing N N 57  
ASP CA  C    sing N N 58  
ASP CA  CB   sing N N 59  
ASP CA  HA   sing N N 60  
ASP C   O    doub N N 61  
ASP C   OXT  sing N N 62  
ASP CB  CG   sing N N 63  
ASP CB  HB2  sing N N 64  
ASP CB  HB3  sing N N 65  
ASP CG  OD1  doub N N 66  
ASP CG  OD2  sing N N 67  
ASP OD2 HD2  sing N N 68  
ASP OXT HXT  sing N N 69  
GLN N   CA   sing N N 70  
GLN N   H    sing N N 71  
GLN N   H2   sing N N 72  
GLN CA  C    sing N N 73  
GLN CA  CB   sing N N 74  
GLN CA  HA   sing N N 75  
GLN C   O    doub N N 76  
GLN C   OXT  sing N N 77  
GLN CB  CG   sing N N 78  
GLN CB  HB2  sing N N 79  
GLN CB  HB3  sing N N 80  
GLN CG  CD   sing N N 81  
GLN CG  HG2  sing N N 82  
GLN CG  HG3  sing N N 83  
GLN CD  OE1  doub N N 84  
GLN CD  NE2  sing N N 85  
GLN NE2 HE21 sing N N 86  
GLN NE2 HE22 sing N N 87  
GLN OXT HXT  sing N N 88  
GLU N   CA   sing N N 89  
GLU N   H    sing N N 90  
GLU N   H2   sing N N 91  
GLU CA  C    sing N N 92  
GLU CA  CB   sing N N 93  
GLU CA  HA   sing N N 94  
GLU C   O    doub N N 95  
GLU C   OXT  sing N N 96  
GLU CB  CG   sing N N 97  
GLU CB  HB2  sing N N 98  
GLU CB  HB3  sing N N 99  
GLU CG  CD   sing N N 100 
GLU CG  HG2  sing N N 101 
GLU CG  HG3  sing N N 102 
GLU CD  OE1  doub N N 103 
GLU CD  OE2  sing N N 104 
GLU OE2 HE2  sing N N 105 
GLU OXT HXT  sing N N 106 
GLY N   CA   sing N N 107 
GLY N   H    sing N N 108 
GLY N   H2   sing N N 109 
GLY CA  C    sing N N 110 
GLY CA  HA2  sing N N 111 
GLY CA  HA3  sing N N 112 
GLY C   O    doub N N 113 
GLY C   OXT  sing N N 114 
GLY OXT HXT  sing N N 115 
HIS N   CA   sing N N 116 
HIS N   H    sing N N 117 
HIS N   H2   sing N N 118 
HIS CA  C    sing N N 119 
HIS CA  CB   sing N N 120 
HIS CA  HA   sing N N 121 
HIS C   O    doub N N 122 
HIS C   OXT  sing N N 123 
HIS CB  CG   sing N N 124 
HIS CB  HB2  sing N N 125 
HIS CB  HB3  sing N N 126 
HIS CG  ND1  sing Y N 127 
HIS CG  CD2  doub Y N 128 
HIS ND1 CE1  doub Y N 129 
HIS ND1 HD1  sing N N 130 
HIS CD2 NE2  sing Y N 131 
HIS CD2 HD2  sing N N 132 
HIS CE1 NE2  sing Y N 133 
HIS CE1 HE1  sing N N 134 
HIS NE2 HE2  sing N N 135 
HIS OXT HXT  sing N N 136 
HOH O   H1   sing N N 137 
HOH O   H2   sing N N 138 
ILE N   CA   sing N N 139 
ILE N   H    sing N N 140 
ILE N   H2   sing N N 141 
ILE CA  C    sing N N 142 
ILE CA  CB   sing N N 143 
ILE CA  HA   sing N N 144 
ILE C   O    doub N N 145 
ILE C   OXT  sing N N 146 
ILE CB  CG1  sing N N 147 
ILE CB  CG2  sing N N 148 
ILE CB  HB   sing N N 149 
ILE CG1 CD1  sing N N 150 
ILE CG1 HG12 sing N N 151 
ILE CG1 HG13 sing N N 152 
ILE CG2 HG21 sing N N 153 
ILE CG2 HG22 sing N N 154 
ILE CG2 HG23 sing N N 155 
ILE CD1 HD11 sing N N 156 
ILE CD1 HD12 sing N N 157 
ILE CD1 HD13 sing N N 158 
ILE OXT HXT  sing N N 159 
LEU N   CA   sing N N 160 
LEU N   H    sing N N 161 
LEU N   H2   sing N N 162 
LEU CA  C    sing N N 163 
LEU CA  CB   sing N N 164 
LEU CA  HA   sing N N 165 
LEU C   O    doub N N 166 
LEU C   OXT  sing N N 167 
LEU CB  CG   sing N N 168 
LEU CB  HB2  sing N N 169 
LEU CB  HB3  sing N N 170 
LEU CG  CD1  sing N N 171 
LEU CG  CD2  sing N N 172 
LEU CG  HG   sing N N 173 
LEU CD1 HD11 sing N N 174 
LEU CD1 HD12 sing N N 175 
LEU CD1 HD13 sing N N 176 
LEU CD2 HD21 sing N N 177 
LEU CD2 HD22 sing N N 178 
LEU CD2 HD23 sing N N 179 
LEU OXT HXT  sing N N 180 
LYS N   CA   sing N N 181 
LYS N   H    sing N N 182 
LYS N   H2   sing N N 183 
LYS CA  C    sing N N 184 
LYS CA  CB   sing N N 185 
LYS CA  HA   sing N N 186 
LYS C   O    doub N N 187 
LYS C   OXT  sing N N 188 
LYS CB  CG   sing N N 189 
LYS CB  HB2  sing N N 190 
LYS CB  HB3  sing N N 191 
LYS CG  CD   sing N N 192 
LYS CG  HG2  sing N N 193 
LYS CG  HG3  sing N N 194 
LYS CD  CE   sing N N 195 
LYS CD  HD2  sing N N 196 
LYS CD  HD3  sing N N 197 
LYS CE  NZ   sing N N 198 
LYS CE  HE2  sing N N 199 
LYS CE  HE3  sing N N 200 
LYS NZ  HZ1  sing N N 201 
LYS NZ  HZ2  sing N N 202 
LYS NZ  HZ3  sing N N 203 
LYS OXT HXT  sing N N 204 
MET N   CA   sing N N 205 
MET N   H    sing N N 206 
MET N   H2   sing N N 207 
MET CA  C    sing N N 208 
MET CA  CB   sing N N 209 
MET CA  HA   sing N N 210 
MET C   O    doub N N 211 
MET C   OXT  sing N N 212 
MET CB  CG   sing N N 213 
MET CB  HB2  sing N N 214 
MET CB  HB3  sing N N 215 
MET CG  SD   sing N N 216 
MET CG  HG2  sing N N 217 
MET CG  HG3  sing N N 218 
MET SD  CE   sing N N 219 
MET CE  HE1  sing N N 220 
MET CE  HE2  sing N N 221 
MET CE  HE3  sing N N 222 
MET OXT HXT  sing N N 223 
PHE N   CA   sing N N 224 
PHE N   H    sing N N 225 
PHE N   H2   sing N N 226 
PHE CA  C    sing N N 227 
PHE CA  CB   sing N N 228 
PHE CA  HA   sing N N 229 
PHE C   O    doub N N 230 
PHE C   OXT  sing N N 231 
PHE CB  CG   sing N N 232 
PHE CB  HB2  sing N N 233 
PHE CB  HB3  sing N N 234 
PHE CG  CD1  doub Y N 235 
PHE CG  CD2  sing Y N 236 
PHE CD1 CE1  sing Y N 237 
PHE CD1 HD1  sing N N 238 
PHE CD2 CE2  doub Y N 239 
PHE CD2 HD2  sing N N 240 
PHE CE1 CZ   doub Y N 241 
PHE CE1 HE1  sing N N 242 
PHE CE2 CZ   sing Y N 243 
PHE CE2 HE2  sing N N 244 
PHE CZ  HZ   sing N N 245 
PHE OXT HXT  sing N N 246 
PRO N   CA   sing N N 247 
PRO N   CD   sing N N 248 
PRO N   H    sing N N 249 
PRO CA  C    sing N N 250 
PRO CA  CB   sing N N 251 
PRO CA  HA   sing N N 252 
PRO C   O    doub N N 253 
PRO C   OXT  sing N N 254 
PRO CB  CG   sing N N 255 
PRO CB  HB2  sing N N 256 
PRO CB  HB3  sing N N 257 
PRO CG  CD   sing N N 258 
PRO CG  HG2  sing N N 259 
PRO CG  HG3  sing N N 260 
PRO CD  HD2  sing N N 261 
PRO CD  HD3  sing N N 262 
PRO OXT HXT  sing N N 263 
SER N   CA   sing N N 264 
SER N   H    sing N N 265 
SER N   H2   sing N N 266 
SER CA  C    sing N N 267 
SER CA  CB   sing N N 268 
SER CA  HA   sing N N 269 
SER C   O    doub N N 270 
SER C   OXT  sing N N 271 
SER CB  OG   sing N N 272 
SER CB  HB2  sing N N 273 
SER CB  HB3  sing N N 274 
SER OG  HG   sing N N 275 
SER OXT HXT  sing N N 276 
THR N   CA   sing N N 277 
THR N   H    sing N N 278 
THR N   H2   sing N N 279 
THR CA  C    sing N N 280 
THR CA  CB   sing N N 281 
THR CA  HA   sing N N 282 
THR C   O    doub N N 283 
THR C   OXT  sing N N 284 
THR CB  OG1  sing N N 285 
THR CB  CG2  sing N N 286 
THR CB  HB   sing N N 287 
THR OG1 HG1  sing N N 288 
THR CG2 HG21 sing N N 289 
THR CG2 HG22 sing N N 290 
THR CG2 HG23 sing N N 291 
THR OXT HXT  sing N N 292 
TRP N   CA   sing N N 293 
TRP N   H    sing N N 294 
TRP N   H2   sing N N 295 
TRP CA  C    sing N N 296 
TRP CA  CB   sing N N 297 
TRP CA  HA   sing N N 298 
TRP C   O    doub N N 299 
TRP C   OXT  sing N N 300 
TRP CB  CG   sing N N 301 
TRP CB  HB2  sing N N 302 
TRP CB  HB3  sing N N 303 
TRP CG  CD1  doub Y N 304 
TRP CG  CD2  sing Y N 305 
TRP CD1 NE1  sing Y N 306 
TRP CD1 HD1  sing N N 307 
TRP CD2 CE2  doub Y N 308 
TRP CD2 CE3  sing Y N 309 
TRP NE1 CE2  sing Y N 310 
TRP NE1 HE1  sing N N 311 
TRP CE2 CZ2  sing Y N 312 
TRP CE3 CZ3  doub Y N 313 
TRP CE3 HE3  sing N N 314 
TRP CZ2 CH2  doub Y N 315 
TRP CZ2 HZ2  sing N N 316 
TRP CZ3 CH2  sing Y N 317 
TRP CZ3 HZ3  sing N N 318 
TRP CH2 HH2  sing N N 319 
TRP OXT HXT  sing N N 320 
TYR N   CA   sing N N 321 
TYR N   H    sing N N 322 
TYR N   H2   sing N N 323 
TYR CA  C    sing N N 324 
TYR CA  CB   sing N N 325 
TYR CA  HA   sing N N 326 
TYR C   O    doub N N 327 
TYR C   OXT  sing N N 328 
TYR CB  CG   sing N N 329 
TYR CB  HB2  sing N N 330 
TYR CB  HB3  sing N N 331 
TYR CG  CD1  doub Y N 332 
TYR CG  CD2  sing Y N 333 
TYR CD1 CE1  sing Y N 334 
TYR CD1 HD1  sing N N 335 
TYR CD2 CE2  doub Y N 336 
TYR CD2 HD2  sing N N 337 
TYR CE1 CZ   doub Y N 338 
TYR CE1 HE1  sing N N 339 
TYR CE2 CZ   sing Y N 340 
TYR CE2 HE2  sing N N 341 
TYR CZ  OH   sing N N 342 
TYR OH  HH   sing N N 343 
TYR OXT HXT  sing N N 344 
VAL N   CA   sing N N 345 
VAL N   H    sing N N 346 
VAL N   H2   sing N N 347 
VAL CA  C    sing N N 348 
VAL CA  CB   sing N N 349 
VAL CA  HA   sing N N 350 
VAL C   O    doub N N 351 
VAL C   OXT  sing N N 352 
VAL CB  CG1  sing N N 353 
VAL CB  CG2  sing N N 354 
VAL CB  HB   sing N N 355 
VAL CG1 HG11 sing N N 356 
VAL CG1 HG12 sing N N 357 
VAL CG1 HG13 sing N N 358 
VAL CG2 HG21 sing N N 359 
VAL CG2 HG22 sing N N 360 
VAL CG2 HG23 sing N N 361 
VAL OXT HXT  sing N N 362 
# 
_atom_sites.entry_id                    1R62 
_atom_sites.fract_transf_matrix[1][1]   0.00992170 
_atom_sites.fract_transf_matrix[1][2]   0.00102298 
_atom_sites.fract_transf_matrix[1][3]   0.00443139 
_atom_sites.fract_transf_matrix[2][1]   0.00830485 
_atom_sites.fract_transf_matrix[2][2]   -0.02638793 
_atom_sites.fract_transf_matrix[2][3]   -0.01250260 
_atom_sites.fract_transf_matrix[3][1]   0.01332359 
_atom_sites.fract_transf_matrix[3][2]   0.01122055 
_atom_sites.fract_transf_matrix[3][3]   -0.01483186 
_atom_sites.fract_transf_vector[1]      0.855298 
_atom_sites.fract_transf_vector[2]      0.056932 
_atom_sites.fract_transf_vector[3]      0.225276 
# 
loop_
_atom_type.symbol 
C 
N 
O 
S 
# 
loop_
_atom_site.group_PDB 
_atom_site.id 
_atom_site.type_symbol 
_atom_site.label_atom_id 
_atom_site.label_alt_id 
_atom_site.label_comp_id 
_atom_site.label_asym_id 
_atom_site.label_entity_id 
_atom_site.label_seq_id 
_atom_site.pdbx_PDB_ins_code 
_atom_site.Cartn_x 
_atom_site.Cartn_y 
_atom_site.Cartn_z 
_atom_site.occupancy 
_atom_site.B_iso_or_equiv 
_atom_site.pdbx_formal_charge 
_atom_site.auth_seq_id 
_atom_site.auth_comp_id 
_atom_site.auth_asym_id 
_atom_site.auth_atom_id 
_atom_site.pdbx_PDB_model_num 
ATOM   1    N N   . ARG A 1 5   ? 0.898   -4.904  17.401  1.00 37.75 ? 194 ARG A N   1 
ATOM   2    C CA  . ARG A 1 5   ? 0.622   -5.750  18.598  1.00 37.95 ? 194 ARG A CA  1 
ATOM   3    C C   . ARG A 1 5   ? 0.673   -7.215  18.180  1.00 35.41 ? 194 ARG A C   1 
ATOM   4    O O   . ARG A 1 5   ? 1.289   -8.040  18.851  1.00 35.62 ? 194 ARG A O   1 
ATOM   5    C CB  . ARG A 1 5   ? -0.756  -5.419  19.168  1.00 41.12 ? 194 ARG A CB  1 
ATOM   6    C CG  . ARG A 1 5   ? -1.015  -5.951  20.580  1.00 42.95 ? 194 ARG A CG  1 
ATOM   7    C CD  . ARG A 1 5   ? -0.391  -5.064  21.660  1.00 46.52 ? 194 ARG A CD  1 
ATOM   8    N NE  . ARG A 1 5   ? 1.051   -5.248  21.808  1.00 47.94 ? 194 ARG A NE  1 
ATOM   9    C CZ  . ARG A 1 5   ? 1.622   -6.388  22.183  1.00 48.88 ? 194 ARG A CZ  1 
ATOM   10   N NH1 . ARG A 1 5   ? 0.873   -7.446  22.447  1.00 49.91 ? 194 ARG A NH1 1 
ATOM   11   N NH2 . ARG A 1 5   ? 2.941   -6.473  22.297  1.00 49.30 ? 194 ARG A NH2 1 
ATOM   12   N N   . VAL A 1 6   ? 0.017   -7.537  17.069  1.00 35.20 ? 195 VAL A N   1 
ATOM   13   C CA  . VAL A 1 6   ? 0.028   -8.907  16.570  1.00 31.80 ? 195 VAL A CA  1 
ATOM   14   C C   . VAL A 1 6   ? 1.090   -9.039  15.493  1.00 31.92 ? 195 VAL A C   1 
ATOM   15   O O   . VAL A 1 6   ? 1.454   -8.063  14.839  1.00 30.74 ? 195 VAL A O   1 
ATOM   16   C CB  . VAL A 1 6   ? -1.338  -9.335  15.971  1.00 32.30 ? 195 VAL A CB  1 
ATOM   17   C CG1 . VAL A 1 6   ? -2.420  -9.293  17.041  1.00 32.30 ? 195 VAL A CG1 1 
ATOM   18   C CG2 . VAL A 1 6   ? -1.705  -8.439  14.809  1.00 30.42 ? 195 VAL A CG2 1 
ATOM   19   N N   . THR A 1 7   ? 1.595   -10.254 15.324  1.00 29.98 ? 196 THR A N   1 
ATOM   20   C CA  . THR A 1 7   ? 2.606   -10.532 14.317  1.00 29.40 ? 196 THR A CA  1 
ATOM   21   C C   . THR A 1 7   ? 1.953   -11.498 13.343  1.00 28.00 ? 196 THR A C   1 
ATOM   22   O O   . THR A 1 7   ? 1.786   -12.677 13.641  1.00 29.52 ? 196 THR A O   1 
ATOM   23   C CB  . THR A 1 7   ? 3.845   -11.182 14.945  1.00 30.57 ? 196 THR A CB  1 
ATOM   24   O OG1 . THR A 1 7   ? 4.323   -10.351 16.011  1.00 32.06 ? 196 THR A OG1 1 
ATOM   25   C CG2 . THR A 1 7   ? 4.947   -11.339 13.906  1.00 30.07 ? 196 THR A CG2 1 
ATOM   26   N N   . GLU A 1 8   ? 1.574   -10.988 12.179  1.00 26.87 ? 197 GLU A N   1 
ATOM   27   C CA  . GLU A 1 8   ? 0.903   -11.806 11.181  1.00 25.69 ? 197 GLU A CA  1 
ATOM   28   C C   . GLU A 1 8   ? 1.353   -11.413 9.783   1.00 24.37 ? 197 GLU A C   1 
ATOM   29   O O   . GLU A 1 8   ? 2.101   -10.460 9.598   1.00 24.24 ? 197 GLU A O   1 
ATOM   30   C CB  . GLU A 1 8   ? -0.616  -11.605 11.266  1.00 27.39 ? 197 GLU A CB  1 
ATOM   31   C CG  . GLU A 1 8   ? -1.248  -11.804 12.639  1.00 32.04 ? 197 GLU A CG  1 
ATOM   32   C CD  . GLU A 1 8   ? -1.209  -13.246 13.107  1.00 36.12 ? 197 GLU A CD  1 
ATOM   33   O OE1 . GLU A 1 8   ? -1.461  -14.150 12.282  1.00 38.61 ? 197 GLU A OE1 1 
ATOM   34   O OE2 . GLU A 1 8   ? -0.947  -13.476 14.306  1.00 38.52 ? 197 GLU A OE2 1 
ATOM   35   N N   . SER A 1 9   ? 0.876   -12.162 8.799   1.00 23.93 ? 198 SER A N   1 
ATOM   36   C CA  . SER A 1 9   ? 1.188   -11.880 7.409   1.00 22.80 ? 198 SER A CA  1 
ATOM   37   C C   . SER A 1 9   ? 0.465   -10.605 6.995   1.00 21.62 ? 198 SER A C   1 
ATOM   38   O O   . SER A 1 9   ? -0.712  -10.425 7.300   1.00 21.74 ? 198 SER A O   1 
ATOM   39   C CB  . SER A 1 9   ? 0.720   -13.043 6.530   1.00 24.71 ? 198 SER A CB  1 
ATOM   40   O OG  . SER A 1 9   ? 0.701   -12.668 5.166   1.00 27.23 ? 198 SER A OG  1 
ATOM   41   N N   . ILE A 1 10  ? 1.171   -9.724  6.293   1.00 20.28 ? 199 ILE A N   1 
ATOM   42   C CA  . ILE A 1 10  ? 0.578   -8.473  5.835   1.00 20.08 ? 199 ILE A CA  1 
ATOM   43   C C   . ILE A 1 10  ? -0.467  -8.771  4.754   1.00 18.98 ? 199 ILE A C   1 
ATOM   44   O O   . ILE A 1 10  ? -1.304  -7.928  4.422   1.00 18.49 ? 199 ILE A O   1 
ATOM   45   C CB  . ILE A 1 10  ? 1.669   -7.529  5.266   1.00 21.31 ? 199 ILE A CB  1 
ATOM   46   C CG1 . ILE A 1 10  ? 1.130   -6.101  5.166   1.00 23.31 ? 199 ILE A CG1 1 
ATOM   47   C CG2 . ILE A 1 10  ? 2.143   -8.025  3.907   1.00 22.56 ? 199 ILE A CG2 1 
ATOM   48   C CD1 . ILE A 1 10  ? 0.978   -5.426  6.519   1.00 26.95 ? 199 ILE A CD1 1 
ATOM   49   N N   . HIS A 1 11  ? -0.425  -9.983  4.208   1.00 19.49 ? 200 HIS A N   1 
ATOM   50   C CA  . HIS A 1 11  ? -1.376  -10.361 3.174   1.00 18.24 ? 200 HIS A CA  1 
ATOM   51   C C   . HIS A 1 11  ? -2.802  -10.541 3.684   1.00 18.66 ? 200 HIS A C   1 
ATOM   52   O O   . HIS A 1 11  ? -3.754  -10.491 2.902   1.00 20.21 ? 200 HIS A O   1 
ATOM   53   C CB  . HIS A 1 11  ? -0.869  -11.607 2.431   1.00 18.75 ? 200 HIS A CB  1 
ATOM   54   C CG  . HIS A 1 11  ? 0.409   -11.357 1.693   1.00 18.83 ? 200 HIS A CG  1 
ATOM   55   N ND1 . HIS A 1 11  ? 1.599   -11.973 2.018   1.00 20.10 ? 200 HIS A ND1 1 
ATOM   56   C CD2 . HIS A 1 11  ? 0.702   -10.469 0.713   1.00 18.09 ? 200 HIS A CD2 1 
ATOM   57   C CE1 . HIS A 1 11  ? 2.570   -11.471 1.276   1.00 16.71 ? 200 HIS A CE1 1 
ATOM   58   N NE2 . HIS A 1 11  ? 2.052   -10.555 0.477   1.00 19.03 ? 200 HIS A NE2 1 
ATOM   59   N N   . LYS A 1 12  ? -2.961  -10.729 4.993   1.00 18.69 ? 201 LYS A N   1 
ATOM   60   C CA  . LYS A 1 12  ? -4.298  -10.861 5.550   1.00 20.74 ? 201 LYS A CA  1 
ATOM   61   C C   . LYS A 1 12  ? -4.969  -9.495  5.465   1.00 19.81 ? 201 LYS A C   1 
ATOM   62   O O   . LYS A 1 12  ? -6.128  -9.387  5.081   1.00 19.12 ? 201 LYS A O   1 
ATOM   63   C CB  . LYS A 1 12  ? -4.234  -11.362 6.995   1.00 23.37 ? 201 LYS A CB  1 
ATOM   64   C CG  . LYS A 1 12  ? -3.852  -12.828 7.080   1.00 26.36 ? 201 LYS A CG  1 
ATOM   65   C CD  . LYS A 1 12  ? -3.757  -13.324 8.513   1.00 30.60 ? 201 LYS A CD  1 
ATOM   66   C CE  . LYS A 1 12  ? -3.530  -14.831 8.540   1.00 34.35 ? 201 LYS A CE  1 
ATOM   67   N NZ  . LYS A 1 12  ? -2.305  -15.212 7.784   1.00 35.58 ? 201 LYS A NZ  1 
ATOM   68   N N   . VAL A 1 13  ? -4.224  -8.446  5.802   1.00 20.30 ? 202 VAL A N   1 
ATOM   69   C CA  . VAL A 1 13  ? -4.772  -7.095  5.707   1.00 20.85 ? 202 VAL A CA  1 
ATOM   70   C C   . VAL A 1 13  ? -4.972  -6.734  4.236   1.00 19.72 ? 202 VAL A C   1 
ATOM   71   O O   . VAL A 1 13  ? -5.978  -6.122  3.868   1.00 18.78 ? 202 VAL A O   1 
ATOM   72   C CB  . VAL A 1 13  ? -3.835  -6.048  6.359   1.00 22.51 ? 202 VAL A CB  1 
ATOM   73   C CG1 . VAL A 1 13  ? -4.269  -4.642  5.958   1.00 25.56 ? 202 VAL A CG1 1 
ATOM   74   C CG2 . VAL A 1 13  ? -3.877  -6.188  7.859   1.00 26.65 ? 202 VAL A CG2 1 
ATOM   75   N N   . ALA A 1 14  ? -4.014  -7.120  3.397   1.00 20.05 ? 203 ALA A N   1 
ATOM   76   C CA  . ALA A 1 14  ? -4.096  -6.841  1.973   1.00 18.89 ? 203 ALA A CA  1 
ATOM   77   C C   . ALA A 1 14  ? -5.378  -7.446  1.399   1.00 18.23 ? 203 ALA A C   1 
ATOM   78   O O   . ALA A 1 14  ? -6.076  -6.803  0.621   1.00 18.56 ? 203 ALA A O   1 
ATOM   79   C CB  . ALA A 1 14  ? -2.866  -7.412  1.252   1.00 20.78 ? 203 ALA A CB  1 
ATOM   80   N N   . GLU A 1 15  ? -5.694  -8.673  1.798   1.00 19.18 ? 204 GLU A N   1 
ATOM   81   C CA  . GLU A 1 15  ? -6.906  -9.315  1.304   1.00 19.40 ? 204 GLU A CA  1 
ATOM   82   C C   . GLU A 1 15  ? -8.183  -8.687  1.857   1.00 19.73 ? 204 GLU A C   1 
ATOM   83   O O   . GLU A 1 15  ? -9.209  -8.668  1.176   1.00 18.26 ? 204 GLU A O   1 
ATOM   84   C CB  . GLU A 1 15  ? -6.861  -10.810 1.600   1.00 19.75 ? 204 GLU A CB  1 
ATOM   85   C CG  . GLU A 1 15  ? -5.901  -11.542 0.684   1.00 21.98 ? 204 GLU A CG  1 
ATOM   86   C CD  . GLU A 1 15  ? -6.300  -11.405 -0.774  1.00 21.56 ? 204 GLU A CD  1 
ATOM   87   O OE1 . GLU A 1 15  ? -7.377  -11.916 -1.144  1.00 20.64 ? 204 GLU A OE1 1 
ATOM   88   O OE2 . GLU A 1 15  ? -5.545  -10.779 -1.549  1.00 23.88 ? 204 GLU A OE2 1 
ATOM   89   N N   . ARG A 1 16  ? -8.130  -8.172  3.086   1.00 17.44 ? 205 ARG A N   1 
ATOM   90   C CA  . ARG A 1 16  ? -9.299  -7.514  3.667   1.00 19.34 ? 205 ARG A CA  1 
ATOM   91   C C   . ARG A 1 16  ? -9.566  -6.264  2.842   1.00 18.13 ? 205 ARG A C   1 
ATOM   92   O O   . ARG A 1 16  ? -10.714 -5.904  2.572   1.00 17.73 ? 205 ARG A O   1 
ATOM   93   C CB  . ARG A 1 16  ? -9.038  -7.119  5.122   1.00 19.34 ? 205 ARG A CB  1 
ATOM   94   C CG  . ARG A 1 16  ? -9.149  -8.264  6.104   1.00 24.59 ? 205 ARG A CG  1 
ATOM   95   C CD  . ARG A 1 16  ? -8.475  -7.946  7.430   1.00 27.01 ? 205 ARG A CD  1 
ATOM   96   N NE  . ARG A 1 16  ? -8.939  -6.697  8.031   1.00 31.16 ? 205 ARG A NE  1 
ATOM   97   C CZ  . ARG A 1 16  ? -8.636  -6.315  9.268   1.00 31.98 ? 205 ARG A CZ  1 
ATOM   98   N NH1 . ARG A 1 16  ? -7.873  -7.087  10.029  1.00 31.98 ? 205 ARG A NH1 1 
ATOM   99   N NH2 . ARG A 1 16  ? -9.093  -5.165  9.745   1.00 33.46 ? 205 ARG A NH2 1 
ATOM   100  N N   . VAL A 1 17  ? -8.489  -5.607  2.429   1.00 17.56 ? 206 VAL A N   1 
ATOM   101  C CA  . VAL A 1 17  ? -8.610  -4.409  1.616   1.00 18.00 ? 206 VAL A CA  1 
ATOM   102  C C   . VAL A 1 17  ? -9.194  -4.724  0.246   1.00 17.42 ? 206 VAL A C   1 
ATOM   103  O O   . VAL A 1 17  ? -10.042 -3.994  -0.252  1.00 18.94 ? 206 VAL A O   1 
ATOM   104  C CB  . VAL A 1 17  ? -7.241  -3.720  1.460   1.00 17.86 ? 206 VAL A CB  1 
ATOM   105  C CG1 . VAL A 1 17  ? -7.312  -2.624  0.409   1.00 18.80 ? 206 VAL A CG1 1 
ATOM   106  C CG2 . VAL A 1 17  ? -6.816  -3.143  2.799   1.00 19.85 ? 206 VAL A CG2 1 
ATOM   107  N N   . VAL A 1 18  ? -8.745  -5.818  -0.363  1.00 17.49 ? 207 VAL A N   1 
ATOM   108  C CA  . VAL A 1 18  ? -9.254  -6.220  -1.669  1.00 17.50 ? 207 VAL A CA  1 
ATOM   109  C C   . VAL A 1 18  ? -10.753 -6.490  -1.577  1.00 18.24 ? 207 VAL A C   1 
ATOM   110  O O   . VAL A 1 18  ? -11.519 -6.087  -2.436  1.00 16.80 ? 207 VAL A O   1 
ATOM   111  C CB  . VAL A 1 18  ? -8.532  -7.493  -2.181  1.00 17.09 ? 207 VAL A CB  1 
ATOM   112  C CG1 . VAL A 1 18  ? -9.208  -8.014  -3.450  1.00 18.98 ? 207 VAL A CG1 1 
ATOM   113  C CG2 . VAL A 1 18  ? -7.072  -7.174  -2.473  1.00 19.75 ? 207 VAL A CG2 1 
ATOM   114  N N   . THR A 1 19  ? -11.170 -7.174  -0.521  1.00 20.29 ? 208 THR A N   1 
ATOM   115  C CA  . THR A 1 19  ? -12.585 -7.469  -0.341  1.00 21.58 ? 208 THR A CA  1 
ATOM   116  C C   . THR A 1 19  ? -13.406 -6.188  -0.170  1.00 21.14 ? 208 THR A C   1 
ATOM   117  O O   . THR A 1 19  ? -14.438 -6.011  -0.814  1.00 22.00 ? 208 THR A O   1 
ATOM   118  C CB  . THR A 1 19  ? -12.787 -8.388  0.881   1.00 21.98 ? 208 THR A CB  1 
ATOM   119  O OG1 . THR A 1 19  ? -12.172 -9.656  0.623   1.00 22.05 ? 208 THR A OG1 1 
ATOM   120  C CG2 . THR A 1 19  ? -14.255 -8.597  1.169   1.00 22.47 ? 208 THR A CG2 1 
ATOM   121  N N   . LEU A 1 20  ? -12.941 -5.287  0.687   1.00 22.89 ? 209 LEU A N   1 
ATOM   122  C CA  . LEU A 1 20  ? -13.659 -4.037  0.923   1.00 21.87 ? 209 LEU A CA  1 
ATOM   123  C C   . LEU A 1 20  ? -13.759 -3.160  -0.324  1.00 21.55 ? 209 LEU A C   1 
ATOM   124  O O   . LEU A 1 20  ? -14.821 -2.629  -0.631  1.00 22.66 ? 209 LEU A O   1 
ATOM   125  C CB  . LEU A 1 20  ? -12.987 -3.247  2.054   1.00 24.41 ? 209 LEU A CB  1 
ATOM   126  C CG  . LEU A 1 20  ? -13.151 -3.805  3.472   1.00 25.02 ? 209 LEU A CG  1 
ATOM   127  C CD1 . LEU A 1 20  ? -12.161 -3.145  4.432   1.00 25.32 ? 209 LEU A CD1 1 
ATOM   128  C CD2 . LEU A 1 20  ? -14.578 -3.566  3.931   1.00 27.74 ? 209 LEU A CD2 1 
ATOM   129  N N   . VAL A 1 21  ? -12.655 -3.012  -1.045  1.00 22.22 ? 210 VAL A N   1 
ATOM   130  C CA  . VAL A 1 21  ? -12.637 -2.177  -2.245  1.00 23.39 ? 210 VAL A CA  1 
ATOM   131  C C   . VAL A 1 21  ? -13.537 -2.685  -3.376  1.00 25.09 ? 210 VAL A C   1 
ATOM   132  O O   . VAL A 1 21  ? -13.912 -1.928  -4.266  1.00 24.72 ? 210 VAL A O   1 
ATOM   133  C CB  . VAL A 1 21  ? -11.186 -2.004  -2.754  1.00 23.61 ? 210 VAL A CB  1 
ATOM   134  C CG1 . VAL A 1 21  ? -11.171 -1.342  -4.123  1.00 26.45 ? 210 VAL A CG1 1 
ATOM   135  C CG2 . VAL A 1 21  ? -10.404 -1.159  -1.758  1.00 23.74 ? 210 VAL A CG2 1 
ATOM   136  N N   . SER A 1 22  ? -13.908 -3.958  -3.330  1.00 28.32 ? 211 SER A N   1 
ATOM   137  C CA  . SER A 1 22  ? -14.765 -4.520  -4.371  1.00 31.30 ? 211 SER A CA  1 
ATOM   138  C C   . SER A 1 22  ? -16.126 -3.821  -4.460  1.00 33.90 ? 211 SER A C   1 
ATOM   139  O O   . SER A 1 22  ? -16.736 -3.769  -5.530  1.00 34.70 ? 211 SER A O   1 
ATOM   140  C CB  . SER A 1 22  ? -14.986 -6.012  -4.126  1.00 31.87 ? 211 SER A CB  1 
ATOM   141  O OG  . SER A 1 22  ? -15.788 -6.223  -2.976  1.00 34.44 ? 211 SER A OG  1 
ATOM   142  N N   . MET A 1 23  ? -16.595 -3.279  -3.339  1.00 34.92 ? 212 MET A N   1 
ATOM   143  C CA  . MET A 1 23  ? -17.894 -2.607  -3.293  1.00 34.66 ? 212 MET A CA  1 
ATOM   144  C C   . MET A 1 23  ? -17.917 -1.205  -3.899  1.00 36.34 ? 212 MET A C   1 
ATOM   145  O O   . MET A 1 23  ? -18.988 -0.677  -4.212  1.00 36.13 ? 212 MET A O   1 
ATOM   146  C CB  . MET A 1 23  ? -18.395 -2.534  -1.844  1.00 35.47 ? 212 MET A CB  1 
ATOM   147  C CG  . MET A 1 23  ? -18.489 -3.881  -1.148  1.00 35.23 ? 212 MET A CG  1 
ATOM   148  S SD  . MET A 1 23  ? -19.278 -3.786  0.484   1.00 33.22 ? 212 MET A SD  1 
ATOM   149  C CE  . MET A 1 23  ? -17.918 -3.224  1.488   1.00 38.31 ? 212 MET A CE  1 
ATOM   150  N N   . GLU A 1 24  ? -16.746 -0.598  -4.066  1.00 36.07 ? 213 GLU A N   1 
ATOM   151  C CA  . GLU A 1 24  ? -16.678 0.746   -4.629  1.00 36.63 ? 213 GLU A CA  1 
ATOM   152  C C   . GLU A 1 24  ? -15.949 0.795   -5.967  1.00 36.43 ? 213 GLU A C   1 
ATOM   153  O O   . GLU A 1 24  ? -15.805 1.866   -6.557  1.00 36.86 ? 213 GLU A O   1 
ATOM   154  C CB  . GLU A 1 24  ? -15.994 1.692   -3.639  1.00 38.51 ? 213 GLU A CB  1 
ATOM   155  C CG  . GLU A 1 24  ? -14.547 1.333   -3.335  1.00 39.57 ? 213 GLU A CG  1 
ATOM   156  C CD  . GLU A 1 24  ? -13.943 2.218   -2.260  1.00 41.12 ? 213 GLU A CD  1 
ATOM   157  O OE1 . GLU A 1 24  ? -13.954 3.456   -2.431  1.00 42.37 ? 213 GLU A OE1 1 
ATOM   158  O OE2 . GLU A 1 24  ? -13.458 1.675   -1.245  1.00 41.61 ? 213 GLU A OE2 1 
ATOM   159  N N   . LEU A 1 25  ? -15.489 -0.359  -6.443  1.00 36.04 ? 214 LEU A N   1 
ATOM   160  C CA  . LEU A 1 25  ? -14.768 -0.426  -7.712  1.00 35.66 ? 214 LEU A CA  1 
ATOM   161  C C   . LEU A 1 25  ? -15.649 -0.248  -8.936  1.00 34.25 ? 214 LEU A C   1 
ATOM   162  O O   . LEU A 1 25  ? -16.585 -1.016  -9.155  1.00 34.40 ? 214 LEU A O   1 
ATOM   163  C CB  . LEU A 1 25  ? -14.029 -1.758  -7.848  1.00 35.93 ? 214 LEU A CB  1 
ATOM   164  C CG  . LEU A 1 25  ? -12.661 -1.929  -7.193  1.00 37.22 ? 214 LEU A CG  1 
ATOM   165  C CD1 . LEU A 1 25  ? -12.069 -3.259  -7.635  1.00 38.05 ? 214 LEU A CD1 1 
ATOM   166  C CD2 . LEU A 1 25  ? -11.736 -0.791  -7.603  1.00 37.52 ? 214 LEU A CD2 1 
ATOM   167  N N   . PRO A 1 26  ? -15.357 0.773   -9.754  1.00 33.62 ? 215 PRO A N   1 
ATOM   168  C CA  . PRO A 1 26  ? -16.124 1.045   -10.971 1.00 31.43 ? 215 PRO A CA  1 
ATOM   169  C C   . PRO A 1 26  ? -16.012 -0.154  -11.910 1.00 29.20 ? 215 PRO A C   1 
ATOM   170  O O   . PRO A 1 26  ? -15.081 -0.954  -11.794 1.00 26.71 ? 215 PRO A O   1 
ATOM   171  C CB  . PRO A 1 26  ? -15.437 2.282   -11.543 1.00 32.80 ? 215 PRO A CB  1 
ATOM   172  C CG  . PRO A 1 26  ? -14.912 2.972   -10.318 1.00 33.77 ? 215 PRO A CG  1 
ATOM   173  C CD  . PRO A 1 26  ? -14.352 1.825   -9.526  1.00 33.15 ? 215 PRO A CD  1 
ATOM   174  N N   . ASP A 1 27  ? -16.951 -0.268  -12.844 1.00 29.20 ? 216 ASP A N   1 
ATOM   175  C CA  . ASP A 1 27  ? -16.954 -1.373  -13.796 1.00 29.98 ? 216 ASP A CA  1 
ATOM   176  C C   . ASP A 1 27  ? -15.712 -1.382  -14.684 1.00 27.78 ? 216 ASP A C   1 
ATOM   177  O O   . ASP A 1 27  ? -15.291 -2.435  -15.161 1.00 27.10 ? 216 ASP A O   1 
ATOM   178  C CB  . ASP A 1 27  ? -18.203 -1.304  -14.686 1.00 33.77 ? 216 ASP A CB  1 
ATOM   179  C CG  . ASP A 1 27  ? -19.494 -1.417  -13.895 1.00 37.95 ? 216 ASP A CG  1 
ATOM   180  O OD1 . ASP A 1 27  ? -19.677 -2.439  -13.200 1.00 39.49 ? 216 ASP A OD1 1 
ATOM   181  O OD2 . ASP A 1 27  ? -20.326 -0.485  -13.973 1.00 40.49 ? 216 ASP A OD2 1 
ATOM   182  N N   . ASN A 1 28  ? -15.129 -0.207  -14.901 1.00 26.60 ? 217 ASN A N   1 
ATOM   183  C CA  . ASN A 1 28  ? -13.950 -0.085  -15.750 1.00 26.20 ? 217 ASN A CA  1 
ATOM   184  C C   . ASN A 1 28  ? -12.627 0.029   -14.999 1.00 27.27 ? 217 ASN A C   1 
ATOM   185  O O   . ASN A 1 28  ? -11.666 0.609   -15.511 1.00 27.33 ? 217 ASN A O   1 
ATOM   186  C CB  . ASN A 1 28  ? -14.109 1.110   -16.695 1.00 27.26 ? 217 ASN A CB  1 
ATOM   187  C CG  . ASN A 1 28  ? -14.146 2.430   -15.960 1.00 28.66 ? 217 ASN A CG  1 
ATOM   188  O OD1 . ASN A 1 28  ? -14.208 2.470   -14.731 1.00 30.83 ? 217 ASN A OD1 1 
ATOM   189  N ND2 . ASN A 1 28  ? -14.116 3.523   -16.711 1.00 28.29 ? 217 ASN A ND2 1 
ATOM   190  N N   . VAL A 1 29  ? -12.582 -0.516  -13.786 1.00 26.96 ? 218 VAL A N   1 
ATOM   191  C CA  . VAL A 1 29  ? -11.365 -0.506  -12.978 1.00 27.21 ? 218 VAL A CA  1 
ATOM   192  C C   . VAL A 1 29  ? -11.158 -1.903  -12.429 1.00 27.99 ? 218 VAL A C   1 
ATOM   193  O O   . VAL A 1 29  ? -12.077 -2.512  -11.878 1.00 29.34 ? 218 VAL A O   1 
ATOM   194  C CB  . VAL A 1 29  ? -11.446 0.479   -11.788 1.00 26.50 ? 218 VAL A CB  1 
ATOM   195  C CG1 . VAL A 1 29  ? -10.208 0.319   -10.905 1.00 24.51 ? 218 VAL A CG1 1 
ATOM   196  C CG2 . VAL A 1 29  ? -11.535 1.908   -12.295 1.00 26.58 ? 218 VAL A CG2 1 
ATOM   197  N N   . ARG A 1 30  ? -9.945  -2.414  -12.590 1.00 28.21 ? 219 ARG A N   1 
ATOM   198  C CA  . ARG A 1 30  ? -9.605  -3.741  -12.119 1.00 29.85 ? 219 ARG A CA  1 
ATOM   199  C C   . ARG A 1 30  ? -8.516  -3.628  -11.058 1.00 29.00 ? 219 ARG A C   1 
ATOM   200  O O   . ARG A 1 30  ? -7.604  -2.804  -11.175 1.00 29.70 ? 219 ARG A O   1 
ATOM   201  C CB  . ARG A 1 30  ? -9.118  -4.589  -13.294 1.00 31.44 ? 219 ARG A CB  1 
ATOM   202  C CG  . ARG A 1 30  ? -8.895  -5.930  -12.908 1.00 36.71 ? 219 ARG A CG  1 
ATOM   203  N N   . LEU A 1 31  ? -8.632  -4.439  -10.015 1.00 28.91 ? 220 LEU A N   1 
ATOM   204  C CA  . LEU A 1 31  ? -7.661  -4.457  -8.927  1.00 29.40 ? 220 LEU A CA  1 
ATOM   205  C C   . LEU A 1 31  ? -6.912  -5.783  -9.017  1.00 29.62 ? 220 LEU A C   1 
ATOM   206  O O   . LEU A 1 31  ? -7.519  -6.848  -8.923  1.00 31.37 ? 220 LEU A O   1 
ATOM   207  C CB  . LEU A 1 31  ? -8.383  -4.344  -7.576  1.00 29.39 ? 220 LEU A CB  1 
ATOM   208  C CG  . LEU A 1 31  ? -7.542  -4.281  -6.294  1.00 31.88 ? 220 LEU A CG  1 
ATOM   209  C CD1 . LEU A 1 31  ? -6.675  -3.036  -6.291  1.00 30.23 ? 220 LEU A CD1 1 
ATOM   210  C CD2 . LEU A 1 31  ? -8.465  -4.270  -5.084  1.00 31.83 ? 220 LEU A CD2 1 
ATOM   211  N N   . ILE A 1 32  ? -5.599  -5.730  -9.219  1.00 28.98 ? 221 ILE A N   1 
ATOM   212  C CA  . ILE A 1 32  ? -4.827  -6.963  -9.320  1.00 29.18 ? 221 ILE A CA  1 
ATOM   213  C C   . ILE A 1 32  ? -3.798  -7.115  -8.204  1.00 27.84 ? 221 ILE A C   1 
ATOM   214  O O   . ILE A 1 32  ? -3.312  -6.127  -7.652  1.00 28.18 ? 221 ILE A O   1 
ATOM   215  C CB  . ILE A 1 32  ? -4.109  -7.078  -10.688 1.00 32.10 ? 221 ILE A CB  1 
ATOM   216  C CG1 . ILE A 1 32  ? -3.059  -5.984  -10.826 1.00 34.49 ? 221 ILE A CG1 1 
ATOM   217  C CG2 . ILE A 1 32  ? -5.128  -6.971  -11.819 1.00 32.68 ? 221 ILE A CG2 1 
ATOM   218  C CD1 . ILE A 1 32  ? -2.238  -6.090  -12.097 1.00 37.16 ? 221 ILE A CD1 1 
ATOM   219  N N   . ARG A 1 33  ? -3.485  -8.364  -7.873  1.00 26.98 ? 222 ARG A N   1 
ATOM   220  C CA  . ARG A 1 33  ? -2.520  -8.682  -6.829  1.00 24.41 ? 222 ARG A CA  1 
ATOM   221  C C   . ARG A 1 33  ? -1.149  -9.008  -7.404  1.00 26.01 ? 222 ARG A C   1 
ATOM   222  O O   . ARG A 1 33  ? -1.037  -9.604  -8.475  1.00 26.17 ? 222 ARG A O   1 
ATOM   223  C CB  . ARG A 1 33  ? -2.953  -9.913  -6.035  1.00 24.81 ? 222 ARG A CB  1 
ATOM   224  C CG  . ARG A 1 33  ? -4.353  -9.917  -5.470  1.00 22.44 ? 222 ARG A CG  1 
ATOM   225  C CD  . ARG A 1 33  ? -4.569  -11.263 -4.787  1.00 23.83 ? 222 ARG A CD  1 
ATOM   226  N NE  . ARG A 1 33  ? -5.882  -11.392 -4.169  1.00 21.04 ? 222 ARG A NE  1 
ATOM   227  C CZ  . ARG A 1 33  ? -6.993  -11.706 -4.826  1.00 22.45 ? 222 ARG A CZ  1 
ATOM   228  N NH1 . ARG A 1 33  ? -6.953  -11.931 -6.136  1.00 22.86 ? 222 ARG A NH1 1 
ATOM   229  N NH2 . ARG A 1 33  ? -8.144  -11.788 -4.174  1.00 23.29 ? 222 ARG A NH2 1 
ATOM   230  N N   . ASP A 1 34  ? -0.107  -8.614  -6.682  1.00 24.65 ? 223 ASP A N   1 
ATOM   231  C CA  . ASP A 1 34  ? 1.262   -8.929  -7.069  1.00 24.09 ? 223 ASP A CA  1 
ATOM   232  C C   . ASP A 1 34  ? 1.996   -9.107  -5.751  1.00 25.11 ? 223 ASP A C   1 
ATOM   233  O O   . ASP A 1 34  ? 2.827   -8.288  -5.369  1.00 24.97 ? 223 ASP A O   1 
ATOM   234  C CB  . ASP A 1 34  ? 1.899   -7.808  -7.891  1.00 26.87 ? 223 ASP A CB  1 
ATOM   235  C CG  . ASP A 1 34  ? 3.306   -8.159  -8.359  1.00 27.36 ? 223 ASP A CG  1 
ATOM   236  O OD1 . ASP A 1 34  ? 3.773   -9.283  -8.068  1.00 28.94 ? 223 ASP A OD1 1 
ATOM   237  O OD2 . ASP A 1 34  ? 3.949   -7.314  -9.015  1.00 30.20 ? 223 ASP A OD2 1 
ATOM   238  N N   . TYR A 1 35  ? 1.664   -10.190 -5.056  1.00 23.49 ? 224 TYR A N   1 
ATOM   239  C CA  . TYR A 1 35  ? 2.248   -10.486 -3.756  1.00 23.02 ? 224 TYR A CA  1 
ATOM   240  C C   . TYR A 1 35  ? 3.565   -11.245 -3.789  1.00 24.43 ? 224 TYR A C   1 
ATOM   241  O O   . TYR A 1 35  ? 3.852   -12.002 -4.719  1.00 24.85 ? 224 TYR A O   1 
ATOM   242  C CB  . TYR A 1 35  ? 1.262   -11.282 -2.898  1.00 21.08 ? 224 TYR A CB  1 
ATOM   243  C CG  . TYR A 1 35  ? -0.078  -10.623 -2.672  1.00 22.73 ? 224 TYR A CG  1 
ATOM   244  C CD1 . TYR A 1 35  ? -0.234  -9.242  -2.791  1.00 20.77 ? 224 TYR A CD1 1 
ATOM   245  C CD2 . TYR A 1 35  ? -1.177  -11.377 -2.273  1.00 21.89 ? 224 TYR A CD2 1 
ATOM   246  C CE1 . TYR A 1 35  ? -1.455  -8.629  -2.513  1.00 19.45 ? 224 TYR A CE1 1 
ATOM   247  C CE2 . TYR A 1 35  ? -2.393  -10.782 -1.993  1.00 20.63 ? 224 TYR A CE2 1 
ATOM   248  C CZ  . TYR A 1 35  ? -2.530  -9.411  -2.110  1.00 20.84 ? 224 TYR A CZ  1 
ATOM   249  O OH  . TYR A 1 35  ? -3.734  -8.824  -1.818  1.00 19.59 ? 224 TYR A OH  1 
ATOM   250  N N   . ASP A 1 36  ? 4.361   -11.031 -2.747  1.00 23.72 ? 225 ASP A N   1 
ATOM   251  C CA  . ASP A 1 36  ? 5.645   -11.698 -2.589  1.00 23.57 ? 225 ASP A CA  1 
ATOM   252  C C   . ASP A 1 36  ? 5.439   -12.704 -1.458  1.00 24.11 ? 225 ASP A C   1 
ATOM   253  O O   . ASP A 1 36  ? 5.457   -12.341 -0.283  1.00 22.82 ? 225 ASP A O   1 
ATOM   254  C CB  . ASP A 1 36  ? 6.716   -10.674 -2.208  1.00 24.99 ? 225 ASP A CB  1 
ATOM   255  C CG  . ASP A 1 36  ? 8.075   -11.302 -1.981  1.00 27.42 ? 225 ASP A CG  1 
ATOM   256  O OD1 . ASP A 1 36  ? 8.200   -12.540 -2.109  1.00 26.31 ? 225 ASP A OD1 1 
ATOM   257  O OD2 . ASP A 1 36  ? 9.028   -10.552 -1.670  1.00 26.47 ? 225 ASP A OD2 1 
ATOM   258  N N   . PRO A 1 37  ? 5.234   -13.990 -1.798  1.00 20.79 ? 226 PRO A N   1 
ATOM   259  C CA  . PRO A 1 37  ? 5.017   -15.038 -0.794  1.00 22.10 ? 226 PRO A CA  1 
ATOM   260  C C   . PRO A 1 37  ? 6.147   -15.241 0.209   1.00 21.51 ? 226 PRO A C   1 
ATOM   261  O O   . PRO A 1 37  ? 5.945   -15.840 1.264   1.00 21.84 ? 226 PRO A O   1 
ATOM   262  C CB  . PRO A 1 37  ? 4.793   -16.293 -1.644  1.00 21.87 ? 226 PRO A CB  1 
ATOM   263  C CG  . PRO A 1 37  ? 4.259   -15.751 -2.919  1.00 22.36 ? 226 PRO A CG  1 
ATOM   264  C CD  . PRO A 1 37  ? 5.127   -14.545 -3.155  1.00 23.75 ? 226 PRO A CD  1 
ATOM   265  N N   . SER A 1 38  ? 7.341   -14.758 -0.119  1.00 22.60 ? 227 SER A N   1 
ATOM   266  C CA  . SER A 1 38  ? 8.477   -14.916 0.781   1.00 23.37 ? 227 SER A CA  1 
ATOM   267  C C   . SER A 1 38  ? 8.517   -13.831 1.856   1.00 24.72 ? 227 SER A C   1 
ATOM   268  O O   . SER A 1 38  ? 9.365   -13.855 2.743   1.00 24.12 ? 227 SER A O   1 
ATOM   269  C CB  . SER A 1 38  ? 9.784   -14.895 -0.014  1.00 25.24 ? 227 SER A CB  1 
ATOM   270  O OG  . SER A 1 38  ? 10.006  -13.619 -0.586  1.00 29.69 ? 227 SER A OG  1 
ATOM   271  N N   . LEU A 1 39  ? 7.591   -12.884 1.784   1.00 24.92 ? 228 LEU A N   1 
ATOM   272  C CA  . LEU A 1 39  ? 7.557   -11.812 2.770   1.00 26.33 ? 228 LEU A CA  1 
ATOM   273  C C   . LEU A 1 39  ? 7.254   -12.412 4.143   1.00 27.11 ? 228 LEU A C   1 
ATOM   274  O O   . LEU A 1 39  ? 6.292   -13.162 4.304   1.00 28.23 ? 228 LEU A O   1 
ATOM   275  C CB  . LEU A 1 39  ? 6.490   -10.786 2.380   1.00 26.62 ? 228 LEU A CB  1 
ATOM   276  C CG  . LEU A 1 39  ? 6.486   -9.392  3.012   1.00 30.17 ? 228 LEU A CG  1 
ATOM   277  C CD1 . LEU A 1 39  ? 7.824   -8.697  2.810   1.00 29.24 ? 228 LEU A CD1 1 
ATOM   278  C CD2 . LEU A 1 39  ? 5.370   -8.588  2.372   1.00 30.33 ? 228 LEU A CD2 1 
ATOM   279  N N   . PRO A 1 40  ? 8.092   -12.108 5.147   1.00 28.12 ? 229 PRO A N   1 
ATOM   280  C CA  . PRO A 1 40  ? 7.915   -12.616 6.512   1.00 28.54 ? 229 PRO A CA  1 
ATOM   281  C C   . PRO A 1 40  ? 6.732   -11.954 7.215   1.00 28.24 ? 229 PRO A C   1 
ATOM   282  O O   . PRO A 1 40  ? 6.286   -10.886 6.806   1.00 27.47 ? 229 PRO A O   1 
ATOM   283  C CB  . PRO A 1 40  ? 9.238   -12.254 7.192   1.00 29.67 ? 229 PRO A CB  1 
ATOM   284  C CG  . PRO A 1 40  ? 10.210  -12.160 6.054   1.00 30.37 ? 229 PRO A CG  1 
ATOM   285  C CD  . PRO A 1 40  ? 9.402   -11.455 5.004   1.00 28.31 ? 229 PRO A CD  1 
ATOM   286  N N   . GLU A 1 41  ? 6.221   -12.592 8.264   1.00 29.41 ? 230 GLU A N   1 
ATOM   287  C CA  . GLU A 1 41  ? 5.125   -12.009 9.023   1.00 30.65 ? 230 GLU A CA  1 
ATOM   288  C C   . GLU A 1 41  ? 5.760   -10.859 9.789   1.00 29.86 ? 230 GLU A C   1 
ATOM   289  O O   . GLU A 1 41  ? 6.960   -10.884 10.062  1.00 30.29 ? 230 GLU A O   1 
ATOM   290  C CB  . GLU A 1 41  ? 4.529   -13.028 9.996   1.00 33.43 ? 230 GLU A CB  1 
ATOM   291  C CG  . GLU A 1 41  ? 3.896   -14.225 9.312   1.00 37.91 ? 230 GLU A CG  1 
ATOM   292  C CD  . GLU A 1 41  ? 3.189   -15.145 10.284  1.00 39.93 ? 230 GLU A CD  1 
ATOM   293  O OE1 . GLU A 1 41  ? 3.848   -15.653 11.217  1.00 42.50 ? 230 GLU A OE1 1 
ATOM   294  O OE2 . GLU A 1 41  ? 1.972   -15.365 10.113  1.00 42.36 ? 230 GLU A OE2 1 
ATOM   295  N N   . LEU A 1 42  ? 4.976   -9.843  10.124  1.00 28.23 ? 231 LEU A N   1 
ATOM   296  C CA  . LEU A 1 42  ? 5.534   -8.707  10.844  1.00 27.27 ? 231 LEU A CA  1 
ATOM   297  C C   . LEU A 1 42  ? 4.542   -8.123  11.832  1.00 24.47 ? 231 LEU A C   1 
ATOM   298  O O   . LEU A 1 42  ? 3.330   -8.267  11.676  1.00 23.56 ? 231 LEU A O   1 
ATOM   299  C CB  . LEU A 1 42  ? 5.976   -7.617  9.860   1.00 28.95 ? 231 LEU A CB  1 
ATOM   300  C CG  . LEU A 1 42  ? 4.867   -6.836  9.139   1.00 30.45 ? 231 LEU A CG  1 
ATOM   301  C CD1 . LEU A 1 42  ? 5.481   -5.724  8.307   1.00 31.91 ? 231 LEU A CD1 1 
ATOM   302  C CD2 . LEU A 1 42  ? 4.056   -7.771  8.264   1.00 31.14 ? 231 LEU A CD2 1 
ATOM   303  N N   . ALA A 1 43  ? 5.073   -7.470  12.858  1.00 24.22 ? 232 ALA A N   1 
ATOM   304  C CA  . ALA A 1 43  ? 4.246   -6.848  13.875  1.00 23.44 ? 232 ALA A CA  1 
ATOM   305  C C   . ALA A 1 43  ? 3.610   -5.590  13.301  1.00 22.78 ? 232 ALA A C   1 
ATOM   306  O O   . ALA A 1 43  ? 4.291   -4.732  12.743  1.00 22.03 ? 232 ALA A O   1 
ATOM   307  C CB  . ALA A 1 43  ? 5.088   -6.491  15.091  1.00 23.78 ? 232 ALA A CB  1 
ATOM   308  N N   . HIS A 1 44  ? 2.299   -5.493  13.441  1.00 21.34 ? 233 HIS A N   1 
ATOM   309  C CA  . HIS A 1 44  ? 1.569   -4.335  12.953  1.00 21.13 ? 233 HIS A CA  1 
ATOM   310  C C   . HIS A 1 44  ? 0.159   -4.368  13.497  1.00 21.35 ? 233 HIS A C   1 
ATOM   311  O O   . HIS A 1 44  ? -0.298  -5.388  14.016  1.00 20.93 ? 233 HIS A O   1 
ATOM   312  C CB  . HIS A 1 44  ? 1.535   -4.317  11.415  1.00 21.21 ? 233 HIS A CB  1 
ATOM   313  C CG  . HIS A 1 44  ? 0.781   -5.463  10.806  1.00 20.63 ? 233 HIS A CG  1 
ATOM   314  N ND1 . HIS A 1 44  ? 1.251   -6.759  10.828  1.00 19.52 ? 233 HIS A ND1 1 
ATOM   315  C CD2 . HIS A 1 44  ? -0.402  -5.503  10.148  1.00 20.40 ? 233 HIS A CD2 1 
ATOM   316  C CE1 . HIS A 1 44  ? 0.392   -7.546  10.208  1.00 18.86 ? 233 HIS A CE1 1 
ATOM   317  N NE2 . HIS A 1 44  ? -0.621  -6.811  9.785   1.00 19.44 ? 233 HIS A NE2 1 
ATOM   318  N N   . ASP A 1 45  ? -0.520  -3.230  13.409  1.00 18.50 ? 234 ASP A N   1 
ATOM   319  C CA  . ASP A 1 45  ? -1.899  -3.123  13.849  1.00 20.85 ? 234 ASP A CA  1 
ATOM   320  C C   . ASP A 1 45  ? -2.728  -3.306  12.583  1.00 20.79 ? 234 ASP A C   1 
ATOM   321  O O   . ASP A 1 45  ? -2.870  -2.374  11.789  1.00 21.34 ? 234 ASP A O   1 
ATOM   322  C CB  . ASP A 1 45  ? -2.147  -1.739  14.436  1.00 22.91 ? 234 ASP A CB  1 
ATOM   323  C CG  . ASP A 1 45  ? -3.533  -1.592  15.015  1.00 25.36 ? 234 ASP A CG  1 
ATOM   324  O OD1 . ASP A 1 45  ? -4.509  -2.029  14.368  1.00 26.19 ? 234 ASP A OD1 1 
ATOM   325  O OD2 . ASP A 1 45  ? -3.645  -1.020  16.119  1.00 30.06 ? 234 ASP A OD2 1 
ATOM   326  N N   . PRO A 1 46  ? -3.277  -4.511  12.369  1.00 19.78 ? 235 PRO A N   1 
ATOM   327  C CA  . PRO A 1 46  ? -4.083  -4.778  11.175  1.00 20.67 ? 235 PRO A CA  1 
ATOM   328  C C   . PRO A 1 46  ? -5.145  -3.726  10.873  1.00 20.96 ? 235 PRO A C   1 
ATOM   329  O O   . PRO A 1 46  ? -5.305  -3.318  9.728   1.00 21.23 ? 235 PRO A O   1 
ATOM   330  C CB  . PRO A 1 46  ? -4.687  -6.153  11.468  1.00 21.20 ? 235 PRO A CB  1 
ATOM   331  C CG  . PRO A 1 46  ? -3.618  -6.801  12.285  1.00 21.97 ? 235 PRO A CG  1 
ATOM   332  C CD  . PRO A 1 46  ? -3.218  -5.700  13.237  1.00 21.17 ? 235 PRO A CD  1 
ATOM   333  N N   . ASP A 1 47  ? -5.877  -3.299  11.895  1.00 21.42 ? 236 ASP A N   1 
ATOM   334  C CA  . ASP A 1 47  ? -6.917  -2.300  11.697  1.00 22.92 ? 236 ASP A CA  1 
ATOM   335  C C   . ASP A 1 47  ? -6.356  -1.010  11.121  1.00 20.33 ? 236 ASP A C   1 
ATOM   336  O O   . ASP A 1 47  ? -6.941  -0.419  10.213  1.00 20.41 ? 236 ASP A O   1 
ATOM   337  C CB  . ASP A 1 47  ? -7.625  -2.009  13.019  1.00 26.24 ? 236 ASP A CB  1 
ATOM   338  C CG  . ASP A 1 47  ? -8.641  -3.071  13.380  1.00 30.39 ? 236 ASP A CG  1 
ATOM   339  O OD1 . ASP A 1 47  ? -8.544  -4.201  12.856  1.00 32.94 ? 236 ASP A OD1 1 
ATOM   340  O OD2 . ASP A 1 47  ? -9.537  -2.773  14.199  1.00 34.47 ? 236 ASP A OD2 1 
ATOM   341  N N   . GLN A 1 48  ? -5.223  -0.576  11.659  1.00 18.45 ? 237 GLN A N   1 
ATOM   342  C CA  . GLN A 1 48  ? -4.586  0.644   11.187  1.00 17.79 ? 237 GLN A CA  1 
ATOM   343  C C   . GLN A 1 48  ? -4.032  0.498   9.773   1.00 16.35 ? 237 GLN A C   1 
ATOM   344  O O   . GLN A 1 48  ? -4.219  1.388   8.946   1.00 15.27 ? 237 GLN A O   1 
ATOM   345  C CB  . GLN A 1 48  ? -3.473  1.063   12.140  1.00 16.24 ? 237 GLN A CB  1 
ATOM   346  C CG  . GLN A 1 48  ? -3.973  1.445   13.532  1.00 21.59 ? 237 GLN A CG  1 
ATOM   347  C CD  . GLN A 1 48  ? -2.909  2.115   14.375  1.00 21.96 ? 237 GLN A CD  1 
ATOM   348  O OE1 . GLN A 1 48  ? -1.730  1.785   14.291  1.00 21.60 ? 237 GLN A OE1 1 
ATOM   349  N NE2 . GLN A 1 48  ? -3.331  3.056   15.218  1.00 25.08 ? 237 GLN A NE2 1 
ATOM   350  N N   . ILE A 1 49  ? -3.360  -0.618  9.485   1.00 16.02 ? 238 ILE A N   1 
ATOM   351  C CA  . ILE A 1 49  ? -2.812  -0.813  8.141   1.00 16.27 ? 238 ILE A CA  1 
ATOM   352  C C   . ILE A 1 49  ? -3.934  -0.928  7.111   1.00 14.93 ? 238 ILE A C   1 
ATOM   353  O O   . ILE A 1 49  ? -3.783  -0.509  5.965   1.00 13.44 ? 238 ILE A O   1 
ATOM   354  C CB  . ILE A 1 49  ? -1.874  -2.049  8.087   1.00 16.06 ? 238 ILE A CB  1 
ATOM   355  C CG1 . ILE A 1 49  ? -0.716  -1.859  9.078   1.00 16.03 ? 238 ILE A CG1 1 
ATOM   356  C CG2 . ILE A 1 49  ? -1.340  -2.255  6.665   1.00 15.79 ? 238 ILE A CG2 1 
ATOM   357  C CD1 . ILE A 1 49  ? -0.008  -0.491  8.962   1.00 16.62 ? 238 ILE A CD1 1 
ATOM   358  N N   . GLU A 1 50  ? -5.072  -1.486  7.516   1.00 15.61 ? 239 GLU A N   1 
ATOM   359  C CA  . GLU A 1 50  ? -6.221  -1.579  6.622   1.00 16.49 ? 239 GLU A CA  1 
ATOM   360  C C   . GLU A 1 50  ? -6.660  -0.167  6.218   1.00 14.04 ? 239 GLU A C   1 
ATOM   361  O O   . GLU A 1 50  ? -6.918  0.103   5.045   1.00 14.17 ? 239 GLU A O   1 
ATOM   362  C CB  . GLU A 1 50  ? -7.387  -2.280  7.328   1.00 18.18 ? 239 GLU A CB  1 
ATOM   363  C CG  . GLU A 1 50  ? -8.649  -2.404  6.473   1.00 22.92 ? 239 GLU A CG  1 
ATOM   364  C CD  . GLU A 1 50  ? -9.847  -2.892  7.270   1.00 25.86 ? 239 GLU A CD  1 
ATOM   365  O OE1 . GLU A 1 50  ? -10.578 -2.047  7.834   1.00 25.65 ? 239 GLU A OE1 1 
ATOM   366  O OE2 . GLU A 1 50  ? -10.050 -4.123  7.344   1.00 28.37 ? 239 GLU A OE2 1 
ATOM   367  N N   . GLN A 1 51  ? -6.754  0.728   7.202   1.00 14.50 ? 240 GLN A N   1 
ATOM   368  C CA  . GLN A 1 51  ? -7.162  2.107   6.956   1.00 15.85 ? 240 GLN A CA  1 
ATOM   369  C C   . GLN A 1 51  ? -6.123  2.811   6.070   1.00 14.08 ? 240 GLN A C   1 
ATOM   370  O O   . GLN A 1 51  ? -6.472  3.606   5.205   1.00 15.89 ? 240 GLN A O   1 
ATOM   371  C CB  . GLN A 1 51  ? -7.333  2.844   8.291   1.00 17.78 ? 240 GLN A CB  1 
ATOM   372  C CG  . GLN A 1 51  ? -7.797  4.290   8.172   1.00 20.70 ? 240 GLN A CG  1 
ATOM   373  C CD  . GLN A 1 51  ? -9.209  4.464   7.605   1.00 23.41 ? 240 GLN A CD  1 
ATOM   374  O OE1 . GLN A 1 51  ? -9.611  5.582   7.289   1.00 23.92 ? 240 GLN A OE1 1 
ATOM   375  N NE2 . GLN A 1 51  ? -9.961  3.373   7.483   1.00 23.47 ? 240 GLN A NE2 1 
ATOM   376  N N   . VAL A 1 52  ? -4.848  2.520   6.298   1.00 14.72 ? 241 VAL A N   1 
ATOM   377  C CA  . VAL A 1 52  ? -3.791  3.108   5.475   1.00 13.95 ? 241 VAL A CA  1 
ATOM   378  C C   . VAL A 1 52  ? -4.013  2.739   4.009   1.00 13.59 ? 241 VAL A C   1 
ATOM   379  O O   . VAL A 1 52  ? -4.096  3.610   3.142   1.00 12.92 ? 241 VAL A O   1 
ATOM   380  C CB  . VAL A 1 52  ? -2.394  2.590   5.896   1.00 12.75 ? 241 VAL A CB  1 
ATOM   381  C CG1 . VAL A 1 52  ? -1.342  2.972   4.839   1.00 13.89 ? 241 VAL A CG1 1 
ATOM   382  C CG2 . VAL A 1 52  ? -2.021  3.157   7.261   1.00 14.33 ? 241 VAL A CG2 1 
ATOM   383  N N   . LEU A 1 53  ? -4.119  1.440   3.738   1.00 15.60 ? 242 LEU A N   1 
ATOM   384  C CA  . LEU A 1 53  ? -4.305  0.956   2.373   1.00 15.61 ? 242 LEU A CA  1 
ATOM   385  C C   . LEU A 1 53  ? -5.638  1.353   1.736   1.00 16.65 ? 242 LEU A C   1 
ATOM   386  O O   . LEU A 1 53  ? -5.678  1.670   0.552   1.00 17.33 ? 242 LEU A O   1 
ATOM   387  C CB  . LEU A 1 53  ? -4.095  -0.563  2.329   1.00 16.68 ? 242 LEU A CB  1 
ATOM   388  C CG  . LEU A 1 53  ? -2.684  -1.032  2.718   1.00 16.46 ? 242 LEU A CG  1 
ATOM   389  C CD1 . LEU A 1 53  ? -2.628  -2.551  2.704   1.00 19.89 ? 242 LEU A CD1 1 
ATOM   390  C CD2 . LEU A 1 53  ? -1.644  -0.449  1.747   1.00 18.48 ? 242 LEU A CD2 1 
ATOM   391  N N   . LEU A 1 54  ? -6.728  1.347   2.504   1.00 17.00 ? 243 LEU A N   1 
ATOM   392  C CA  . LEU A 1 54  ? -8.009  1.772   1.957   1.00 18.07 ? 243 LEU A CA  1 
ATOM   393  C C   . LEU A 1 54  ? -7.923  3.216   1.472   1.00 17.60 ? 243 LEU A C   1 
ATOM   394  O O   . LEU A 1 54  ? -8.402  3.549   0.393   1.00 17.82 ? 243 LEU A O   1 
ATOM   395  C CB  . LEU A 1 54  ? -9.116  1.675   3.013   1.00 17.65 ? 243 LEU A CB  1 
ATOM   396  C CG  . LEU A 1 54  ? -9.745  0.315   3.256   1.00 18.81 ? 243 LEU A CG  1 
ATOM   397  C CD1 . LEU A 1 54  ? -10.728 0.423   4.400   1.00 15.09 ? 243 LEU A CD1 1 
ATOM   398  C CD2 . LEU A 1 54  ? -10.438 -0.161  1.988   1.00 15.99 ? 243 LEU A CD2 1 
ATOM   399  N N   . ASN A 1 55  ? -7.313  4.084   2.275   1.00 16.51 ? 244 ASN A N   1 
ATOM   400  C CA  . ASN A 1 55  ? -7.204  5.482   1.885   1.00 19.76 ? 244 ASN A CA  1 
ATOM   401  C C   . ASN A 1 55  ? -6.318  5.683   0.660   1.00 17.38 ? 244 ASN A C   1 
ATOM   402  O O   . ASN A 1 55  ? -6.594  6.535   -0.185  1.00 18.64 ? 244 ASN A O   1 
ATOM   403  C CB  . ASN A 1 55  ? -6.676  6.322   3.050   1.00 19.76 ? 244 ASN A CB  1 
ATOM   404  C CG  . ASN A 1 55  ? -7.775  6.772   3.983   1.00 24.08 ? 244 ASN A CG  1 
ATOM   405  O OD1 . ASN A 1 55  ? -8.727  7.443   3.564   1.00 26.02 ? 244 ASN A OD1 1 
ATOM   406  N ND2 . ASN A 1 55  ? -7.654  6.414   5.254   1.00 20.13 ? 244 ASN A ND2 1 
ATOM   407  N N   . ILE A 1 56  ? -5.248  4.908   0.561   1.00 16.47 ? 245 ILE A N   1 
ATOM   408  C CA  . ILE A 1 56  ? -4.365  5.051   -0.593  1.00 17.16 ? 245 ILE A CA  1 
ATOM   409  C C   . ILE A 1 56  ? -5.063  4.532   -1.855  1.00 17.30 ? 245 ILE A C   1 
ATOM   410  O O   . ILE A 1 56  ? -4.996  5.164   -2.908  1.00 18.01 ? 245 ILE A O   1 
ATOM   411  C CB  . ILE A 1 56  ? -3.037  4.318   -0.335  1.00 15.76 ? 245 ILE A CB  1 
ATOM   412  C CG1 . ILE A 1 56  ? -2.276  5.048   0.785   1.00 17.07 ? 245 ILE A CG1 1 
ATOM   413  C CG2 . ILE A 1 56  ? -2.190  4.274   -1.613  1.00 16.69 ? 245 ILE A CG2 1 
ATOM   414  C CD1 . ILE A 1 56  ? -1.015  4.344   1.244   1.00 19.90 ? 245 ILE A CD1 1 
ATOM   415  N N   . VAL A 1 57  ? -5.752  3.401   -1.742  1.00 18.15 ? 246 VAL A N   1 
ATOM   416  C CA  . VAL A 1 57  ? -6.471  2.842   -2.889  1.00 18.66 ? 246 VAL A CA  1 
ATOM   417  C C   . VAL A 1 57  ? -7.565  3.794   -3.361  1.00 20.30 ? 246 VAL A C   1 
ATOM   418  O O   . VAL A 1 57  ? -7.795  3.934   -4.561  1.00 21.59 ? 246 VAL A O   1 
ATOM   419  C CB  . VAL A 1 57  ? -7.097  1.474   -2.543  1.00 17.80 ? 246 VAL A CB  1 
ATOM   420  C CG1 . VAL A 1 57  ? -8.045  1.023   -3.662  1.00 20.04 ? 246 VAL A CG1 1 
ATOM   421  C CG2 . VAL A 1 57  ? -6.002  0.456   -2.349  1.00 17.31 ? 246 VAL A CG2 1 
ATOM   422  N N   . ARG A 1 58  ? -8.238  4.453   -2.423  1.00 21.24 ? 247 ARG A N   1 
ATOM   423  C CA  . ARG A 1 58  ? -9.285  5.401   -2.794  1.00 22.73 ? 247 ARG A CA  1 
ATOM   424  C C   . ARG A 1 58  ? -8.709  6.610   -3.502  1.00 24.27 ? 247 ARG A C   1 
ATOM   425  O O   . ARG A 1 58  ? -9.359  7.198   -4.368  1.00 25.89 ? 247 ARG A O   1 
ATOM   426  C CB  . ARG A 1 58  ? -10.075 5.824   -1.562  1.00 23.36 ? 247 ARG A CB  1 
ATOM   427  C CG  . ARG A 1 58  ? -11.012 4.739   -1.123  1.00 24.17 ? 247 ARG A CG  1 
ATOM   428  C CD  . ARG A 1 58  ? -11.601 5.011   0.236   1.00 25.26 ? 247 ARG A CD  1 
ATOM   429  N NE  . ARG A 1 58  ? -12.359 3.860   0.695   1.00 25.34 ? 247 ARG A NE  1 
ATOM   430  C CZ  . ARG A 1 58  ? -12.589 3.593   1.970   1.00 23.01 ? 247 ARG A CZ  1 
ATOM   431  N NH1 . ARG A 1 58  ? -12.112 4.404   2.905   1.00 23.62 ? 247 ARG A NH1 1 
ATOM   432  N NH2 . ARG A 1 58  ? -13.278 2.513   2.310   1.00 23.19 ? 247 ARG A NH2 1 
ATOM   433  N N   . ASN A 1 59  ? -7.489  6.987   -3.129  1.00 24.10 ? 248 ASN A N   1 
ATOM   434  C CA  . ASN A 1 59  ? -6.817  8.106   -3.770  1.00 25.76 ? 248 ASN A CA  1 
ATOM   435  C C   . ASN A 1 59  ? -6.516  7.685   -5.206  1.00 24.90 ? 248 ASN A C   1 
ATOM   436  O O   . ASN A 1 59  ? -6.651  8.480   -6.136  1.00 26.14 ? 248 ASN A O   1 
ATOM   437  C CB  . ASN A 1 59  ? -5.508  8.443   -3.049  1.00 23.42 ? 248 ASN A CB  1 
ATOM   438  C CG  . ASN A 1 59  ? -4.731  9.545   -3.742  1.00 28.51 ? 248 ASN A CG  1 
ATOM   439  O OD1 . ASN A 1 59  ? -5.106  10.721  -3.687  1.00 29.97 ? 248 ASN A OD1 1 
ATOM   440  N ND2 . ASN A 1 59  ? -3.649  9.169   -4.412  1.00 25.19 ? 248 ASN A ND2 1 
ATOM   441  N N   . ALA A 1 60  ? -6.112  6.425   -5.374  1.00 26.71 ? 249 ALA A N   1 
ATOM   442  C CA  . ALA A 1 60  ? -5.801  5.875   -6.696  1.00 26.81 ? 249 ALA A CA  1 
ATOM   443  C C   . ALA A 1 60  ? -7.045  5.866   -7.583  1.00 27.82 ? 249 ALA A C   1 
ATOM   444  O O   . ALA A 1 60  ? -6.973  6.174   -8.775  1.00 27.64 ? 249 ALA A O   1 
ATOM   445  C CB  . ALA A 1 60  ? -5.245  4.464   -6.558  1.00 25.30 ? 249 ALA A CB  1 
ATOM   446  N N   . LEU A 1 61  ? -8.186  5.506   -7.004  1.00 27.39 ? 250 LEU A N   1 
ATOM   447  C CA  . LEU A 1 61  ? -9.437  5.487   -7.757  1.00 29.26 ? 250 LEU A CA  1 
ATOM   448  C C   . LEU A 1 61  ? -9.798  6.905   -8.182  1.00 30.78 ? 250 LEU A C   1 
ATOM   449  O O   . LEU A 1 61  ? -10.399 7.116   -9.234  1.00 31.48 ? 250 LEU A O   1 
ATOM   450  C CB  . LEU A 1 61  ? -10.570 4.909   -6.909  1.00 28.57 ? 250 LEU A CB  1 
ATOM   451  C CG  . LEU A 1 61  ? -10.558 3.405   -6.661  1.00 27.20 ? 250 LEU A CG  1 
ATOM   452  C CD1 . LEU A 1 61  ? -11.695 3.051   -5.709  1.00 26.30 ? 250 LEU A CD1 1 
ATOM   453  C CD2 . LEU A 1 61  ? -10.703 2.660   -7.986  1.00 27.91 ? 250 LEU A CD2 1 
ATOM   454  N N   . GLN A 1 62  ? -9.434  7.873   -7.348  1.00 32.06 ? 251 GLN A N   1 
ATOM   455  C CA  . GLN A 1 62  ? -9.698  9.279   -7.632  1.00 35.63 ? 251 GLN A CA  1 
ATOM   456  C C   . GLN A 1 62  ? -8.822  9.753   -8.781  1.00 35.52 ? 251 GLN A C   1 
ATOM   457  O O   . GLN A 1 62  ? -9.247  10.550  -9.617  1.00 35.90 ? 251 GLN A O   1 
ATOM   458  C CB  . GLN A 1 62  ? -9.415  10.132  -6.393  1.00 37.66 ? 251 GLN A CB  1 
ATOM   459  C CG  . GLN A 1 62  ? -10.628 10.388  -5.518  1.00 41.83 ? 251 GLN A CG  1 
ATOM   460  C CD  . GLN A 1 62  ? -11.608 11.349  -6.161  1.00 44.25 ? 251 GLN A CD  1 
ATOM   461  O OE1 . GLN A 1 62  ? -12.097 11.111  -7.266  1.00 46.22 ? 251 GLN A OE1 1 
ATOM   462  N NE2 . GLN A 1 62  ? -11.902 12.445  -5.469  1.00 45.92 ? 251 GLN A NE2 1 
ATOM   463  N N   . ALA A 1 63  ? -7.589  9.261   -8.810  1.00 35.60 ? 252 ALA A N   1 
ATOM   464  C CA  . ALA A 1 63  ? -6.648  9.629   -9.858  1.00 36.07 ? 252 ALA A CA  1 
ATOM   465  C C   . ALA A 1 63  ? -7.138  9.090   -11.197 1.00 36.00 ? 252 ALA A C   1 
ATOM   466  O O   . ALA A 1 63  ? -7.285  9.845   -12.157 1.00 36.48 ? 252 ALA A O   1 
ATOM   467  C CB  . ALA A 1 63  ? -5.265  9.073   -9.541  1.00 36.26 ? 252 ALA A CB  1 
ATOM   468  N N   . LEU A 1 64  ? -7.391  7.784   -11.251 1.00 34.78 ? 253 LEU A N   1 
ATOM   469  C CA  . LEU A 1 64  ? -7.874  7.142   -12.471 1.00 34.33 ? 253 LEU A CA  1 
ATOM   470  C C   . LEU A 1 64  ? -9.074  7.890   -13.039 1.00 35.27 ? 253 LEU A C   1 
ATOM   471  O O   . LEU A 1 64  ? -9.193  8.066   -14.253 1.00 35.83 ? 253 LEU A O   1 
ATOM   472  C CB  . LEU A 1 64  ? -8.267  5.685   -12.197 1.00 31.53 ? 253 LEU A CB  1 
ATOM   473  C CG  . LEU A 1 64  ? -7.141  4.696   -11.891 1.00 31.11 ? 253 LEU A CG  1 
ATOM   474  C CD1 . LEU A 1 64  ? -7.716  3.305   -11.710 1.00 28.40 ? 253 LEU A CD1 1 
ATOM   475  C CD2 . LEU A 1 64  ? -6.134  4.699   -13.027 1.00 27.66 ? 253 LEU A CD2 1 
ATOM   476  N N   . GLY A 1 65  ? -9.963  8.325   -12.153 1.00 36.01 ? 254 GLY A N   1 
ATOM   477  C CA  . GLY A 1 65  ? -11.138 9.057   -12.585 1.00 36.47 ? 254 GLY A CA  1 
ATOM   478  C C   . GLY A 1 65  ? -12.090 8.226   -13.426 1.00 36.36 ? 254 GLY A C   1 
ATOM   479  O O   . GLY A 1 65  ? -12.007 6.997   -13.426 1.00 36.33 ? 254 GLY A O   1 
ATOM   480  N N   . PRO A 1 66  ? -13.006 8.878   -14.159 1.00 36.60 ? 255 PRO A N   1 
ATOM   481  C CA  . PRO A 1 66  ? -14.003 8.238   -15.025 1.00 36.11 ? 255 PRO A CA  1 
ATOM   482  C C   . PRO A 1 66  ? -13.434 7.302   -16.089 1.00 36.29 ? 255 PRO A C   1 
ATOM   483  O O   . PRO A 1 66  ? -14.090 6.340   -16.490 1.00 36.66 ? 255 PRO A O   1 
ATOM   484  C CB  . PRO A 1 66  ? -14.729 9.429   -15.646 1.00 36.08 ? 255 PRO A CB  1 
ATOM   485  C CG  . PRO A 1 66  ? -14.657 10.458  -14.559 1.00 37.26 ? 255 PRO A CG  1 
ATOM   486  C CD  . PRO A 1 66  ? -13.219 10.335  -14.117 1.00 36.66 ? 255 PRO A CD  1 
ATOM   487  N N   . GLU A 1 67  ? -12.221 7.591   -16.548 1.00 35.42 ? 256 GLU A N   1 
ATOM   488  C CA  . GLU A 1 67  ? -11.576 6.781   -17.573 1.00 33.98 ? 256 GLU A CA  1 
ATOM   489  C C   . GLU A 1 67  ? -11.238 5.386   -17.059 1.00 33.37 ? 256 GLU A C   1 
ATOM   490  O O   . GLU A 1 67  ? -11.017 4.461   -17.841 1.00 31.61 ? 256 GLU A O   1 
ATOM   491  C CB  . GLU A 1 67  ? -10.308 7.482   -18.065 1.00 35.05 ? 256 GLU A CB  1 
ATOM   492  C CG  . GLU A 1 67  ? -10.552 8.891   -18.585 0.00 33.88 ? 256 GLU A CG  1 
ATOM   493  C CD  . GLU A 1 67  ? -11.333 8.914   -19.885 0.00 33.68 ? 256 GLU A CD  1 
ATOM   494  O OE1 . GLU A 1 67  ? -12.395 8.258   -19.960 0.00 33.40 ? 256 GLU A OE1 1 
ATOM   495  O OE2 . GLU A 1 67  ? -10.886 9.597   -20.832 0.00 33.40 ? 256 GLU A OE2 1 
ATOM   496  N N   . GLY A 1 68  ? -11.199 5.239   -15.739 1.00 32.55 ? 257 GLY A N   1 
ATOM   497  C CA  . GLY A 1 68  ? -10.896 3.946   -15.154 1.00 30.71 ? 257 GLY A CA  1 
ATOM   498  C C   . GLY A 1 68  ? -9.481  3.477   -15.424 1.00 30.22 ? 257 GLY A C   1 
ATOM   499  O O   . GLY A 1 68  ? -8.622  4.259   -15.835 1.00 30.34 ? 257 GLY A O   1 
ATOM   500  N N   . GLY A 1 69  ? -9.235  2.192   -15.194 1.00 29.21 ? 258 GLY A N   1 
ATOM   501  C CA  . GLY A 1 69  ? -7.910  1.655   -15.417 1.00 28.55 ? 258 GLY A CA  1 
ATOM   502  C C   . GLY A 1 69  ? -7.585  0.447   -14.562 1.00 28.03 ? 258 GLY A C   1 
ATOM   503  O O   . GLY A 1 69  ? -8.435  -0.408  -14.323 1.00 26.68 ? 258 GLY A O   1 
ATOM   504  N N   . GLU A 1 70  ? -6.347  0.390   -14.085 1.00 26.99 ? 259 GLU A N   1 
ATOM   505  C CA  . GLU A 1 70  ? -5.898  -0.733  -13.283 1.00 26.81 ? 259 GLU A CA  1 
ATOM   506  C C   . GLU A 1 70  ? -5.165  -0.276  -12.028 1.00 25.50 ? 259 GLU A C   1 
ATOM   507  O O   . GLU A 1 70  ? -4.424  0.706   -12.047 1.00 23.37 ? 259 GLU A O   1 
ATOM   508  C CB  . GLU A 1 70  ? -4.975  -1.607  -14.133 1.00 29.92 ? 259 GLU A CB  1 
ATOM   509  C CG  . GLU A 1 70  ? -4.581  -2.941  -13.534 1.00 36.14 ? 259 GLU A CG  1 
ATOM   510  C CD  . GLU A 1 70  ? -3.677  -3.730  -14.467 1.00 38.99 ? 259 GLU A CD  1 
ATOM   511  O OE1 . GLU A 1 70  ? -2.535  -3.283  -14.709 1.00 41.62 ? 259 GLU A OE1 1 
ATOM   512  O OE2 . GLU A 1 70  ? -4.111  -4.789  -14.972 1.00 40.59 ? 259 GLU A OE2 1 
ATOM   513  N N   . ILE A 1 71  ? -5.405  -0.987  -10.933 1.00 23.19 ? 260 ILE A N   1 
ATOM   514  C CA  . ILE A 1 71  ? -4.741  -0.701  -9.669  1.00 22.79 ? 260 ILE A CA  1 
ATOM   515  C C   . ILE A 1 71  ? -4.048  -1.984  -9.259  1.00 23.35 ? 260 ILE A C   1 
ATOM   516  O O   . ILE A 1 71  ? -4.662  -3.060  -9.223  1.00 22.74 ? 260 ILE A O   1 
ATOM   517  C CB  . ILE A 1 71  ? -5.732  -0.303  -8.553  1.00 23.38 ? 260 ILE A CB  1 
ATOM   518  C CG1 . ILE A 1 71  ? -6.437  1.003   -8.917  1.00 23.95 ? 260 ILE A CG1 1 
ATOM   519  C CG2 . ILE A 1 71  ? -4.978  -0.120  -7.231  1.00 23.43 ? 260 ILE A CG2 1 
ATOM   520  C CD1 . ILE A 1 71  ? -7.465  1.454   -7.897  1.00 25.28 ? 260 ILE A CD1 1 
ATOM   521  N N   . ILE A 1 72  ? -2.762  -1.878  -8.960  1.00 20.03 ? 261 ILE A N   1 
ATOM   522  C CA  . ILE A 1 72  ? -1.990  -3.034  -8.558  1.00 20.22 ? 261 ILE A CA  1 
ATOM   523  C C   . ILE A 1 72  ? -1.631  -2.914  -7.087  1.00 19.78 ? 261 ILE A C   1 
ATOM   524  O O   . ILE A 1 72  ? -1.086  -1.901  -6.663  1.00 19.84 ? 261 ILE A O   1 
ATOM   525  C CB  . ILE A 1 72  ? -0.678  -3.141  -9.362  1.00 22.22 ? 261 ILE A CB  1 
ATOM   526  C CG1 . ILE A 1 72  ? -0.986  -3.280  -10.854 1.00 23.30 ? 261 ILE A CG1 1 
ATOM   527  C CG2 . ILE A 1 72  ? 0.141   -4.332  -8.864  1.00 21.41 ? 261 ILE A CG2 1 
ATOM   528  C CD1 . ILE A 1 72  ? 0.249   -3.241  -11.741 1.00 25.70 ? 261 ILE A CD1 1 
ATOM   529  N N   . LEU A 1 73  ? -1.976  -3.931  -6.304  1.00 19.08 ? 262 LEU A N   1 
ATOM   530  C CA  . LEU A 1 73  ? -1.629  -3.942  -4.887  1.00 18.65 ? 262 LEU A CA  1 
ATOM   531  C C   . LEU A 1 73  ? -0.473  -4.928  -4.851  1.00 18.74 ? 262 LEU A C   1 
ATOM   532  O O   . LEU A 1 73  ? -0.657  -6.127  -5.021  1.00 19.18 ? 262 LEU A O   1 
ATOM   533  C CB  . LEU A 1 73  ? -2.803  -4.441  -4.030  1.00 16.94 ? 262 LEU A CB  1 
ATOM   534  C CG  . LEU A 1 73  ? -2.581  -4.433  -2.514  1.00 17.98 ? 262 LEU A CG  1 
ATOM   535  C CD1 . LEU A 1 73  ? -2.207  -3.036  -2.033  1.00 16.97 ? 262 LEU A CD1 1 
ATOM   536  C CD2 . LEU A 1 73  ? -3.862  -4.889  -1.820  1.00 18.18 ? 262 LEU A CD2 1 
ATOM   537  N N   . ARG A 1 74  ? 0.730   -4.406  -4.640  1.00 18.80 ? 263 ARG A N   1 
ATOM   538  C CA  . ARG A 1 74  ? 1.931   -5.227  -4.645  1.00 18.45 ? 263 ARG A CA  1 
ATOM   539  C C   . ARG A 1 74  ? 2.642   -5.280  -3.301  1.00 18.87 ? 263 ARG A C   1 
ATOM   540  O O   . ARG A 1 74  ? 2.625   -4.309  -2.548  1.00 18.85 ? 263 ARG A O   1 
ATOM   541  C CB  . ARG A 1 74  ? 2.901   -4.681  -5.704  1.00 20.08 ? 263 ARG A CB  1 
ATOM   542  C CG  . ARG A 1 74  ? 4.224   -5.428  -5.799  1.00 20.37 ? 263 ARG A CG  1 
ATOM   543  C CD  . ARG A 1 74  ? 5.166   -4.785  -6.807  1.00 23.05 ? 263 ARG A CD  1 
ATOM   544  N NE  . ARG A 1 74  ? 4.520   -4.540  -8.091  1.00 25.57 ? 263 ARG A NE  1 
ATOM   545  C CZ  . ARG A 1 74  ? 4.253   -3.331  -8.580  1.00 23.40 ? 263 ARG A CZ  1 
ATOM   546  N NH1 . ARG A 1 74  ? 4.579   -2.244  -7.894  1.00 24.88 ? 263 ARG A NH1 1 
ATOM   547  N NH2 . ARG A 1 74  ? 3.654   -3.209  -9.756  1.00 23.57 ? 263 ARG A NH2 1 
ATOM   548  N N   . THR A 1 75  ? 3.240   -6.425  -2.997  1.00 17.80 ? 264 THR A N   1 
ATOM   549  C CA  . THR A 1 75  ? 4.020   -6.568  -1.776  1.00 18.78 ? 264 THR A CA  1 
ATOM   550  C C   . THR A 1 75  ? 5.375   -7.122  -2.184  1.00 19.74 ? 264 THR A C   1 
ATOM   551  O O   . THR A 1 75  ? 5.480   -7.920  -3.124  1.00 20.27 ? 264 THR A O   1 
ATOM   552  C CB  . THR A 1 75  ? 3.371   -7.512  -0.738  1.00 19.65 ? 264 THR A CB  1 
ATOM   553  O OG1 . THR A 1 75  ? 3.318   -8.848  -1.255  1.00 20.27 ? 264 THR A OG1 1 
ATOM   554  C CG2 . THR A 1 75  ? 1.974   -7.028  -0.392  1.00 21.53 ? 264 THR A CG2 1 
ATOM   555  N N   . ARG A 1 76  ? 6.414   -6.682  -1.488  1.00 18.43 ? 265 ARG A N   1 
ATOM   556  C CA  . ARG A 1 76  ? 7.772   -7.114  -1.774  1.00 20.40 ? 265 ARG A CA  1 
ATOM   557  C C   . ARG A 1 76  ? 8.615   -6.997  -0.529  1.00 22.06 ? 265 ARG A C   1 
ATOM   558  O O   . ARG A 1 76  ? 8.399   -6.107  0.295   1.00 20.95 ? 265 ARG A O   1 
ATOM   559  C CB  . ARG A 1 76  ? 8.406   -6.227  -2.847  1.00 21.24 ? 265 ARG A CB  1 
ATOM   560  C CG  . ARG A 1 76  ? 7.812   -6.368  -4.229  1.00 24.12 ? 265 ARG A CG  1 
ATOM   561  C CD  . ARG A 1 76  ? 8.262   -7.655  -4.888  1.00 26.90 ? 265 ARG A CD  1 
ATOM   562  N NE  . ARG A 1 76  ? 7.854   -7.694  -6.288  1.00 29.63 ? 265 ARG A NE  1 
ATOM   563  C CZ  . ARG A 1 76  ? 6.694   -8.171  -6.725  1.00 30.14 ? 265 ARG A CZ  1 
ATOM   564  N NH1 . ARG A 1 76  ? 5.810   -8.672  -5.873  1.00 29.04 ? 265 ARG A NH1 1 
ATOM   565  N NH2 . ARG A 1 76  ? 6.410   -8.121  -8.021  1.00 31.36 ? 265 ARG A NH2 1 
ATOM   566  N N   . THR A 1 77  ? 9.578   -7.897  -0.387  1.00 21.78 ? 266 THR A N   1 
ATOM   567  C CA  . THR A 1 77  ? 10.477  -7.818  0.744   1.00 23.18 ? 266 THR A CA  1 
ATOM   568  C C   . THR A 1 77  ? 11.450  -6.713  0.348   1.00 22.79 ? 266 THR A C   1 
ATOM   569  O O   . THR A 1 77  ? 11.812  -6.590  -0.824  1.00 25.10 ? 266 THR A O   1 
ATOM   570  C CB  . THR A 1 77  ? 11.267  -9.123  0.946   1.00 25.93 ? 266 THR A CB  1 
ATOM   571  O OG1 . THR A 1 77  ? 10.356  -10.205 1.182   1.00 25.92 ? 266 THR A OG1 1 
ATOM   572  C CG2 . THR A 1 77  ? 12.199  -8.989  2.140   1.00 26.92 ? 266 THR A CG2 1 
ATOM   573  N N   . ALA A 1 78  ? 11.846  -5.889  1.312   1.00 23.34 ? 267 ALA A N   1 
ATOM   574  C CA  . ALA A 1 78  ? 12.792  -4.812  1.047   1.00 23.42 ? 267 ALA A CA  1 
ATOM   575  C C   . ALA A 1 78  ? 14.004  -5.022  1.943   1.00 23.96 ? 267 ALA A C   1 
ATOM   576  O O   . ALA A 1 78  ? 13.890  -5.044  3.164   1.00 24.67 ? 267 ALA A O   1 
ATOM   577  C CB  . ALA A 1 78  ? 12.151  -3.455  1.331   1.00 22.96 ? 267 ALA A CB  1 
ATOM   578  N N   . PHE A 1 79  ? 15.167  -5.189  1.329   1.00 24.06 ? 268 PHE A N   1 
ATOM   579  C CA  . PHE A 1 79  ? 16.390  -5.412  2.082   1.00 25.67 ? 268 PHE A CA  1 
ATOM   580  C C   . PHE A 1 79  ? 17.195  -4.131  2.251   1.00 24.72 ? 268 PHE A C   1 
ATOM   581  O O   . PHE A 1 79  ? 17.257  -3.297  1.346   1.00 24.80 ? 268 PHE A O   1 
ATOM   582  C CB  . PHE A 1 79  ? 17.249  -6.470  1.382   1.00 26.04 ? 268 PHE A CB  1 
ATOM   583  C CG  . PHE A 1 79  ? 16.526  -7.762  1.130   1.00 27.72 ? 268 PHE A CG  1 
ATOM   584  C CD1 . PHE A 1 79  ? 15.678  -7.897  0.034   1.00 29.61 ? 268 PHE A CD1 1 
ATOM   585  C CD2 . PHE A 1 79  ? 16.663  -8.830  2.006   1.00 29.40 ? 268 PHE A CD2 1 
ATOM   586  C CE1 . PHE A 1 79  ? 14.976  -9.081  -0.186  1.00 30.44 ? 268 PHE A CE1 1 
ATOM   587  C CE2 . PHE A 1 79  ? 15.965  -10.020 1.797   1.00 30.33 ? 268 PHE A CE2 1 
ATOM   588  C CZ  . PHE A 1 79  ? 15.119  -10.141 0.698   1.00 29.62 ? 268 PHE A CZ  1 
ATOM   589  N N   . GLN A 1 80  ? 17.808  -3.986  3.421   1.00 25.84 ? 269 GLN A N   1 
ATOM   590  C CA  . GLN A 1 80  ? 18.629  -2.825  3.723   1.00 24.86 ? 269 GLN A CA  1 
ATOM   591  C C   . GLN A 1 80  ? 17.911  -1.532  3.369   1.00 24.75 ? 269 GLN A C   1 
ATOM   592  O O   . GLN A 1 80  ? 18.425  -0.692  2.627   1.00 24.21 ? 269 GLN A O   1 
ATOM   593  C CB  . GLN A 1 80  ? 19.959  -2.941  2.982   1.00 27.18 ? 269 GLN A CB  1 
ATOM   594  C CG  . GLN A 1 80  ? 20.710  -4.204  3.365   1.00 28.03 ? 269 GLN A CG  1 
ATOM   595  C CD  . GLN A 1 80  ? 22.089  -4.282  2.751   1.00 31.51 ? 269 GLN A CD  1 
ATOM   596  O OE1 . GLN A 1 80  ? 22.250  -4.155  1.539   1.00 34.62 ? 269 GLN A OE1 1 
ATOM   597  N NE2 . GLN A 1 80  ? 23.096  -4.501  3.589   1.00 32.79 ? 269 GLN A NE2 1 
ATOM   598  N N   . LEU A 1 81  ? 16.710  -1.394  3.919   1.00 24.53 ? 270 LEU A N   1 
ATOM   599  C CA  . LEU A 1 81  ? 15.870  -0.226  3.693   1.00 24.36 ? 270 LEU A CA  1 
ATOM   600  C C   . LEU A 1 81  ? 16.011  0.763   4.840   1.00 23.35 ? 270 LEU A C   1 
ATOM   601  O O   . LEU A 1 81  ? 15.944  0.387   6.006   1.00 23.25 ? 270 LEU A O   1 
ATOM   602  C CB  . LEU A 1 81  ? 14.403  -0.636  3.587   1.00 26.71 ? 270 LEU A CB  1 
ATOM   603  C CG  . LEU A 1 81  ? 13.504  0.585   3.369   1.00 29.98 ? 270 LEU A CG  1 
ATOM   604  C CD1 . LEU A 1 81  ? 13.402  0.866   1.884   1.00 29.41 ? 270 LEU A CD1 1 
ATOM   605  C CD2 . LEU A 1 81  ? 12.140  0.353   3.974   1.00 29.29 ? 270 LEU A CD2 1 
ATOM   606  N N   . THR A 1 82  ? 16.173  2.033   4.505   1.00 22.07 ? 271 THR A N   1 
ATOM   607  C CA  . THR A 1 82  ? 16.324  3.056   5.523   1.00 21.03 ? 271 THR A CA  1 
ATOM   608  C C   . THR A 1 82  ? 14.992  3.659   5.954   1.00 19.94 ? 271 THR A C   1 
ATOM   609  O O   . THR A 1 82  ? 14.153  4.012   5.126   1.00 19.77 ? 271 THR A O   1 
ATOM   610  C CB  . THR A 1 82  ? 17.255  4.178   5.029   1.00 21.44 ? 271 THR A CB  1 
ATOM   611  O OG1 . THR A 1 82  ? 18.567  3.641   4.823   1.00 24.97 ? 271 THR A OG1 1 
ATOM   612  C CG2 . THR A 1 82  ? 17.344  5.310   6.062   1.00 21.79 ? 271 THR A CG2 1 
ATOM   613  N N   . LEU A 1 83  ? 14.804  3.735   7.265   1.00 19.33 ? 272 LEU A N   1 
ATOM   614  C CA  . LEU A 1 83  ? 13.608  4.316   7.865   1.00 19.28 ? 272 LEU A CA  1 
ATOM   615  C C   . LEU A 1 83  ? 14.093  5.242   8.970   1.00 19.83 ? 272 LEU A C   1 
ATOM   616  O O   . LEU A 1 83  ? 14.787  4.813   9.889   1.00 18.90 ? 272 LEU A O   1 
ATOM   617  C CB  . LEU A 1 83  ? 12.712  3.229   8.476   1.00 19.74 ? 272 LEU A CB  1 
ATOM   618  C CG  . LEU A 1 83  ? 12.084  2.215   7.520   1.00 20.12 ? 272 LEU A CG  1 
ATOM   619  C CD1 . LEU A 1 83  ? 11.413  1.114   8.325   1.00 21.42 ? 272 LEU A CD1 1 
ATOM   620  C CD2 . LEU A 1 83  ? 11.077  2.909   6.604   1.00 21.14 ? 272 LEU A CD2 1 
ATOM   621  N N   . HIS A 1 84  ? 13.746  6.515   8.860   1.00 21.52 ? 273 HIS A N   1 
ATOM   622  C CA  . HIS A 1 84  ? 14.125  7.499   9.861   1.00 24.66 ? 273 HIS A CA  1 
ATOM   623  C C   . HIS A 1 84  ? 15.618  7.482   10.179  1.00 23.13 ? 273 HIS A C   1 
ATOM   624  O O   . HIS A 1 84  ? 16.017  7.414   11.337  1.00 25.00 ? 273 HIS A O   1 
ATOM   625  C CB  . HIS A 1 84  ? 13.294  7.265   11.121  1.00 27.89 ? 273 HIS A CB  1 
ATOM   626  C CG  . HIS A 1 84  ? 11.826  7.180   10.847  1.00 31.73 ? 273 HIS A CG  1 
ATOM   627  N ND1 . HIS A 1 84  ? 11.080  8.273   10.464  1.00 34.41 ? 273 HIS A ND1 1 
ATOM   628  C CD2 . HIS A 1 84  ? 10.983  6.120   10.821  1.00 34.68 ? 273 HIS A CD2 1 
ATOM   629  C CE1 . HIS A 1 84  ? 9.841   7.890   10.209  1.00 36.24 ? 273 HIS A CE1 1 
ATOM   630  N NE2 . HIS A 1 84  ? 9.756   6.588   10.417  1.00 36.86 ? 273 HIS A NE2 1 
ATOM   631  N N   . GLY A 1 85  ? 16.437  7.526   9.132   1.00 22.62 ? 274 GLY A N   1 
ATOM   632  C CA  . GLY A 1 85  ? 17.877  7.558   9.312   1.00 21.96 ? 274 GLY A CA  1 
ATOM   633  C C   . GLY A 1 85  ? 18.602  6.293   9.719   1.00 21.24 ? 274 GLY A C   1 
ATOM   634  O O   . GLY A 1 85  ? 19.819  6.321   9.906   1.00 20.85 ? 274 GLY A O   1 
ATOM   635  N N   . GLU A 1 86  ? 17.880  5.186   9.875   1.00 18.98 ? 275 GLU A N   1 
ATOM   636  C CA  . GLU A 1 86  ? 18.513  3.927   10.244  1.00 18.25 ? 275 GLU A CA  1 
ATOM   637  C C   . GLU A 1 86  ? 18.245  2.865   9.182   1.00 16.60 ? 275 GLU A C   1 
ATOM   638  O O   . GLU A 1 86  ? 17.145  2.785   8.625   1.00 16.11 ? 275 GLU A O   1 
ATOM   639  C CB  . GLU A 1 86  ? 17.997  3.442   11.599  1.00 19.84 ? 275 GLU A CB  1 
ATOM   640  C CG  . GLU A 1 86  ? 18.253  4.417   12.727  1.00 23.29 ? 275 GLU A CG  1 
ATOM   641  C CD  . GLU A 1 86  ? 17.988  3.797   14.083  1.00 27.75 ? 275 GLU A CD  1 
ATOM   642  O OE1 . GLU A 1 86  ? 18.891  3.119   14.617  1.00 29.50 ? 275 GLU A OE1 1 
ATOM   643  O OE2 . GLU A 1 86  ? 16.872  3.973   14.601  1.00 28.68 ? 275 GLU A OE2 1 
ATOM   644  N N   . ARG A 1 87  ? 19.250  2.046   8.892   1.00 16.90 ? 276 ARG A N   1 
ATOM   645  C CA  . ARG A 1 87  ? 19.075  1.019   7.878   1.00 18.37 ? 276 ARG A CA  1 
ATOM   646  C C   . ARG A 1 87  ? 18.559  -0.274  8.499   1.00 19.37 ? 276 ARG A C   1 
ATOM   647  O O   . ARG A 1 87  ? 19.139  -0.796  9.452   1.00 20.91 ? 276 ARG A O   1 
ATOM   648  C CB  . ARG A 1 87  ? 20.397  0.762   7.139   1.00 20.04 ? 276 ARG A CB  1 
ATOM   649  C CG  . ARG A 1 87  ? 20.214  0.050   5.800   1.00 21.09 ? 276 ARG A CG  1 
ATOM   650  C CD  . ARG A 1 87  ? 21.541  -0.164  5.077   1.00 23.14 ? 276 ARG A CD  1 
ATOM   651  N NE  . ARG A 1 87  ? 22.362  -1.183  5.718   1.00 24.53 ? 276 ARG A NE  1 
ATOM   652  C CZ  . ARG A 1 87  ? 23.531  -1.609  5.242   1.00 26.77 ? 276 ARG A CZ  1 
ATOM   653  N NH1 . ARG A 1 87  ? 24.013  -1.102  4.116   1.00 28.18 ? 276 ARG A NH1 1 
ATOM   654  N NH2 . ARG A 1 87  ? 24.218  -2.540  5.891   1.00 28.25 ? 276 ARG A NH2 1 
ATOM   655  N N   . TYR A 1 88  ? 17.457  -0.771  7.952   1.00 18.98 ? 277 TYR A N   1 
ATOM   656  C CA  . TYR A 1 88  ? 16.845  -2.007  8.426   1.00 19.98 ? 277 TYR A CA  1 
ATOM   657  C C   . TYR A 1 88  ? 17.216  -3.153  7.509   1.00 20.28 ? 277 TYR A C   1 
ATOM   658  O O   . TYR A 1 88  ? 17.165  -3.018  6.288   1.00 22.19 ? 277 TYR A O   1 
ATOM   659  C CB  . TYR A 1 88  ? 15.321  -1.877  8.450   1.00 19.20 ? 277 TYR A CB  1 
ATOM   660  C CG  . TYR A 1 88  ? 14.804  -1.001  9.558   1.00 19.15 ? 277 TYR A CG  1 
ATOM   661  C CD1 . TYR A 1 88  ? 15.128  0.352   9.608   1.00 19.61 ? 277 TYR A CD1 1 
ATOM   662  C CD2 . TYR A 1 88  ? 14.021  -1.535  10.579  1.00 19.67 ? 277 TYR A CD2 1 
ATOM   663  C CE1 . TYR A 1 88  ? 14.687  1.151   10.644  1.00 19.70 ? 277 TYR A CE1 1 
ATOM   664  C CE2 . TYR A 1 88  ? 13.578  -0.740  11.625  1.00 20.41 ? 277 TYR A CE2 1 
ATOM   665  C CZ  . TYR A 1 88  ? 13.914  0.602   11.649  1.00 22.71 ? 277 TYR A CZ  1 
ATOM   666  O OH  . TYR A 1 88  ? 13.486  1.409   12.673  1.00 24.51 ? 277 TYR A OH  1 
ATOM   667  N N   . ARG A 1 89  ? 17.584  -4.285  8.092   1.00 21.07 ? 278 ARG A N   1 
ATOM   668  C CA  . ARG A 1 89  ? 17.931  -5.445  7.285   1.00 22.21 ? 278 ARG A CA  1 
ATOM   669  C C   . ARG A 1 89  ? 16.726  -5.928  6.483   1.00 21.92 ? 278 ARG A C   1 
ATOM   670  O O   . ARG A 1 89  ? 16.865  -6.353  5.337   1.00 22.57 ? 278 ARG A O   1 
ATOM   671  C CB  . ARG A 1 89  ? 18.451  -6.572  8.178   1.00 24.50 ? 278 ARG A CB  1 
ATOM   672  C CG  . ARG A 1 89  ? 19.932  -6.454  8.470   1.00 27.15 ? 278 ARG A CG  1 
ATOM   673  C CD  . ARG A 1 89  ? 20.368  -7.440  9.526   1.00 28.57 ? 278 ARG A CD  1 
ATOM   674  N NE  . ARG A 1 89  ? 19.946  -7.022  10.860  1.00 31.16 ? 278 ARG A NE  1 
ATOM   675  C CZ  . ARG A 1 89  ? 20.166  -7.734  11.959  1.00 33.37 ? 278 ARG A CZ  1 
ATOM   676  N NH1 . ARG A 1 89  ? 20.799  -8.899  11.878  1.00 31.01 ? 278 ARG A NH1 1 
ATOM   677  N NH2 . ARG A 1 89  ? 19.768  -7.275  13.138  1.00 32.16 ? 278 ARG A NH2 1 
ATOM   678  N N   . LEU A 1 90  ? 15.543  -5.847  7.080   1.00 21.54 ? 279 LEU A N   1 
ATOM   679  C CA  . LEU A 1 90  ? 14.339  -6.304  6.401   1.00 20.96 ? 279 LEU A CA  1 
ATOM   680  C C   . LEU A 1 90  ? 13.140  -5.413  6.650   1.00 20.61 ? 279 LEU A C   1 
ATOM   681  O O   . LEU A 1 90  ? 12.853  -5.046  7.786   1.00 21.01 ? 279 LEU A O   1 
ATOM   682  C CB  . LEU A 1 90  ? 13.990  -7.722  6.846   1.00 23.15 ? 279 LEU A CB  1 
ATOM   683  C CG  . LEU A 1 90  ? 14.999  -8.827  6.543   1.00 26.47 ? 279 LEU A CG  1 
ATOM   684  C CD1 . LEU A 1 90  ? 14.568  -10.104 7.254   1.00 26.56 ? 279 LEU A CD1 1 
ATOM   685  C CD2 . LEU A 1 90  ? 15.089  -9.045  5.041   1.00 28.88 ? 279 LEU A CD2 1 
ATOM   686  N N   . ALA A 1 91  ? 12.440  -5.077  5.575   1.00 20.27 ? 280 ALA A N   1 
ATOM   687  C CA  . ALA A 1 91  ? 11.246  -4.261  5.661   1.00 20.28 ? 280 ALA A CA  1 
ATOM   688  C C   . ALA A 1 91  ? 10.258  -4.760  4.620   1.00 22.07 ? 280 ALA A C   1 
ATOM   689  O O   . ALA A 1 91  ? 10.636  -5.465  3.681   1.00 22.79 ? 280 ALA A O   1 
ATOM   690  C CB  . ALA A 1 91  ? 11.589  -2.794  5.407   1.00 19.56 ? 280 ALA A CB  1 
ATOM   691  N N   . ALA A 1 92  ? 8.989   -4.412  4.800   1.00 20.87 ? 281 ALA A N   1 
ATOM   692  C CA  . ALA A 1 92  ? 7.956   -4.808  3.853   1.00 19.98 ? 281 ALA A CA  1 
ATOM   693  C C   . ALA A 1 92  ? 7.565   -3.601  3.024   1.00 20.74 ? 281 ALA A C   1 
ATOM   694  O O   . ALA A 1 92  ? 7.291   -2.529  3.568   1.00 22.14 ? 281 ALA A O   1 
ATOM   695  C CB  . ALA A 1 92  ? 6.728   -5.337  4.589   1.00 21.48 ? 281 ALA A CB  1 
ATOM   696  N N   . ARG A 1 93  ? 7.553   -3.768  1.707   1.00 20.80 ? 282 ARG A N   1 
ATOM   697  C CA  . ARG A 1 93  ? 7.154   -2.689  0.816   1.00 19.75 ? 282 ARG A CA  1 
ATOM   698  C C   . ARG A 1 93  ? 5.802   -3.025  0.206   1.00 20.77 ? 282 ARG A C   1 
ATOM   699  O O   . ARG A 1 93  ? 5.649   -4.060  -0.447  1.00 20.65 ? 282 ARG A O   1 
ATOM   700  C CB  . ARG A 1 93  ? 8.173   -2.494  -0.305  1.00 19.84 ? 282 ARG A CB  1 
ATOM   701  C CG  . ARG A 1 93  ? 7.729   -1.489  -1.353  1.00 20.93 ? 282 ARG A CG  1 
ATOM   702  C CD  . ARG A 1 93  ? 8.799   -1.275  -2.407  1.00 22.30 ? 282 ARG A CD  1 
ATOM   703  N NE  . ARG A 1 93  ? 8.396   -0.273  -3.379  1.00 20.83 ? 282 ARG A NE  1 
ATOM   704  C CZ  . ARG A 1 93  ? 9.209   0.253   -4.290  1.00 22.35 ? 282 ARG A CZ  1 
ATOM   705  N NH1 . ARG A 1 93  ? 10.474  -0.139  -4.351  1.00 24.59 ? 282 ARG A NH1 1 
ATOM   706  N NH2 . ARG A 1 93  ? 8.763   1.182   -5.124  1.00 23.96 ? 282 ARG A NH2 1 
ATOM   707  N N   . ILE A 1 94  ? 4.816   -2.164  0.430   1.00 17.98 ? 283 ILE A N   1 
ATOM   708  C CA  . ILE A 1 94  ? 3.492   -2.395  -0.135  1.00 17.03 ? 283 ILE A CA  1 
ATOM   709  C C   . ILE A 1 94  ? 3.198   -1.259  -1.100  1.00 17.08 ? 283 ILE A C   1 
ATOM   710  O O   . ILE A 1 94  ? 3.137   -0.099  -0.700  1.00 17.90 ? 283 ILE A O   1 
ATOM   711  C CB  . ILE A 1 94  ? 2.384   -2.425  0.950   1.00 19.87 ? 283 ILE A CB  1 
ATOM   712  C CG1 . ILE A 1 94  ? 2.715   -3.465  2.025   1.00 19.36 ? 283 ILE A CG1 1 
ATOM   713  C CG2 . ILE A 1 94  ? 1.038   -2.761  0.313   1.00 19.12 ? 283 ILE A CG2 1 
ATOM   714  C CD1 . ILE A 1 94  ? 3.607   -2.939  3.133   1.00 24.26 ? 283 ILE A CD1 1 
ATOM   715  N N   . ASP A 1 95  ? 3.011   -1.591  -2.374  1.00 17.03 ? 284 ASP A N   1 
ATOM   716  C CA  . ASP A 1 95  ? 2.722   -0.570  -3.371  1.00 17.24 ? 284 ASP A CA  1 
ATOM   717  C C   . ASP A 1 95  ? 1.277   -0.583  -3.823  1.00 17.85 ? 284 ASP A C   1 
ATOM   718  O O   . ASP A 1 95  ? 0.619   -1.630  -3.845  1.00 19.09 ? 284 ASP A O   1 
ATOM   719  C CB  . ASP A 1 95  ? 3.556   -0.752  -4.647  1.00 20.70 ? 284 ASP A CB  1 
ATOM   720  C CG  . ASP A 1 95  ? 5.031   -0.892  -4.381  1.00 23.61 ? 284 ASP A CG  1 
ATOM   721  O OD1 . ASP A 1 95  ? 5.573   -0.085  -3.604  1.00 25.30 ? 284 ASP A OD1 1 
ATOM   722  O OD2 . ASP A 1 95  ? 5.652   -1.809  -4.970  1.00 24.66 ? 284 ASP A OD2 1 
ATOM   723  N N   . VAL A 1 96  ? 0.797   0.600   -4.178  1.00 16.48 ? 285 VAL A N   1 
ATOM   724  C CA  . VAL A 1 96  ? -0.534  0.786   -4.747  1.00 16.92 ? 285 VAL A CA  1 
ATOM   725  C C   . VAL A 1 96  ? -0.191  1.580   -5.998  1.00 18.09 ? 285 VAL A C   1 
ATOM   726  O O   . VAL A 1 96  ? 0.083   2.781   -5.940  1.00 16.56 ? 285 VAL A O   1 
ATOM   727  C CB  . VAL A 1 96  ? -1.474  1.627   -3.858  1.00 15.81 ? 285 VAL A CB  1 
ATOM   728  C CG1 . VAL A 1 96  ? -2.806  1.853   -4.582  1.00 16.78 ? 285 VAL A CG1 1 
ATOM   729  C CG2 . VAL A 1 96  ? -1.729  0.908   -2.542  1.00 18.34 ? 285 VAL A CG2 1 
ATOM   730  N N   . GLU A 1 97  ? -0.196  0.888   -7.127  1.00 19.36 ? 286 GLU A N   1 
ATOM   731  C CA  . GLU A 1 97  ? 0.145   1.491   -8.406  1.00 21.52 ? 286 GLU A CA  1 
ATOM   732  C C   . GLU A 1 97  ? -1.054  1.524   -9.336  1.00 23.69 ? 286 GLU A C   1 
ATOM   733  O O   . GLU A 1 97  ? -1.734  0.517   -9.504  1.00 25.12 ? 286 GLU A O   1 
ATOM   734  C CB  . GLU A 1 97  ? 1.263   0.682   -9.054  1.00 20.99 ? 286 GLU A CB  1 
ATOM   735  C CG  . GLU A 1 97  ? 1.647   1.149   -10.450 1.00 24.16 ? 286 GLU A CG  1 
ATOM   736  C CD  . GLU A 1 97  ? 2.514   0.133   -11.161 1.00 24.32 ? 286 GLU A CD  1 
ATOM   737  O OE1 . GLU A 1 97  ? 3.521   -0.307  -10.568 1.00 27.00 ? 286 GLU A OE1 1 
ATOM   738  O OE2 . GLU A 1 97  ? 2.190   -0.226  -12.311 1.00 28.98 ? 286 GLU A OE2 1 
ATOM   739  N N   . ASP A 1 98  ? -1.316  2.674   -9.946  1.00 25.16 ? 287 ASP A N   1 
ATOM   740  C CA  . ASP A 1 98  ? -2.442  2.770   -10.865 1.00 27.91 ? 287 ASP A CA  1 
ATOM   741  C C   . ASP A 1 98  ? -2.005  3.090   -12.289 1.00 29.84 ? 287 ASP A C   1 
ATOM   742  O O   . ASP A 1 98  ? -0.985  3.755   -12.505 1.00 27.96 ? 287 ASP A O   1 
ATOM   743  C CB  . ASP A 1 98  ? -3.451  3.817   -10.381 1.00 30.51 ? 287 ASP A CB  1 
ATOM   744  C CG  . ASP A 1 98  ? -2.821  5.165   -10.140 1.00 33.93 ? 287 ASP A CG  1 
ATOM   745  O OD1 . ASP A 1 98  ? -2.082  5.644   -11.025 1.00 35.65 ? 287 ASP A OD1 1 
ATOM   746  O OD2 . ASP A 1 98  ? -3.067  5.752   -9.065  1.00 38.71 ? 287 ASP A OD2 1 
ATOM   747  N N   . ASN A 1 99  ? -2.786  2.585   -13.245 1.00 30.91 ? 288 ASN A N   1 
ATOM   748  C CA  . ASN A 1 99  ? -2.567  2.766   -14.687 1.00 34.00 ? 288 ASN A CA  1 
ATOM   749  C C   . ASN A 1 99  ? -3.865  3.343   -15.234 1.00 34.17 ? 288 ASN A C   1 
ATOM   750  O O   . ASN A 1 99  ? -4.911  2.728   -15.070 1.00 33.55 ? 288 ASN A O   1 
ATOM   751  C CB  . ASN A 1 99  ? -2.372  1.421   -15.386 1.00 36.55 ? 288 ASN A CB  1 
ATOM   752  C CG  . ASN A 1 99  ? -1.267  0.595   -14.791 1.00 37.98 ? 288 ASN A CG  1 
ATOM   753  O OD1 . ASN A 1 99  ? -1.138  0.476   -13.571 1.00 41.52 ? 288 ASN A OD1 1 
ATOM   754  N ND2 . ASN A 1 99  ? -0.468  -0.015  -15.656 1.00 42.18 ? 288 ASN A ND2 1 
ATOM   755  N N   . GLY A 1 100 ? -3.817  4.492   -15.898 1.00 35.01 ? 289 GLY A N   1 
ATOM   756  C CA  . GLY A 1 100 ? -5.052  5.046   -16.426 1.00 37.28 ? 289 GLY A CA  1 
ATOM   757  C C   . GLY A 1 100 ? -4.907  6.145   -17.460 1.00 38.30 ? 289 GLY A C   1 
ATOM   758  O O   . GLY A 1 100 ? -4.035  7.003   -17.340 1.00 38.06 ? 289 GLY A O   1 
ATOM   759  N N   . PRO A 1 101 ? -5.764  6.144   -18.494 1.00 39.56 ? 290 PRO A N   1 
ATOM   760  C CA  . PRO A 1 101 ? -5.721  7.157   -19.552 1.00 40.43 ? 290 PRO A CA  1 
ATOM   761  C C   . PRO A 1 101 ? -5.789  8.556   -18.956 1.00 41.45 ? 290 PRO A C   1 
ATOM   762  O O   . PRO A 1 101 ? -5.127  9.484   -19.426 1.00 42.11 ? 290 PRO A O   1 
ATOM   763  C CB  . PRO A 1 101 ? -6.957  6.834   -20.386 1.00 40.61 ? 290 PRO A CB  1 
ATOM   764  C CG  . PRO A 1 101 ? -7.091  5.357   -20.228 1.00 40.73 ? 290 PRO A CG  1 
ATOM   765  C CD  . PRO A 1 101 ? -6.828  5.159   -18.755 1.00 39.55 ? 290 PRO A CD  1 
ATOM   766  N N   . GLY A 1 102 ? -6.605  8.699   -17.918 1.00 42.44 ? 291 GLY A N   1 
ATOM   767  C CA  . GLY A 1 102 ? -6.752  9.989   -17.264 1.00 43.11 ? 291 GLY A CA  1 
ATOM   768  C C   . GLY A 1 102 ? -5.773  10.102  -16.111 1.00 43.66 ? 291 GLY A C   1 
ATOM   769  O O   . GLY A 1 102 ? -5.951  10.926  -15.215 1.00 43.90 ? 291 GLY A O   1 
ATOM   770  N N   . ILE A 1 103 ? -4.739  9.262   -16.152 1.00 44.50 ? 292 ILE A N   1 
ATOM   771  C CA  . ILE A 1 103 ? -3.700  9.198   -15.130 1.00 45.49 ? 292 ILE A CA  1 
ATOM   772  C C   . ILE A 1 103 ? -4.218  8.487   -13.880 1.00 46.14 ? 292 ILE A C   1 
ATOM   773  O O   . ILE A 1 103 ? -3.556  7.534   -13.413 1.00 45.48 ? 292 ILE A O   1 
ATOM   774  C CB  . ILE A 1 103 ? -3.208  10.597  -14.725 1.00 45.41 ? 292 ILE A CB  1 
ATOM   775  C CG1 . ILE A 1 103 ? -2.844  11.406  -15.965 1.00 43.71 ? 292 ILE A CG1 1 
ATOM   776  C CG2 . ILE A 1 103 ? -2.005  10.471  -13.811 1.00 44.91 ? 292 ILE A CG2 1 
ATOM   777  C CD1 . ILE A 1 103 ? -2.446  12.828  -15.683 1.00 44.13 ? 292 ILE A CD1 1 
ATOM   778  N N   . GLY A 1 124 ? -5.629  15.741  1.124   1.00 32.97 ? 313 GLY A N   1 
ATOM   779  C CA  . GLY A 1 124 ? -6.753  14.875  1.568   1.00 31.39 ? 313 GLY A CA  1 
ATOM   780  C C   . GLY A 1 124 ? -6.536  14.325  2.964   1.00 30.59 ? 313 GLY A C   1 
ATOM   781  O O   . GLY A 1 124 ? -5.416  13.964  3.332   1.00 29.41 ? 313 GLY A O   1 
ATOM   782  N N   . LEU A 1 125 ? -7.609  14.273  3.746   1.00 30.01 ? 314 LEU A N   1 
ATOM   783  C CA  . LEU A 1 125 ? -7.537  13.759  5.110   1.00 28.62 ? 314 LEU A CA  1 
ATOM   784  C C   . LEU A 1 125 ? -7.146  12.289  5.129   1.00 27.04 ? 314 LEU A C   1 
ATOM   785  O O   . LEU A 1 125 ? -6.389  11.852  5.993   1.00 25.20 ? 314 LEU A O   1 
ATOM   786  C CB  . LEU A 1 125 ? -8.883  13.921  5.816   1.00 30.75 ? 314 LEU A CB  1 
ATOM   787  C CG  . LEU A 1 125 ? -8.915  13.335  7.228   1.00 29.46 ? 314 LEU A CG  1 
ATOM   788  C CD1 . LEU A 1 125 ? -7.965  14.117  8.134   1.00 29.87 ? 314 LEU A CD1 1 
ATOM   789  C CD2 . LEU A 1 125 ? -10.326 13.388  7.768   1.00 32.15 ? 314 LEU A CD2 1 
ATOM   790  N N   . GLY A 1 126 ? -7.678  11.525  4.179   1.00 26.61 ? 315 GLY A N   1 
ATOM   791  C CA  . GLY A 1 126 ? -7.364  10.111  4.117   1.00 26.18 ? 315 GLY A CA  1 
ATOM   792  C C   . GLY A 1 126 ? -5.872  9.874   3.978   1.00 23.61 ? 315 GLY A C   1 
ATOM   793  O O   . GLY A 1 126 ? -5.311  8.978   4.603   1.00 24.44 ? 315 GLY A O   1 
ATOM   794  N N   . LEU A 1 127 ? -5.223  10.686  3.152   1.00 23.39 ? 316 LEU A N   1 
ATOM   795  C CA  . LEU A 1 127 ? -3.789  10.553  2.946   1.00 23.65 ? 316 LEU A CA  1 
ATOM   796  C C   . LEU A 1 127 ? -3.024  10.973  4.199   1.00 21.92 ? 316 LEU A C   1 
ATOM   797  O O   . LEU A 1 127 ? -2.007  10.366  4.537   1.00 19.83 ? 316 LEU A O   1 
ATOM   798  C CB  . LEU A 1 127 ? -3.350  11.399  1.749   1.00 26.84 ? 316 LEU A CB  1 
ATOM   799  C CG  . LEU A 1 127 ? -2.464  10.688  0.724   1.00 30.99 ? 316 LEU A CG  1 
ATOM   800  C CD1 . LEU A 1 127 ? -3.172  9.429   0.221   1.00 30.03 ? 316 LEU A CD1 1 
ATOM   801  C CD2 . LEU A 1 127 ? -2.161  11.628  -0.430  1.00 31.47 ? 316 LEU A CD2 1 
ATOM   802  N N   . SER A 1 128 ? -3.514  12.004  4.887   1.00 20.18 ? 317 SER A N   1 
ATOM   803  C CA  . SER A 1 128 ? -2.864  12.476  6.108   1.00 19.60 ? 317 SER A CA  1 
ATOM   804  C C   . SER A 1 128 ? -2.980  11.414  7.189   1.00 18.32 ? 317 SER A C   1 
ATOM   805  O O   . SER A 1 128 ? -2.045  11.178  7.955   1.00 16.98 ? 317 SER A O   1 
ATOM   806  C CB  . SER A 1 128 ? -3.517  13.767  6.603   1.00 20.87 ? 317 SER A CB  1 
ATOM   807  O OG  . SER A 1 128 ? -3.357  14.804  5.654   1.00 23.50 ? 317 SER A OG  1 
ATOM   808  N N   . ILE A 1 129 ? -4.150  10.793  7.256   1.00 17.82 ? 318 ILE A N   1 
ATOM   809  C CA  . ILE A 1 129 ? -4.396  9.738   8.218   1.00 18.65 ? 318 ILE A CA  1 
ATOM   810  C C   . ILE A 1 129 ? -3.455  8.575   7.919   1.00 16.99 ? 318 ILE A C   1 
ATOM   811  O O   . ILE A 1 129 ? -2.837  8.031   8.822   1.00 16.59 ? 318 ILE A O   1 
ATOM   812  C CB  . ILE A 1 129 ? -5.873  9.278   8.153   1.00 19.59 ? 318 ILE A CB  1 
ATOM   813  C CG1 . ILE A 1 129 ? -6.748  10.350  8.817   1.00 22.28 ? 318 ILE A CG1 1 
ATOM   814  C CG2 . ILE A 1 129 ? -6.051  7.910   8.835   1.00 21.46 ? 318 ILE A CG2 1 
ATOM   815  C CD1 . ILE A 1 129 ? -8.232  10.076  8.749   1.00 25.99 ? 318 ILE A CD1 1 
ATOM   816  N N   . ALA A 1 130 ? -3.339  8.213   6.646   1.00 17.17 ? 319 ALA A N   1 
ATOM   817  C CA  . ALA A 1 130 ? -2.456  7.116   6.260   1.00 16.74 ? 319 ALA A CA  1 
ATOM   818  C C   . ALA A 1 130 ? -1.016  7.406   6.661   1.00 18.35 ? 319 ALA A C   1 
ATOM   819  O O   . ALA A 1 130 ? -0.321  6.535   7.169   1.00 16.62 ? 319 ALA A O   1 
ATOM   820  C CB  . ALA A 1 130 ? -2.537  6.872   4.763   1.00 19.22 ? 319 ALA A CB  1 
ATOM   821  N N   . ARG A 1 131 ? -0.560  8.631   6.421   1.00 17.95 ? 320 ARG A N   1 
ATOM   822  C CA  . ARG A 1 131 ? 0.805   8.986   6.785   1.00 19.03 ? 320 ARG A CA  1 
ATOM   823  C C   . ARG A 1 131 ? 1.047   8.847   8.282   1.00 18.75 ? 320 ARG A C   1 
ATOM   824  O O   . ARG A 1 131 ? 2.061   8.290   8.699   1.00 18.72 ? 320 ARG A O   1 
ATOM   825  C CB  . ARG A 1 131 ? 1.126   10.415  6.333   1.00 20.79 ? 320 ARG A CB  1 
ATOM   826  C CG  . ARG A 1 131 ? 1.100   10.594  4.829   1.00 22.96 ? 320 ARG A CG  1 
ATOM   827  C CD  . ARG A 1 131 ? 1.958   11.773  4.418   1.00 29.33 ? 320 ARG A CD  1 
ATOM   828  N NE  . ARG A 1 131 ? 2.166   11.829  2.975   1.00 33.71 ? 320 ARG A NE  1 
ATOM   829  C CZ  . ARG A 1 131 ? 1.285   12.308  2.105   1.00 35.52 ? 320 ARG A CZ  1 
ATOM   830  N NH1 . ARG A 1 131 ? 0.118   12.782  2.526   1.00 37.92 ? 320 ARG A NH1 1 
ATOM   831  N NH2 . ARG A 1 131 ? 1.574   12.320  0.809   1.00 37.26 ? 320 ARG A NH2 1 
ATOM   832  N N   . ASN A 1 132 ? 0.117   9.354   9.086   1.00 18.96 ? 321 ASN A N   1 
ATOM   833  C CA  . ASN A 1 132 ? 0.237   9.291   10.543  1.00 18.02 ? 321 ASN A CA  1 
ATOM   834  C C   . ASN A 1 132 ? 0.257   7.851   11.063  1.00 18.51 ? 321 ASN A C   1 
ATOM   835  O O   . ASN A 1 132 ? 1.060   7.504   11.932  1.00 18.63 ? 321 ASN A O   1 
ATOM   836  C CB  . ASN A 1 132 ? -0.921  10.070  11.188  1.00 21.99 ? 321 ASN A CB  1 
ATOM   837  C CG  . ASN A 1 132 ? -0.932  9.963   12.703  1.00 20.15 ? 321 ASN A CG  1 
ATOM   838  O OD1 . ASN A 1 132 ? -1.885  9.450   13.290  1.00 26.70 ? 321 ASN A OD1 1 
ATOM   839  N ND2 . ASN A 1 132 ? 0.127   10.437  13.338  1.00 22.04 ? 321 ASN A ND2 1 
ATOM   840  N N   . LEU A 1 133 ? -0.621  7.014   10.522  1.00 17.96 ? 322 LEU A N   1 
ATOM   841  C CA  . LEU A 1 133 ? -0.687  5.620   10.950  1.00 18.05 ? 322 LEU A CA  1 
ATOM   842  C C   . LEU A 1 133 ? 0.609   4.906   10.597  1.00 16.76 ? 322 LEU A C   1 
ATOM   843  O O   . LEU A 1 133 ? 1.082   4.052   11.344  1.00 17.96 ? 322 LEU A O   1 
ATOM   844  C CB  . LEU A 1 133 ? -1.884  4.926   10.302  1.00 17.16 ? 322 LEU A CB  1 
ATOM   845  C CG  . LEU A 1 133 ? -3.247  5.447   10.777  1.00 17.12 ? 322 LEU A CG  1 
ATOM   846  C CD1 . LEU A 1 133 ? -4.372  4.754   10.021  1.00 17.62 ? 322 LEU A CD1 1 
ATOM   847  C CD2 . LEU A 1 133 ? -3.380  5.227   12.275  1.00 21.50 ? 322 LEU A CD2 1 
ATOM   848  N N   . ILE A 1 134 ? 1.196   5.253   9.458   1.00 16.51 ? 323 ILE A N   1 
ATOM   849  C CA  . ILE A 1 134 ? 2.457   4.627   9.092   1.00 17.28 ? 323 ILE A CA  1 
ATOM   850  C C   . ILE A 1 134 ? 3.577   5.144   10.001  1.00 18.84 ? 323 ILE A C   1 
ATOM   851  O O   . ILE A 1 134 ? 4.479   4.397   10.376  1.00 17.47 ? 323 ILE A O   1 
ATOM   852  C CB  . ILE A 1 134 ? 2.791   4.866   7.601   1.00 17.90 ? 323 ILE A CB  1 
ATOM   853  C CG1 . ILE A 1 134 ? 1.851   4.020   6.734   1.00 19.21 ? 323 ILE A CG1 1 
ATOM   854  C CG2 . ILE A 1 134 ? 4.230   4.471   7.314   1.00 16.37 ? 323 ILE A CG2 1 
ATOM   855  C CD1 . ILE A 1 134 ? 1.854   2.531   7.104   1.00 20.23 ? 323 ILE A CD1 1 
ATOM   856  N N   . ASP A 1 135 ? 3.514   6.416   10.387  1.00 20.11 ? 324 ASP A N   1 
ATOM   857  C CA  . ASP A 1 135 ? 4.542   6.939   11.284  1.00 22.82 ? 324 ASP A CA  1 
ATOM   858  C C   . ASP A 1 135 ? 4.479   6.205   12.621  1.00 22.54 ? 324 ASP A C   1 
ATOM   859  O O   . ASP A 1 135 ? 5.511   5.926   13.237  1.00 23.90 ? 324 ASP A O   1 
ATOM   860  C CB  . ASP A 1 135 ? 4.373   8.446   11.495  1.00 25.38 ? 324 ASP A CB  1 
ATOM   861  C CG  . ASP A 1 135 ? 4.831   9.256   10.294  1.00 30.43 ? 324 ASP A CG  1 
ATOM   862  O OD1 . ASP A 1 135 ? 5.839   8.872   9.658   1.00 34.33 ? 324 ASP A OD1 1 
ATOM   863  O OD2 . ASP A 1 135 ? 4.193   10.287  9.988   1.00 35.03 ? 324 ASP A OD2 1 
ATOM   864  N N   . GLN A 1 136 ? 3.267   5.881   13.061  1.00 23.77 ? 325 GLN A N   1 
ATOM   865  C CA  . GLN A 1 136 ? 3.072   5.155   14.313  1.00 24.55 ? 325 GLN A CA  1 
ATOM   866  C C   . GLN A 1 136 ? 3.754   3.789   14.231  1.00 24.19 ? 325 GLN A C   1 
ATOM   867  O O   . GLN A 1 136 ? 4.140   3.215   15.249  1.00 25.37 ? 325 GLN A O   1 
ATOM   868  C CB  . GLN A 1 136 ? 1.577   4.974   14.604  1.00 25.62 ? 325 GLN A CB  1 
ATOM   869  C CG  . GLN A 1 136 ? 0.871   6.240   15.088  1.00 30.37 ? 325 GLN A CG  1 
ATOM   870  C CD  . GLN A 1 136 ? -0.607  6.022   15.358  1.00 32.85 ? 325 GLN A CD  1 
ATOM   871  O OE1 . GLN A 1 136 ? -0.996  5.042   15.993  1.00 35.54 ? 325 GLN A OE1 1 
ATOM   872  N NE2 . GLN A 1 136 ? -1.439  6.942   14.883  1.00 35.29 ? 325 GLN A NE2 1 
ATOM   873  N N   . HIS A 1 137 ? 3.899   3.277   13.010  1.00 20.45 ? 326 HIS A N   1 
ATOM   874  C CA  . HIS A 1 137 ? 4.548   1.989   12.784  1.00 19.70 ? 326 HIS A CA  1 
ATOM   875  C C   . HIS A 1 137 ? 6.031   2.164   12.459  1.00 19.79 ? 326 HIS A C   1 
ATOM   876  O O   . HIS A 1 137 ? 6.717   1.201   12.113  1.00 21.86 ? 326 HIS A O   1 
ATOM   877  C CB  . HIS A 1 137 ? 3.856   1.229   11.637  1.00 16.37 ? 326 HIS A CB  1 
ATOM   878  C CG  . HIS A 1 137 ? 2.576   0.559   12.038  1.00 17.68 ? 326 HIS A CG  1 
ATOM   879  N ND1 . HIS A 1 137 ? 1.401   1.249   12.245  1.00 16.46 ? 326 HIS A ND1 1 
ATOM   880  C CD2 . HIS A 1 137 ? 2.297   -0.741  12.292  1.00 17.12 ? 326 HIS A CD2 1 
ATOM   881  C CE1 . HIS A 1 137 ? 0.454   0.404   12.608  1.00 16.81 ? 326 HIS A CE1 1 
ATOM   882  N NE2 . HIS A 1 137 ? 0.972   -0.811  12.647  1.00 17.56 ? 326 HIS A NE2 1 
ATOM   883  N N   . SER A 1 138 ? 6.519   3.396   12.587  1.00 21.14 ? 327 SER A N   1 
ATOM   884  C CA  . SER A 1 138 ? 7.911   3.725   12.300  1.00 20.25 ? 327 SER A CA  1 
ATOM   885  C C   . SER A 1 138 ? 8.303   3.449   10.850  1.00 19.99 ? 327 SER A C   1 
ATOM   886  O O   . SER A 1 138 ? 9.453   3.138   10.561  1.00 22.48 ? 327 SER A O   1 
ATOM   887  C CB  . SER A 1 138 ? 8.850   2.951   13.227  1.00 22.47 ? 327 SER A CB  1 
ATOM   888  O OG  . SER A 1 138 ? 8.536   3.218   14.580  1.00 23.69 ? 327 SER A OG  1 
ATOM   889  N N   . GLY A 1 139 ? 7.346   3.569   9.939   1.00 19.52 ? 328 GLY A N   1 
ATOM   890  C CA  . GLY A 1 139 ? 7.641   3.337   8.537   1.00 19.74 ? 328 GLY A CA  1 
ATOM   891  C C   . GLY A 1 139 ? 7.635   4.623   7.741   1.00 19.45 ? 328 GLY A C   1 
ATOM   892  O O   . GLY A 1 139 ? 7.790   5.712   8.300   1.00 20.14 ? 328 GLY A O   1 
ATOM   893  N N   . LYS A 1 140 ? 7.453   4.507   6.430   1.00 18.62 ? 329 LYS A N   1 
ATOM   894  C CA  . LYS A 1 140 ? 7.407   5.674   5.569   1.00 17.12 ? 329 LYS A CA  1 
ATOM   895  C C   . LYS A 1 140 ? 6.544   5.404   4.346   1.00 18.52 ? 329 LYS A C   1 
ATOM   896  O O   . LYS A 1 140 ? 6.239   4.244   4.031   1.00 19.22 ? 329 LYS A O   1 
ATOM   897  C CB  . LYS A 1 140 ? 8.818   6.068   5.122   1.00 19.14 ? 329 LYS A CB  1 
ATOM   898  C CG  . LYS A 1 140 ? 9.485   5.056   4.202   1.00 19.37 ? 329 LYS A CG  1 
ATOM   899  C CD  . LYS A 1 140 ? 10.923  5.449   3.905   1.00 23.41 ? 329 LYS A CD  1 
ATOM   900  C CE  . LYS A 1 140 ? 11.547  4.493   2.895   1.00 22.81 ? 329 LYS A CE  1 
ATOM   901  N NZ  . LYS A 1 140 ? 12.998  4.789   2.674   1.00 23.89 ? 329 LYS A NZ  1 
ATOM   902  N N   . ILE A 1 141 ? 6.130   6.482   3.685   1.00 17.75 ? 330 ILE A N   1 
ATOM   903  C CA  . ILE A 1 141 ? 5.330   6.404   2.475   1.00 18.97 ? 330 ILE A CA  1 
ATOM   904  C C   . ILE A 1 141 ? 6.001   7.301   1.447   1.00 20.69 ? 330 ILE A C   1 
ATOM   905  O O   . ILE A 1 141 ? 6.296   8.462   1.722   1.00 22.01 ? 330 ILE A O   1 
ATOM   906  C CB  . ILE A 1 141 ? 3.877   6.894   2.693   1.00 18.42 ? 330 ILE A CB  1 
ATOM   907  C CG1 . ILE A 1 141 ? 3.219   6.076   3.804   1.00 19.57 ? 330 ILE A CG1 1 
ATOM   908  C CG2 . ILE A 1 141 ? 3.077   6.757   1.402   1.00 19.91 ? 330 ILE A CG2 1 
ATOM   909  C CD1 . ILE A 1 141 ? 1.742   6.391   4.015   1.00 24.50 ? 330 ILE A CD1 1 
ATOM   910  N N   . GLU A 1 142 ? 6.247   6.757   0.262   1.00 20.34 ? 331 GLU A N   1 
ATOM   911  C CA  . GLU A 1 142 ? 6.888   7.519   -0.796  1.00 22.57 ? 331 GLU A CA  1 
ATOM   912  C C   . GLU A 1 142 ? 5.992   7.510   -2.024  1.00 24.63 ? 331 GLU A C   1 
ATOM   913  O O   . GLU A 1 142 ? 5.226   6.568   -2.240  1.00 24.41 ? 331 GLU A O   1 
ATOM   914  C CB  . GLU A 1 142 ? 8.263   6.912   -1.104  1.00 24.08 ? 331 GLU A CB  1 
ATOM   915  C CG  . GLU A 1 142 ? 9.133   6.774   0.150   1.00 28.56 ? 331 GLU A CG  1 
ATOM   916  C CD  . GLU A 1 142 ? 10.562  6.355   -0.137  1.00 32.50 ? 331 GLU A CD  1 
ATOM   917  O OE1 . GLU A 1 142 ? 10.761  5.311   -0.789  1.00 34.79 ? 331 GLU A OE1 1 
ATOM   918  O OE2 . GLU A 1 142 ? 11.491  7.070   0.301   1.00 34.97 ? 331 GLU A OE2 1 
ATOM   919  N N   . PHE A 1 143 ? 6.064   8.576   -2.809  1.00 24.01 ? 332 PHE A N   1 
ATOM   920  C CA  . PHE A 1 143 ? 5.258   8.697   -4.014  1.00 25.42 ? 332 PHE A CA  1 
ATOM   921  C C   . PHE A 1 143 ? 6.139   8.839   -5.248  1.00 26.40 ? 332 PHE A C   1 
ATOM   922  O O   . PHE A 1 143 ? 7.187   9.486   -5.198  1.00 25.48 ? 332 PHE A O   1 
ATOM   923  C CB  . PHE A 1 143 ? 4.350   9.926   -3.923  1.00 27.20 ? 332 PHE A CB  1 
ATOM   924  C CG  . PHE A 1 143 ? 3.533   10.163  -5.158  1.00 29.07 ? 332 PHE A CG  1 
ATOM   925  C CD1 . PHE A 1 143 ? 2.357   9.456   -5.375  1.00 30.47 ? 332 PHE A CD1 1 
ATOM   926  C CD2 . PHE A 1 143 ? 3.962   11.067  -6.128  1.00 30.28 ? 332 PHE A CD2 1 
ATOM   927  C CE1 . PHE A 1 143 ? 1.618   9.640   -6.539  1.00 31.58 ? 332 PHE A CE1 1 
ATOM   928  C CE2 . PHE A 1 143 ? 3.230   11.258  -7.297  1.00 32.09 ? 332 PHE A CE2 1 
ATOM   929  C CZ  . PHE A 1 143 ? 2.054   10.541  -7.502  1.00 31.44 ? 332 PHE A CZ  1 
ATOM   930  N N   . THR A 1 144 ? 5.719   8.225   -6.347  1.00 25.62 ? 333 THR A N   1 
ATOM   931  C CA  . THR A 1 144 ? 6.465   8.346   -7.590  1.00 24.17 ? 333 THR A CA  1 
ATOM   932  C C   . THR A 1 144 ? 5.547   8.216   -8.789  1.00 25.29 ? 333 THR A C   1 
ATOM   933  O O   . THR A 1 144 ? 4.376   7.846   -8.659  1.00 22.10 ? 333 THR A O   1 
ATOM   934  C CB  . THR A 1 144 ? 7.615   7.325   -7.689  1.00 23.72 ? 333 THR A CB  1 
ATOM   935  O OG1 . THR A 1 144 ? 8.503   7.731   -8.744  1.00 22.92 ? 333 THR A OG1 1 
ATOM   936  C CG2 . THR A 1 144 ? 7.091   5.934   -7.986  1.00 24.84 ? 333 THR A CG2 1 
ATOM   937  N N   . SER A 1 145 ? 6.075   8.540   -9.961  1.00 24.62 ? 334 SER A N   1 
ATOM   938  C CA  . SER A 1 145 ? 5.283   8.484   -11.172 1.00 25.53 ? 334 SER A CA  1 
ATOM   939  C C   . SER A 1 145 ? 6.150   8.323   -12.401 1.00 24.95 ? 334 SER A C   1 
ATOM   940  O O   . SER A 1 145 ? 7.337   8.660   -12.394 1.00 24.92 ? 334 SER A O   1 
ATOM   941  C CB  . SER A 1 145 ? 4.471   9.768   -11.316 1.00 26.73 ? 334 SER A CB  1 
ATOM   942  O OG  . SER A 1 145 ? 5.337   10.885  -11.452 1.00 30.90 ? 334 SER A OG  1 
ATOM   943  N N   . TRP A 1 146 ? 5.542   7.788   -13.449 1.00 24.00 ? 335 TRP A N   1 
ATOM   944  C CA  . TRP A 1 146 ? 6.202   7.607   -14.730 1.00 25.05 ? 335 TRP A CA  1 
ATOM   945  C C   . TRP A 1 146 ? 5.091   7.564   -15.774 1.00 26.66 ? 335 TRP A C   1 
ATOM   946  O O   . TRP A 1 146 ? 3.917   7.457   -15.424 1.00 26.03 ? 335 TRP A O   1 
ATOM   947  C CB  . TRP A 1 146 ? 7.079   6.339   -14.733 1.00 25.71 ? 335 TRP A CB  1 
ATOM   948  C CG  . TRP A 1 146 ? 6.390   5.021   -14.531 1.00 25.84 ? 335 TRP A CG  1 
ATOM   949  C CD1 . TRP A 1 146 ? 6.029   4.132   -15.501 1.00 25.11 ? 335 TRP A CD1 1 
ATOM   950  C CD2 . TRP A 1 146 ? 6.055   4.405   -13.278 1.00 24.81 ? 335 TRP A CD2 1 
ATOM   951  N NE1 . TRP A 1 146 ? 5.498   2.999   -14.936 1.00 25.91 ? 335 TRP A NE1 1 
ATOM   952  C CE2 . TRP A 1 146 ? 5.499   3.139   -13.573 1.00 25.57 ? 335 TRP A CE2 1 
ATOM   953  C CE3 . TRP A 1 146 ? 6.170   4.799   -11.938 1.00 25.13 ? 335 TRP A CE3 1 
ATOM   954  C CZ2 . TRP A 1 146 ? 5.059   2.259   -12.574 1.00 25.02 ? 335 TRP A CZ2 1 
ATOM   955  C CZ3 . TRP A 1 146 ? 5.733   3.924   -10.941 1.00 25.21 ? 335 TRP A CZ3 1 
ATOM   956  C CH2 . TRP A 1 146 ? 5.183   2.669   -11.269 1.00 24.86 ? 335 TRP A CH2 1 
ATOM   957  N N   . PRO A 1 147 ? 5.439   7.673   -17.067 1.00 27.68 ? 336 PRO A N   1 
ATOM   958  C CA  . PRO A 1 147 ? 4.428   7.651   -18.130 1.00 28.67 ? 336 PRO A CA  1 
ATOM   959  C C   . PRO A 1 147 ? 3.219   6.749   -17.889 1.00 26.64 ? 336 PRO A C   1 
ATOM   960  O O   . PRO A 1 147 ? 3.342   5.528   -17.877 1.00 28.29 ? 336 PRO A O   1 
ATOM   961  C CB  . PRO A 1 147 ? 5.233   7.232   -19.350 1.00 29.88 ? 336 PRO A CB  1 
ATOM   962  C CG  . PRO A 1 147 ? 6.532   7.949   -19.115 1.00 30.41 ? 336 PRO A CG  1 
ATOM   963  C CD  . PRO A 1 147 ? 6.798   7.660   -17.642 1.00 28.53 ? 336 PRO A CD  1 
ATOM   964  N N   . GLY A 1 148 ? 2.062   7.376   -17.694 1.00 27.70 ? 337 GLY A N   1 
ATOM   965  C CA  . GLY A 1 148 ? 0.817   6.656   -17.481 1.00 28.09 ? 337 GLY A CA  1 
ATOM   966  C C   . GLY A 1 148 ? 0.642   5.934   -16.155 1.00 29.21 ? 337 GLY A C   1 
ATOM   967  O O   . GLY A 1 148 ? -0.286  5.136   -16.011 1.00 30.16 ? 337 GLY A O   1 
ATOM   968  N N   . HIS A 1 149 ? 1.505   6.217   -15.182 1.00 27.64 ? 338 HIS A N   1 
ATOM   969  C CA  . HIS A 1 149 ? 1.429   5.551   -13.880 1.00 26.40 ? 338 HIS A CA  1 
ATOM   970  C C   . HIS A 1 149 ? 1.744   6.457   -12.694 1.00 26.76 ? 338 HIS A C   1 
ATOM   971  O O   . HIS A 1 149 ? 2.474   7.439   -12.814 1.00 25.65 ? 338 HIS A O   1 
ATOM   972  C CB  . HIS A 1 149 ? 2.420   4.386   -13.806 1.00 26.95 ? 338 HIS A CB  1 
ATOM   973  C CG  . HIS A 1 149 ? 2.267   3.361   -14.884 1.00 26.71 ? 338 HIS A CG  1 
ATOM   974  N ND1 . HIS A 1 149 ? 1.928   2.052   -14.618 1.00 28.22 ? 338 HIS A ND1 1 
ATOM   975  C CD2 . HIS A 1 149 ? 2.504   3.425   -16.217 1.00 27.71 ? 338 HIS A CD2 1 
ATOM   976  C CE1 . HIS A 1 149 ? 1.969   1.352   -15.738 1.00 27.61 ? 338 HIS A CE1 1 
ATOM   977  N NE2 . HIS A 1 149 ? 2.317   2.161   -16.723 1.00 27.62 ? 338 HIS A NE2 1 
ATOM   978  N N   . THR A 1 150 ? 1.198   6.103   -11.537 1.00 25.99 ? 339 THR A N   1 
ATOM   979  C CA  . THR A 1 150 ? 1.462   6.827   -10.302 1.00 26.00 ? 339 THR A CA  1 
ATOM   980  C C   . THR A 1 150 ? 1.515   5.711   -9.275  1.00 24.37 ? 339 THR A C   1 
ATOM   981  O O   . THR A 1 150 ? 0.788   4.726   -9.393  1.00 24.44 ? 339 THR A O   1 
ATOM   982  C CB  . THR A 1 150 ? 0.346   7.834   -9.937  1.00 28.88 ? 339 THR A CB  1 
ATOM   983  O OG1 . THR A 1 150 ? -0.842  7.131   -9.558  1.00 33.50 ? 339 THR A OG1 1 
ATOM   984  C CG2 . THR A 1 150 ? 0.040   8.739   -11.124 1.00 31.37 ? 339 THR A CG2 1 
ATOM   985  N N   . GLU A 1 151 ? 2.384   5.847   -8.282  1.00 22.15 ? 340 GLU A N   1 
ATOM   986  C CA  . GLU A 1 151 ? 2.528   4.802   -7.280  1.00 21.62 ? 340 GLU A CA  1 
ATOM   987  C C   . GLU A 1 151 ? 2.852   5.327   -5.890  1.00 21.36 ? 340 GLU A C   1 
ATOM   988  O O   . GLU A 1 151 ? 3.693   6.203   -5.724  1.00 22.95 ? 340 GLU A O   1 
ATOM   989  C CB  . GLU A 1 151 ? 3.636   3.832   -7.717  1.00 21.60 ? 340 GLU A CB  1 
ATOM   990  C CG  . GLU A 1 151 ? 3.996   2.746   -6.715  1.00 25.93 ? 340 GLU A CG  1 
ATOM   991  C CD  . GLU A 1 151 ? 5.258   1.986   -7.105  1.00 26.44 ? 340 GLU A CD  1 
ATOM   992  O OE1 . GLU A 1 151 ? 6.280   2.633   -7.407  1.00 30.83 ? 340 GLU A OE1 1 
ATOM   993  O OE2 . GLU A 1 151 ? 5.239   0.739   -7.107  1.00 30.68 ? 340 GLU A OE2 1 
ATOM   994  N N   . PHE A 1 152 ? 2.164   4.787   -4.891  1.00 18.76 ? 341 PHE A N   1 
ATOM   995  C CA  . PHE A 1 152 ? 2.420   5.138   -3.504  1.00 18.85 ? 341 PHE A CA  1 
ATOM   996  C C   . PHE A 1 152 ? 3.073   3.883   -2.955  1.00 17.85 ? 341 PHE A C   1 
ATOM   997  O O   . PHE A 1 152 ? 2.574   2.774   -3.178  1.00 18.39 ? 341 PHE A O   1 
ATOM   998  C CB  . PHE A 1 152 ? 1.116   5.399   -2.739  1.00 18.72 ? 341 PHE A CB  1 
ATOM   999  C CG  . PHE A 1 152 ? 0.687   6.839   -2.719  1.00 21.24 ? 341 PHE A CG  1 
ATOM   1000 C CD1 . PHE A 1 152 ? 1.385   7.776   -1.962  1.00 23.87 ? 341 PHE A CD1 1 
ATOM   1001 C CD2 . PHE A 1 152 ? -0.432  7.258   -3.432  1.00 24.80 ? 341 PHE A CD2 1 
ATOM   1002 C CE1 . PHE A 1 152 ? 0.971   9.104   -1.908  1.00 25.92 ? 341 PHE A CE1 1 
ATOM   1003 C CE2 . PHE A 1 152 ? -0.851  8.586   -3.384  1.00 26.98 ? 341 PHE A CE2 1 
ATOM   1004 C CZ  . PHE A 1 152 ? -0.150  9.509   -2.620  1.00 25.99 ? 341 PHE A CZ  1 
ATOM   1005 N N   . SER A 1 153 ? 4.194   4.038   -2.260  1.00 14.56 ? 342 SER A N   1 
ATOM   1006 C CA  . SER A 1 153 ? 4.885   2.896   -1.676  1.00 17.40 ? 342 SER A CA  1 
ATOM   1007 C C   . SER A 1 153 ? 4.946   3.025   -0.162  1.00 17.67 ? 342 SER A C   1 
ATOM   1008 O O   . SER A 1 153 ? 5.520   3.979   0.364   1.00 19.00 ? 342 SER A O   1 
ATOM   1009 C CB  . SER A 1 153 ? 6.305   2.784   -2.239  1.00 17.62 ? 342 SER A CB  1 
ATOM   1010 O OG  . SER A 1 153 ? 6.261   2.519   -3.629  1.00 20.88 ? 342 SER A OG  1 
ATOM   1011 N N   . VAL A 1 154 ? 4.347   2.061   0.531   1.00 16.84 ? 343 VAL A N   1 
ATOM   1012 C CA  . VAL A 1 154 ? 4.316   2.036   1.987   1.00 17.36 ? 343 VAL A CA  1 
ATOM   1013 C C   . VAL A 1 154 ? 5.360   1.064   2.519   1.00 19.12 ? 343 VAL A C   1 
ATOM   1014 O O   . VAL A 1 154 ? 5.409   -0.089  2.094   1.00 18.27 ? 343 VAL A O   1 
ATOM   1015 C CB  . VAL A 1 154 ? 2.940   1.570   2.503   1.00 19.04 ? 343 VAL A CB  1 
ATOM   1016 C CG1 . VAL A 1 154 ? 2.960   1.483   4.020   1.00 21.75 ? 343 VAL A CG1 1 
ATOM   1017 C CG2 . VAL A 1 154 ? 1.858   2.524   2.028   1.00 18.34 ? 343 VAL A CG2 1 
ATOM   1018 N N   . TYR A 1 155 ? 6.193   1.525   3.448   1.00 19.33 ? 344 TYR A N   1 
ATOM   1019 C CA  . TYR A 1 155 ? 7.212   0.664   4.033   1.00 19.75 ? 344 TYR A CA  1 
ATOM   1020 C C   . TYR A 1 155 ? 6.982   0.436   5.523   1.00 20.21 ? 344 TYR A C   1 
ATOM   1021 O O   . TYR A 1 155 ? 6.751   1.378   6.282   1.00 21.03 ? 344 TYR A O   1 
ATOM   1022 C CB  . TYR A 1 155 ? 8.612   1.255   3.826   1.00 20.49 ? 344 TYR A CB  1 
ATOM   1023 C CG  . TYR A 1 155 ? 9.035   1.369   2.380   1.00 20.93 ? 344 TYR A CG  1 
ATOM   1024 C CD1 . TYR A 1 155 ? 8.715   2.495   1.619   1.00 21.64 ? 344 TYR A CD1 1 
ATOM   1025 C CD2 . TYR A 1 155 ? 9.761   0.347   1.768   1.00 21.05 ? 344 TYR A CD2 1 
ATOM   1026 C CE1 . TYR A 1 155 ? 9.112   2.600   0.290   1.00 25.61 ? 344 TYR A CE1 1 
ATOM   1027 C CE2 . TYR A 1 155 ? 10.161  0.443   0.445   1.00 23.70 ? 344 TYR A CE2 1 
ATOM   1028 C CZ  . TYR A 1 155 ? 9.838   1.566   -0.288  1.00 24.27 ? 344 TYR A CZ  1 
ATOM   1029 O OH  . TYR A 1 155 ? 10.260  1.663   -1.592  1.00 28.59 ? 344 TYR A OH  1 
ATOM   1030 N N   . LEU A 1 156 ? 7.045   -0.826  5.934   1.00 20.93 ? 345 LEU A N   1 
ATOM   1031 C CA  . LEU A 1 156 ? 6.869   -1.210  7.331   1.00 20.01 ? 345 LEU A CA  1 
ATOM   1032 C C   . LEU A 1 156 ? 8.091   -2.005  7.764   1.00 20.06 ? 345 LEU A C   1 
ATOM   1033 O O   . LEU A 1 156 ? 8.524   -2.910  7.055   1.00 20.60 ? 345 LEU A O   1 
ATOM   1034 C CB  . LEU A 1 156 ? 5.621   -2.081  7.502   1.00 20.99 ? 345 LEU A CB  1 
ATOM   1035 C CG  . LEU A 1 156 ? 4.274   -1.399  7.280   1.00 21.42 ? 345 LEU A CG  1 
ATOM   1036 C CD1 . LEU A 1 156 ? 3.177   -2.453  7.333   1.00 19.38 ? 345 LEU A CD1 1 
ATOM   1037 C CD2 . LEU A 1 156 ? 4.048   -0.331  8.363   1.00 21.26 ? 345 LEU A CD2 1 
ATOM   1038 N N   . PRO A 1 157 ? 8.672   -1.677  8.929   1.00 19.67 ? 346 PRO A N   1 
ATOM   1039 C CA  . PRO A 1 157 ? 9.847   -2.439  9.353   1.00 20.17 ? 346 PRO A CA  1 
ATOM   1040 C C   . PRO A 1 157 ? 9.507   -3.872  9.749   1.00 20.98 ? 346 PRO A C   1 
ATOM   1041 O O   . PRO A 1 157 ? 8.417   -4.150  10.253  1.00 19.72 ? 346 PRO A O   1 
ATOM   1042 C CB  . PRO A 1 157 ? 10.387  -1.619  10.527  1.00 19.52 ? 346 PRO A CB  1 
ATOM   1043 C CG  . PRO A 1 157 ? 9.135   -1.023  11.115  1.00 20.02 ? 346 PRO A CG  1 
ATOM   1044 C CD  . PRO A 1 157 ? 8.367   -0.593  9.884   1.00 20.05 ? 346 PRO A CD  1 
ATOM   1045 N N   . ILE A 1 158 ? 10.445  -4.779  9.499   1.00 21.43 ? 347 ILE A N   1 
ATOM   1046 C CA  . ILE A 1 158 ? 10.284  -6.181  9.865   1.00 21.07 ? 347 ILE A CA  1 
ATOM   1047 C C   . ILE A 1 158 ? 11.402  -6.532  10.843  1.00 20.85 ? 347 ILE A C   1 
ATOM   1048 O O   . ILE A 1 158 ? 11.150  -6.965  11.967  1.00 22.16 ? 347 ILE A O   1 
ATOM   1049 C CB  . ILE A 1 158 ? 10.408  -7.115  8.644   1.00 22.31 ? 347 ILE A CB  1 
ATOM   1050 C CG1 . ILE A 1 158 ? 9.241   -6.888  7.685   1.00 24.38 ? 347 ILE A CG1 1 
ATOM   1051 C CG2 . ILE A 1 158 ? 10.466  -8.566  9.108   1.00 23.02 ? 347 ILE A CG2 1 
ATOM   1052 C CD1 . ILE A 1 158 ? 9.312   -7.752  6.427   1.00 23.43 ? 347 ILE A CD1 1 
ATOM   1053 N N   . ARG A 1 159 ? 12.639  -6.319  10.404  1.00 20.90 ? 348 ARG A N   1 
ATOM   1054 C CA  . ARG A 1 159 ? 13.821  -6.618  11.210  1.00 23.18 ? 348 ARG A CA  1 
ATOM   1055 C C   . ARG A 1 159 ? 14.895  -5.546  11.026  1.00 22.70 ? 348 ARG A C   1 
ATOM   1056 O O   . ARG A 1 159 ? 15.385  -5.312  9.918   1.00 22.22 ? 348 ARG A O   1 
ATOM   1057 C CB  . ARG A 1 159 ? 14.384  -7.989  10.819  1.00 27.34 ? 348 ARG A CB  1 
ATOM   1058 C CG  . ARG A 1 159 ? 15.458  -8.517  11.746  1.00 33.33 ? 348 ARG A CG  1 
ATOM   1059 C CD  . ARG A 1 159 ? 15.981  -9.886  11.287  1.00 39.25 ? 348 ARG A CD  1 
ATOM   1060 N NE  . ARG A 1 159 ? 16.937  -10.442 12.257  1.00 44.47 ? 348 ARG A NE  1 
ATOM   1061 C CZ  . ARG A 1 159 ? 16.621  -10.767 13.512  1.00 46.03 ? 348 ARG A CZ  1 
ATOM   1062 N NH1 . ARG A 1 159 ? 15.383  -10.606 13.946  1.00 46.59 ? 348 ARG A NH1 1 
ATOM   1063 N NH2 . ARG A 1 159 ? 17.542  -11.237 14.343  1.00 46.50 ? 348 ARG A NH2 1 
ATOM   1064 N N   . LYS A 1 160 ? 15.258  -4.890  12.120  1.00 22.52 ? 349 LYS A N   1 
ATOM   1065 C CA  . LYS A 1 160 ? 16.265  -3.844  12.057  1.00 23.53 ? 349 LYS A CA  1 
ATOM   1066 C C   . LYS A 1 160 ? 17.664  -4.446  12.006  1.00 24.69 ? 349 LYS A C   1 
ATOM   1067 O O   . LYS A 1 160 ? 18.338  -4.261  10.972  1.00 25.49 ? 349 LYS A O   1 
ATOM   1068 C CB  . LYS A 1 160 ? 16.134  -2.923  13.267  1.00 22.61 ? 349 LYS A CB  1 
ATOM   1069 C CG  . LYS A 1 160 ? 16.994  -1.669  13.194  1.00 24.59 ? 349 LYS A CG  1 
ATOM   1070 C CD  . LYS A 1 160 ? 16.751  -0.838  14.438  1.00 26.87 ? 349 LYS A CD  1 
ATOM   1071 C CE  . LYS A 1 160 ? 17.424  0.510   14.383  1.00 30.30 ? 349 LYS A CE  1 
ATOM   1072 N NZ  . LYS A 1 160 ? 17.076  1.288   15.609  1.00 31.88 ? 349 LYS A NZ  1 
ATOM   1073 O OXT . LYS A 1 160 ? 18.069  -5.103  12.989  1.00 29.49 ? 349 LYS A OXT 1 
HETATM 1074 O O   . HOH B 2 .   ? -9.949  -10.841 -0.912  1.00 17.69 ? 400 HOH A O   1 
HETATM 1075 O O   . HOH B 2 .   ? -10.539 0.643   8.100   1.00 22.16 ? 401 HOH A O   1 
HETATM 1076 O O   . HOH B 2 .   ? 6.115   -1.328  13.165  1.00 22.98 ? 402 HOH A O   1 
HETATM 1077 O O   . HOH B 2 .   ? -7.835  -11.485 4.979   1.00 23.04 ? 403 HOH A O   1 
HETATM 1078 O O   . HOH B 2 .   ? 3.804   -10.569 5.731   1.00 24.16 ? 404 HOH A O   1 
HETATM 1079 O O   . HOH B 2 .   ? 0.252   -12.616 16.522  1.00 24.77 ? 405 HOH A O   1 
HETATM 1080 O O   . HOH B 2 .   ? 15.357  8.491   6.828   1.00 24.83 ? 406 HOH A O   1 
HETATM 1081 O O   . HOH B 2 .   ? 6.234   -3.096  11.169  1.00 25.99 ? 407 HOH A O   1 
HETATM 1082 O O   . HOH B 2 .   ? -2.395  -8.602  8.477   1.00 25.16 ? 408 HOH A O   1 
HETATM 1083 O O   . HOH B 2 .   ? -1.427  5.122   -6.354  1.00 27.80 ? 409 HOH A O   1 
HETATM 1084 O O   . HOH B 2 .   ? 20.454  0.004   11.830  1.00 27.23 ? 410 HOH A O   1 
HETATM 1085 O O   . HOH B 2 .   ? 3.446   -12.137 -7.515  1.00 27.20 ? 411 HOH A O   1 
HETATM 1086 O O   . HOH B 2 .   ? 4.473   7.967   7.291   1.00 28.16 ? 412 HOH A O   1 
HETATM 1087 O O   . HOH B 2 .   ? -7.725  6.841   -15.876 1.00 28.71 ? 413 HOH A O   1 
HETATM 1088 O O   . HOH B 2 .   ? 6.263   4.862   -4.885  1.00 29.61 ? 414 HOH A O   1 
HETATM 1089 O O   . HOH B 2 .   ? -7.964  -7.239  13.078  1.00 31.92 ? 415 HOH A O   1 
HETATM 1090 O O   . HOH B 2 .   ? 6.088   -3.867  -3.352  1.00 29.25 ? 416 HOH A O   1 
HETATM 1091 O O   . HOH B 2 .   ? 15.341  -4.594  -1.704  1.00 31.28 ? 417 HOH A O   1 
HETATM 1092 O O   . HOH B 2 .   ? -3.160  6.382   -4.508  1.00 31.84 ? 418 HOH A O   1 
HETATM 1093 O O   . HOH B 2 .   ? 1.618   -14.606 3.330   1.00 30.80 ? 419 HOH A O   1 
HETATM 1094 O O   . HOH B 2 .   ? 2.703   -10.308 18.828  1.00 31.32 ? 420 HOH A O   1 
HETATM 1095 O O   . HOH B 2 .   ? -10.819 -6.227  -9.938  1.00 31.01 ? 421 HOH A O   1 
HETATM 1096 O O   . HOH B 2 .   ? 3.458   -4.370  20.001  1.00 30.56 ? 422 HOH A O   1 
HETATM 1097 O O   . HOH B 2 .   ? 9.858   3.847   -2.672  1.00 31.68 ? 423 HOH A O   1 
HETATM 1098 O O   . HOH B 2 .   ? 8.459   -6.992  12.757  1.00 33.59 ? 424 HOH A O   1 
HETATM 1099 O O   . HOH B 2 .   ? 2.369   9.681   -14.546 1.00 32.22 ? 425 HOH A O   1 
HETATM 1100 O O   . HOH B 2 .   ? -4.247  8.819   11.684  1.00 33.85 ? 426 HOH A O   1 
HETATM 1101 O O   . HOH B 2 .   ? 2.774   11.568  11.863  1.00 31.60 ? 427 HOH A O   1 
HETATM 1102 O O   . HOH B 2 .   ? 16.064  2.906   1.610   1.00 34.37 ? 428 HOH A O   1 
HETATM 1103 O O   . HOH B 2 .   ? 7.062   9.020   5.074   1.00 33.52 ? 429 HOH A O   1 
HETATM 1104 O O   . HOH B 2 .   ? -0.429  -14.616 9.699   1.00 31.73 ? 430 HOH A O   1 
HETATM 1105 O O   . HOH B 2 .   ? -12.347 -5.639  7.263   1.00 33.81 ? 431 HOH A O   1 
HETATM 1106 O O   . HOH B 2 .   ? -5.231  -10.202 -9.126  1.00 33.85 ? 432 HOH A O   1 
HETATM 1107 O O   . HOH B 2 .   ? -2.416  -5.271  16.785  1.00 32.47 ? 433 HOH A O   1 
HETATM 1108 O O   . HOH B 2 .   ? 12.266  7.390   6.715   1.00 37.43 ? 434 HOH A O   1 
HETATM 1109 O O   . HOH B 2 .   ? -12.850 -6.984  4.646   1.00 34.45 ? 435 HOH A O   1 
HETATM 1110 O O   . HOH B 2 .   ? 6.612   1.917   15.560  1.00 35.38 ? 436 HOH A O   1 
HETATM 1111 O O   . HOH B 2 .   ? 6.945   10.985  -14.015 1.00 34.62 ? 437 HOH A O   1 
HETATM 1112 O O   . HOH B 2 .   ? -15.587 4.401   -0.112  1.00 34.20 ? 438 HOH A O   1 
HETATM 1113 O O   . HOH B 2 .   ? 26.704  -3.248  4.284   1.00 35.56 ? 439 HOH A O   1 
HETATM 1114 O O   . HOH B 2 .   ? -19.126 1.274   -12.320 1.00 34.96 ? 440 HOH A O   1 
HETATM 1115 O O   . HOH B 2 .   ? -12.104 5.501   -10.702 1.00 34.90 ? 441 HOH A O   1 
HETATM 1116 O O   . HOH B 2 .   ? 21.073  -3.087  7.571   1.00 35.00 ? 442 HOH A O   1 
HETATM 1117 O O   . HOH B 2 .   ? -0.869  -14.768 4.153   1.00 36.44 ? 443 HOH A O   1 
HETATM 1118 O O   . HOH B 2 .   ? 17.554  9.535   6.226   1.00 35.44 ? 444 HOH A O   1 
HETATM 1119 O O   . HOH B 2 .   ? -2.087  -16.564 13.045  1.00 35.41 ? 445 HOH A O   1 
HETATM 1120 O O   . HOH B 2 .   ? -4.438  -9.446  10.019  1.00 36.09 ? 446 HOH A O   1 
HETATM 1121 O O   . HOH B 2 .   ? 7.984   -2.631  -6.174  1.00 38.74 ? 447 HOH A O   1 
HETATM 1122 O O   . HOH B 2 .   ? -8.044  8.714   0.600   1.00 36.10 ? 448 HOH A O   1 
HETATM 1123 O O   . HOH B 2 .   ? 9.050   5.373   -4.562  1.00 39.89 ? 449 HOH A O   1 
HETATM 1124 O O   . HOH B 2 .   ? 15.491  -1.575  0.248   1.00 33.98 ? 450 HOH A O   1 
HETATM 1125 O O   . HOH B 2 .   ? 1.371   11.681  -12.518 1.00 37.60 ? 451 HOH A O   1 
HETATM 1126 O O   . HOH B 2 .   ? 14.615  3.865   12.827  1.00 39.97 ? 452 HOH A O   1 
HETATM 1127 O O   . HOH B 2 .   ? -14.410 -4.217  -11.523 1.00 36.97 ? 453 HOH A O   1 
HETATM 1128 O O   . HOH B 2 .   ? -1.180  0.397   17.528  1.00 39.08 ? 454 HOH A O   1 
HETATM 1129 O O   . HOH B 2 .   ? 9.464   9.199   3.270   1.00 37.91 ? 455 HOH A O   1 
HETATM 1130 O O   . HOH B 2 .   ? -6.186  -0.298  16.339  1.00 39.68 ? 456 HOH A O   1 
HETATM 1131 O O   . HOH B 2 .   ? 20.391  -3.158  9.989   1.00 36.32 ? 457 HOH A O   1 
HETATM 1132 O O   . HOH B 2 .   ? -10.185 12.025  2.644   1.00 39.01 ? 458 HOH A O   1 
HETATM 1133 O O   . HOH B 2 .   ? -4.927  -12.856 -8.041  1.00 40.20 ? 459 HOH A O   1 
HETATM 1134 O O   . HOH B 2 .   ? -11.410 7.159   3.423   1.00 37.95 ? 460 HOH A O   1 
HETATM 1135 O O   . HOH B 2 .   ? 0.909   9.657   -16.898 1.00 42.27 ? 461 HOH A O   1 
HETATM 1136 O O   . HOH B 2 .   ? -9.124  16.818  6.841   1.00 38.81 ? 462 HOH A O   1 
HETATM 1137 O O   . HOH B 2 .   ? 12.399  -8.414  -2.950  1.00 39.93 ? 463 HOH A O   1 
HETATM 1138 O O   . HOH B 2 .   ? 13.158  3.742   -0.105  1.00 37.98 ? 464 HOH A O   1 
HETATM 1139 O O   . HOH B 2 .   ? -0.046  12.992  8.769   1.00 38.82 ? 465 HOH A O   1 
HETATM 1140 O O   . HOH B 2 .   ? -7.126  11.742  0.778   1.00 41.95 ? 466 HOH A O   1 
HETATM 1141 O O   . HOH B 2 .   ? 8.650   -5.648  15.776  1.00 42.33 ? 467 HOH A O   1 
HETATM 1142 O O   . HOH B 2 .   ? 7.647   10.768  -1.678  1.00 39.72 ? 468 HOH A O   1 
HETATM 1143 O O   . HOH B 2 .   ? -6.992  -9.814  9.524   1.00 37.42 ? 469 HOH A O   1 
HETATM 1144 O O   . HOH B 2 .   ? 18.699  -0.173  17.634  1.00 43.33 ? 470 HOH A O   1 
HETATM 1145 O O   . HOH B 2 .   ? 3.937   -1.956  21.010  1.00 38.75 ? 471 HOH A O   1 
HETATM 1146 O O   . HOH B 2 .   ? -2.868  14.668  2.504   1.00 39.92 ? 472 HOH A O   1 
HETATM 1147 O O   . HOH B 2 .   ? 2.945   14.284  -13.363 1.00 37.56 ? 473 HOH A O   1 
HETATM 1148 O O   . HOH B 2 .   ? 19.430  7.734   13.964  1.00 39.72 ? 474 HOH A O   1 
HETATM 1149 O O   . HOH B 2 .   ? 5.062   3.953   -19.129 1.00 39.43 ? 475 HOH A O   1 
HETATM 1150 O O   . HOH B 2 .   ? -1.948  7.970   -18.812 1.00 43.68 ? 476 HOH A O   1 
HETATM 1151 O O   . HOH B 2 .   ? -13.957 2.879   -19.868 1.00 43.31 ? 477 HOH A O   1 
HETATM 1152 O O   . HOH B 2 .   ? -11.011 -2.366  10.605  1.00 43.55 ? 478 HOH A O   1 
HETATM 1153 O O   . HOH B 2 .   ? -9.603  -0.103  10.499  1.00 42.91 ? 479 HOH A O   1 
HETATM 1154 O O   . HOH B 2 .   ? 2.871   0.883   -19.614 1.00 41.17 ? 480 HOH A O   1 
HETATM 1155 O O   . HOH B 2 .   ? 13.300  -12.565 -0.321  1.00 43.89 ? 481 HOH A O   1 
HETATM 1156 O O   . HOH B 2 .   ? 7.460   -3.561  -10.745 1.00 44.15 ? 482 HOH A O   1 
HETATM 1157 O O   . HOH B 2 .   ? -14.280 5.879   -9.267  1.00 43.78 ? 483 HOH A O   1 
HETATM 1158 O O   . HOH B 2 .   ? 6.474   -0.909  -10.930 1.00 46.82 ? 484 HOH A O   1 
HETATM 1159 O O   . HOH B 2 .   ? 13.217  1.547   -1.664  1.00 48.54 ? 485 HOH A O   1 
HETATM 1160 O O   . HOH B 2 .   ? -15.188 0.298   0.439   1.00 42.44 ? 486 HOH A O   1 
HETATM 1161 O O   . HOH B 2 .   ? -0.926  14.722  -0.518  1.00 43.62 ? 487 HOH A O   1 
HETATM 1162 O O   . HOH B 2 .   ? 16.323  4.479   17.622  1.00 49.38 ? 488 HOH A O   1 
HETATM 1163 O O   . HOH B 2 .   ? 3.303   -5.503  -11.282 1.00 45.84 ? 489 HOH A O   1 
HETATM 1164 O O   . HOH B 2 .   ? 20.860  -11.915 10.051  1.00 51.49 ? 490 HOH A O   1 
HETATM 1165 O O   . HOH B 2 .   ? -14.241 4.836   -13.627 1.00 46.77 ? 491 HOH A O   1 
HETATM 1166 O O   . HOH B 2 .   ? 15.039  10.593  10.759  1.00 49.76 ? 492 HOH A O   1 
HETATM 1167 O O   . HOH B 2 .   ? -5.492  13.949  -1.533  1.00 49.44 ? 493 HOH A O   1 
HETATM 1168 O O   . HOH B 2 .   ? 15.412  8.673   14.160  1.00 48.85 ? 494 HOH A O   1 
HETATM 1169 O O   . HOH B 2 .   ? 3.925   -9.112  21.051  1.00 43.34 ? 495 HOH A O   1 
HETATM 1170 O O   . HOH B 2 .   ? -7.890  -7.028  -15.101 1.00 49.91 ? 496 HOH A O   1 
HETATM 1171 O O   . HOH B 2 .   ? -2.660  -3.207  19.031  1.00 50.36 ? 497 HOH A O   1 
HETATM 1172 O O   . HOH B 2 .   ? -2.266  10.929  -5.826  1.00 49.20 ? 498 HOH A O   1 
HETATM 1173 O O   . HOH B 2 .   ? -0.003  -15.989 14.295  1.00 67.46 ? 499 HOH A O   1 
HETATM 1174 O O   . HOH B 2 .   ? -8.586  2.064   11.998  1.00 43.05 ? 500 HOH A O   1 
HETATM 1175 O O   . HOH B 2 .   ? 3.833   16.679  -13.726 1.00 38.00 ? 501 HOH A O   1 
HETATM 1176 O O   . HOH B 2 .   ? 8.293   11.429  -16.185 1.00 49.48 ? 502 HOH A O   1 
HETATM 1177 O O   . HOH B 2 .   ? -4.704  -16.679 13.714  1.00 50.19 ? 503 HOH A O   1 
HETATM 1178 O O   . HOH B 2 .   ? -6.562  11.516  -6.393  1.00 46.88 ? 504 HOH A O   1 
HETATM 1179 O O   . HOH B 2 .   ? 28.684  -3.256  6.580   1.00 54.25 ? 505 HOH A O   1 
HETATM 1180 O O   . HOH B 2 .   ? -8.139  -11.748 7.967   1.00 42.52 ? 506 HOH A O   1 
HETATM 1181 O O   . HOH B 2 .   ? 23.459  -9.668  10.131  1.00 47.14 ? 507 HOH A O   1 
HETATM 1182 O O   . HOH B 2 .   ? 1.496   -16.351 7.408   1.00 44.83 ? 508 HOH A O   1 
# 
